data_3K7B
# 
_entry.id   3K7B 
# 
_audit_conform.dict_name       mmcif_pdbx.dic 
_audit_conform.dict_version    5.399 
_audit_conform.dict_location   http://mmcif.pdb.org/dictionaries/ascii/mmcif_pdbx.dic 
# 
loop_
_database_2.database_id 
_database_2.database_code 
_database_2.pdbx_database_accession 
_database_2.pdbx_DOI 
PDB   3K7B         pdb_00003k7b 10.2210/pdb3k7b/pdb 
RCSB  RCSB055636   ?            ?                   
WWPDB D_1000055636 ?            ?                   
# 
loop_
_pdbx_audit_revision_history.ordinal 
_pdbx_audit_revision_history.data_content_type 
_pdbx_audit_revision_history.major_revision 
_pdbx_audit_revision_history.minor_revision 
_pdbx_audit_revision_history.revision_date 
1 'Structure model' 1 0 2010-01-19 
2 'Structure model' 1 1 2011-07-13 
3 'Structure model' 1 2 2011-11-30 
4 'Structure model' 1 3 2017-11-01 
5 'Structure model' 1 4 2021-10-13 
6 'Structure model' 1 5 2024-11-20 
# 
_pdbx_audit_revision_details.ordinal             1 
_pdbx_audit_revision_details.revision_ordinal    1 
_pdbx_audit_revision_details.data_content_type   'Structure model' 
_pdbx_audit_revision_details.provider            repository 
_pdbx_audit_revision_details.type                'Initial release' 
_pdbx_audit_revision_details.description         ? 
_pdbx_audit_revision_details.details             ? 
# 
loop_
_pdbx_audit_revision_group.ordinal 
_pdbx_audit_revision_group.revision_ordinal 
_pdbx_audit_revision_group.data_content_type 
_pdbx_audit_revision_group.group 
1 2 'Structure model' 'Version format compliance' 
2 3 'Structure model' 'Structure summary'         
3 4 'Structure model' 'Refinement description'    
4 5 'Structure model' 'Database references'       
5 5 'Structure model' 'Derived calculations'      
6 6 'Structure model' 'Data collection'           
7 6 'Structure model' 'Structure summary'         
# 
loop_
_pdbx_audit_revision_category.ordinal 
_pdbx_audit_revision_category.revision_ordinal 
_pdbx_audit_revision_category.data_content_type 
_pdbx_audit_revision_category.category 
1 4 'Structure model' software                  
2 5 'Structure model' database_2                
3 5 'Structure model' struct_conn               
4 5 'Structure model' struct_ref_seq_dif        
5 6 'Structure model' chem_comp_atom            
6 6 'Structure model' chem_comp_bond            
7 6 'Structure model' pdbx_entry_details        
8 6 'Structure model' pdbx_modification_feature 
# 
loop_
_pdbx_audit_revision_item.ordinal 
_pdbx_audit_revision_item.revision_ordinal 
_pdbx_audit_revision_item.data_content_type 
_pdbx_audit_revision_item.item 
1 4 'Structure model' '_software.name'                      
2 5 'Structure model' '_database_2.pdbx_DOI'                
3 5 'Structure model' '_database_2.pdbx_database_accession' 
4 5 'Structure model' '_struct_conn.pdbx_leaving_atom_flag' 
5 5 'Structure model' '_struct_ref_seq_dif.details'         
# 
_pdbx_database_status.status_code                     REL 
_pdbx_database_status.entry_id                        3K7B 
_pdbx_database_status.deposit_site                    RCSB 
_pdbx_database_status.process_site                    RCSB 
_pdbx_database_status.SG_entry                        ? 
_pdbx_database_status.recvd_initial_deposition_date   2009-10-12 
_pdbx_database_status.status_code_sf                  REL 
_pdbx_database_status.status_code_mr                  ? 
_pdbx_database_status.status_code_cs                  ? 
_pdbx_database_status.pdb_format_compatible           Y 
_pdbx_database_status.methods_development_category    ? 
_pdbx_database_status.status_code_nmr_data            ? 
# 
loop_
_audit_author.name 
_audit_author.pdbx_ordinal 
'Su, H.P.'       1 
'Garboczi, D.N.' 2 
# 
_citation.id                        primary 
_citation.title                     
'The structure of the poxvirus A33 protein reveals a dimer of unique C-type lectin-like domains.' 
_citation.journal_abbrev            J.Virol. 
_citation.journal_volume            84 
_citation.page_first                2502 
_citation.page_last                 2510 
_citation.year                      2010 
_citation.journal_id_ASTM           JOVIAM 
_citation.country                   US 
_citation.journal_id_ISSN           0022-538X 
_citation.journal_id_CSD            0825 
_citation.book_publisher            ? 
_citation.pdbx_database_id_PubMed   20032175 
_citation.pdbx_database_id_DOI      10.1128/JVI.02247-09 
# 
loop_
_citation_author.citation_id 
_citation_author.name 
_citation_author.ordinal 
_citation_author.identifier_ORCID 
primary 'Su, H.P.'       1 ? 
primary 'Singh, K.'      2 ? 
primary 'Gittis, A.G.'   3 ? 
primary 'Garboczi, D.N.' 4 ? 
# 
loop_
_entity.id 
_entity.type 
_entity.src_method 
_entity.pdbx_description 
_entity.formula_weight 
_entity.pdbx_number_of_molecules 
_entity.pdbx_ec 
_entity.pdbx_mutation 
_entity.pdbx_fragment 
_entity.details 
1 polymer man 'Protein A33' 11058.529 2  ? 'L118M, L140M, K123A' 'UNP residues 90-185' ? 
2 water   nat water         18.015    42 ? ?                     ?                     ? 
# 
_entity_poly.entity_id                      1 
_entity_poly.type                           'polypeptide(L)' 
_entity_poly.nstd_linkage                   no 
_entity_poly.nstd_monomer                   yes 
_entity_poly.pdbx_seq_one_letter_code       
;STTQYDHKESCNGLYYQGSCYILHSDYQ(MSE)FSDAAANCTAESSTLPNKSDV(MSE)ITWLIDYVEDTWGSDGNPITK
TTSDYQDSDVSQEVRKYFCVKT(MSE)N
;
_entity_poly.pdbx_seq_one_letter_code_can   
;STTQYDHKESCNGLYYQGSCYILHSDYQMFSDAAANCTAESSTLPNKSDVMITWLIDYVEDTWGSDGNPITKTTSDYQDS
DVSQEVRKYFCVKTMN
;
_entity_poly.pdbx_strand_id                 A,B 
_entity_poly.pdbx_target_identifier         ? 
# 
_pdbx_entity_nonpoly.entity_id   2 
_pdbx_entity_nonpoly.name        water 
_pdbx_entity_nonpoly.comp_id     HOH 
# 
loop_
_entity_poly_seq.entity_id 
_entity_poly_seq.num 
_entity_poly_seq.mon_id 
_entity_poly_seq.hetero 
1 1  SER n 
1 2  THR n 
1 3  THR n 
1 4  GLN n 
1 5  TYR n 
1 6  ASP n 
1 7  HIS n 
1 8  LYS n 
1 9  GLU n 
1 10 SER n 
1 11 CYS n 
1 12 ASN n 
1 13 GLY n 
1 14 LEU n 
1 15 TYR n 
1 16 TYR n 
1 17 GLN n 
1 18 GLY n 
1 19 SER n 
1 20 CYS n 
1 21 TYR n 
1 22 ILE n 
1 23 LEU n 
1 24 HIS n 
1 25 SER n 
1 26 ASP n 
1 27 TYR n 
1 28 GLN n 
1 29 MSE n 
1 30 PHE n 
1 31 SER n 
1 32 ASP n 
1 33 ALA n 
1 34 ALA n 
1 35 ALA n 
1 36 ASN n 
1 37 CYS n 
1 38 THR n 
1 39 ALA n 
1 40 GLU n 
1 41 SER n 
1 42 SER n 
1 43 THR n 
1 44 LEU n 
1 45 PRO n 
1 46 ASN n 
1 47 LYS n 
1 48 SER n 
1 49 ASP n 
1 50 VAL n 
1 51 MSE n 
1 52 ILE n 
1 53 THR n 
1 54 TRP n 
1 55 LEU n 
1 56 ILE n 
1 57 ASP n 
1 58 TYR n 
1 59 VAL n 
1 60 GLU n 
1 61 ASP n 
1 62 THR n 
1 63 TRP n 
1 64 GLY n 
1 65 SER n 
1 66 ASP n 
1 67 GLY n 
1 68 ASN n 
1 69 PRO n 
1 70 ILE n 
1 71 THR n 
1 72 LYS n 
1 73 THR n 
1 74 THR n 
1 75 SER n 
1 76 ASP n 
1 77 TYR n 
1 78 GLN n 
1 79 ASP n 
1 80 SER n 
1 81 ASP n 
1 82 VAL n 
1 83 SER n 
1 84 GLN n 
1 85 GLU n 
1 86 VAL n 
1 87 ARG n 
1 88 LYS n 
1 89 TYR n 
1 90 PHE n 
1 91 CYS n 
1 92 VAL n 
1 93 LYS n 
1 94 THR n 
1 95 MSE n 
1 96 ASN n 
# 
_entity_src_gen.entity_id                          1 
_entity_src_gen.pdbx_src_id                        1 
_entity_src_gen.pdbx_alt_source_flag               sample 
_entity_src_gen.pdbx_seq_type                      ? 
_entity_src_gen.pdbx_beg_seq_num                   ? 
_entity_src_gen.pdbx_end_seq_num                   ? 
_entity_src_gen.gene_src_common_name               VACV 
_entity_src_gen.gene_src_genus                     ? 
_entity_src_gen.pdbx_gene_src_gene                 'A33R, SALL3R' 
_entity_src_gen.gene_src_species                   ? 
_entity_src_gen.gene_src_strain                    'Western Reserve (WR)' 
_entity_src_gen.gene_src_tissue                    ? 
_entity_src_gen.gene_src_tissue_fraction           ? 
_entity_src_gen.gene_src_details                   'refolded in vitro' 
_entity_src_gen.pdbx_gene_src_fragment             ? 
_entity_src_gen.pdbx_gene_src_scientific_name      'Vaccinia virus WR' 
_entity_src_gen.pdbx_gene_src_ncbi_taxonomy_id     10254 
_entity_src_gen.pdbx_gene_src_variant              ? 
_entity_src_gen.pdbx_gene_src_cell_line            ? 
_entity_src_gen.pdbx_gene_src_atcc                 ? 
_entity_src_gen.pdbx_gene_src_organ                ? 
_entity_src_gen.pdbx_gene_src_organelle            ? 
_entity_src_gen.pdbx_gene_src_cell                 ? 
_entity_src_gen.pdbx_gene_src_cellular_location    ? 
_entity_src_gen.host_org_common_name               ? 
_entity_src_gen.pdbx_host_org_scientific_name      'Escherichia coli' 
_entity_src_gen.pdbx_host_org_ncbi_taxonomy_id     562 
_entity_src_gen.host_org_genus                     ? 
_entity_src_gen.pdbx_host_org_gene                 ? 
_entity_src_gen.pdbx_host_org_organ                ? 
_entity_src_gen.host_org_species                   ? 
_entity_src_gen.pdbx_host_org_tissue               ? 
_entity_src_gen.pdbx_host_org_tissue_fraction      ? 
_entity_src_gen.pdbx_host_org_strain               'BL21 (DE3)-RIL-X' 
_entity_src_gen.pdbx_host_org_variant              ? 
_entity_src_gen.pdbx_host_org_cell_line            ? 
_entity_src_gen.pdbx_host_org_atcc                 ? 
_entity_src_gen.pdbx_host_org_culture_collection   ? 
_entity_src_gen.pdbx_host_org_cell                 ? 
_entity_src_gen.pdbx_host_org_organelle            ? 
_entity_src_gen.pdbx_host_org_cellular_location    ? 
_entity_src_gen.pdbx_host_org_vector_type          PLASMID 
_entity_src_gen.pdbx_host_org_vector               ? 
_entity_src_gen.host_org_details                   ? 
_entity_src_gen.expression_system_id               ? 
_entity_src_gen.plasmid_name                       pNAN 
_entity_src_gen.plasmid_details                    ? 
_entity_src_gen.pdbx_description                   ? 
# 
loop_
_chem_comp.id 
_chem_comp.type 
_chem_comp.mon_nstd_flag 
_chem_comp.name 
_chem_comp.pdbx_synonyms 
_chem_comp.formula 
_chem_comp.formula_weight 
ALA 'L-peptide linking' y ALANINE          ? 'C3 H7 N O2'     89.093  
ARG 'L-peptide linking' y ARGININE         ? 'C6 H15 N4 O2 1' 175.209 
ASN 'L-peptide linking' y ASPARAGINE       ? 'C4 H8 N2 O3'    132.118 
ASP 'L-peptide linking' y 'ASPARTIC ACID'  ? 'C4 H7 N O4'     133.103 
CYS 'L-peptide linking' y CYSTEINE         ? 'C3 H7 N O2 S'   121.158 
GLN 'L-peptide linking' y GLUTAMINE        ? 'C5 H10 N2 O3'   146.144 
GLU 'L-peptide linking' y 'GLUTAMIC ACID'  ? 'C5 H9 N O4'     147.129 
GLY 'peptide linking'   y GLYCINE          ? 'C2 H5 N O2'     75.067  
HIS 'L-peptide linking' y HISTIDINE        ? 'C6 H10 N3 O2 1' 156.162 
HOH non-polymer         . WATER            ? 'H2 O'           18.015  
ILE 'L-peptide linking' y ISOLEUCINE       ? 'C6 H13 N O2'    131.173 
LEU 'L-peptide linking' y LEUCINE          ? 'C6 H13 N O2'    131.173 
LYS 'L-peptide linking' y LYSINE           ? 'C6 H15 N2 O2 1' 147.195 
MSE 'L-peptide linking' n SELENOMETHIONINE ? 'C5 H11 N O2 Se' 196.106 
PHE 'L-peptide linking' y PHENYLALANINE    ? 'C9 H11 N O2'    165.189 
PRO 'L-peptide linking' y PROLINE          ? 'C5 H9 N O2'     115.130 
SER 'L-peptide linking' y SERINE           ? 'C3 H7 N O3'     105.093 
THR 'L-peptide linking' y THREONINE        ? 'C4 H9 N O3'     119.119 
TRP 'L-peptide linking' y TRYPTOPHAN       ? 'C11 H12 N2 O2'  204.225 
TYR 'L-peptide linking' y TYROSINE         ? 'C9 H11 N O3'    181.189 
VAL 'L-peptide linking' y VALINE           ? 'C5 H11 N O2'    117.146 
# 
loop_
_pdbx_poly_seq_scheme.asym_id 
_pdbx_poly_seq_scheme.entity_id 
_pdbx_poly_seq_scheme.seq_id 
_pdbx_poly_seq_scheme.mon_id 
_pdbx_poly_seq_scheme.ndb_seq_num 
_pdbx_poly_seq_scheme.pdb_seq_num 
_pdbx_poly_seq_scheme.auth_seq_num 
_pdbx_poly_seq_scheme.pdb_mon_id 
_pdbx_poly_seq_scheme.auth_mon_id 
_pdbx_poly_seq_scheme.pdb_strand_id 
_pdbx_poly_seq_scheme.pdb_ins_code 
_pdbx_poly_seq_scheme.hetero 
A 1 1  SER 1  90  ?   ?   ?   A . n 
A 1 2  THR 2  91  ?   ?   ?   A . n 
A 1 3  THR 3  92  ?   ?   ?   A . n 
A 1 4  GLN 4  93  ?   ?   ?   A . n 
A 1 5  TYR 5  94  ?   ?   ?   A . n 
A 1 6  ASP 6  95  ?   ?   ?   A . n 
A 1 7  HIS 7  96  ?   ?   ?   A . n 
A 1 8  LYS 8  97  ?   ?   ?   A . n 
A 1 9  GLU 9  98  98  GLU GLU A . n 
A 1 10 SER 10 99  99  SER SER A . n 
A 1 11 CYS 11 100 100 CYS CYS A . n 
A 1 12 ASN 12 101 101 ASN ASN A . n 
A 1 13 GLY 13 102 102 GLY GLY A . n 
A 1 14 LEU 14 103 103 LEU LEU A . n 
A 1 15 TYR 15 104 104 TYR TYR A . n 
A 1 16 TYR 16 105 105 TYR TYR A . n 
A 1 17 GLN 17 106 106 GLN GLN A . n 
A 1 18 GLY 18 107 107 GLY GLY A . n 
A 1 19 SER 19 108 108 SER SER A . n 
A 1 20 CYS 20 109 109 CYS CYS A . n 
A 1 21 TYR 21 110 110 TYR TYR A . n 
A 1 22 ILE 22 111 111 ILE ILE A . n 
A 1 23 LEU 23 112 112 LEU LEU A . n 
A 1 24 HIS 24 113 113 HIS HIS A . n 
A 1 25 SER 25 114 114 SER SER A . n 
A 1 26 ASP 26 115 115 ASP ASP A . n 
A 1 27 TYR 27 116 116 TYR TYR A . n 
A 1 28 GLN 28 117 117 GLN GLN A . n 
A 1 29 MSE 29 118 118 MSE MSE A . n 
A 1 30 PHE 30 119 119 PHE PHE A . n 
A 1 31 SER 31 120 120 SER SER A . n 
A 1 32 ASP 32 121 121 ASP ASP A . n 
A 1 33 ALA 33 122 122 ALA ALA A . n 
A 1 34 ALA 34 123 123 ALA ALA A . n 
A 1 35 ALA 35 124 124 ALA ALA A . n 
A 1 36 ASN 36 125 125 ASN ASN A . n 
A 1 37 CYS 37 126 126 CYS CYS A . n 
A 1 38 THR 38 127 127 THR THR A . n 
A 1 39 ALA 39 128 128 ALA ALA A . n 
A 1 40 GLU 40 129 129 GLU GLU A . n 
A 1 41 SER 41 130 130 SER SER A . n 
A 1 42 SER 42 131 131 SER SER A . n 
A 1 43 THR 43 132 132 THR THR A . n 
A 1 44 LEU 44 133 133 LEU LEU A . n 
A 1 45 PRO 45 134 134 PRO PRO A . n 
A 1 46 ASN 46 135 135 ASN ASN A . n 
A 1 47 LYS 47 136 136 LYS LYS A . n 
A 1 48 SER 48 137 137 SER SER A . n 
A 1 49 ASP 49 138 138 ASP ASP A . n 
A 1 50 VAL 50 139 139 VAL VAL A . n 
A 1 51 MSE 51 140 140 MSE MSE A . n 
A 1 52 ILE 52 141 141 ILE ILE A . n 
A 1 53 THR 53 142 142 THR THR A . n 
A 1 54 TRP 54 143 143 TRP TRP A . n 
A 1 55 LEU 55 144 144 LEU LEU A . n 
A 1 56 ILE 56 145 145 ILE ILE A . n 
A 1 57 ASP 57 146 146 ASP ASP A . n 
A 1 58 TYR 58 147 147 TYR TYR A . n 
A 1 59 VAL 59 148 148 VAL VAL A . n 
A 1 60 GLU 60 149 149 GLU GLU A . n 
A 1 61 ASP 61 150 150 ASP ASP A . n 
A 1 62 THR 62 151 151 THR THR A . n 
A 1 63 TRP 63 152 152 TRP TRP A . n 
A 1 64 GLY 64 153 153 GLY GLY A . n 
A 1 65 SER 65 154 154 SER SER A . n 
A 1 66 ASP 66 155 155 ASP ASP A . n 
A 1 67 GLY 67 156 156 GLY GLY A . n 
A 1 68 ASN 68 157 157 ASN ASN A . n 
A 1 69 PRO 69 158 158 PRO PRO A . n 
A 1 70 ILE 70 159 159 ILE ILE A . n 
A 1 71 THR 71 160 160 THR THR A . n 
A 1 72 LYS 72 161 161 LYS LYS A . n 
A 1 73 THR 73 162 162 THR THR A . n 
A 1 74 THR 74 163 163 THR THR A . n 
A 1 75 SER 75 164 164 SER SER A . n 
A 1 76 ASP 76 165 165 ASP ASP A . n 
A 1 77 TYR 77 166 ?   ?   ?   A . n 
A 1 78 GLN 78 167 ?   ?   ?   A . n 
A 1 79 ASP 79 168 ?   ?   ?   A . n 
A 1 80 SER 80 169 169 SER SER A . n 
A 1 81 ASP 81 170 170 ASP ASP A . n 
A 1 82 VAL 82 171 171 VAL VAL A . n 
A 1 83 SER 83 172 172 SER SER A . n 
A 1 84 GLN 84 173 173 GLN GLN A . n 
A 1 85 GLU 85 174 174 GLU GLU A . n 
A 1 86 VAL 86 175 175 VAL VAL A . n 
A 1 87 ARG 87 176 176 ARG ARG A . n 
A 1 88 LYS 88 177 177 LYS LYS A . n 
A 1 89 TYR 89 178 178 TYR TYR A . n 
A 1 90 PHE 90 179 179 PHE PHE A . n 
A 1 91 CYS 91 180 180 CYS CYS A . n 
A 1 92 VAL 92 181 181 VAL VAL A . n 
A 1 93 LYS 93 182 182 LYS LYS A . n 
A 1 94 THR 94 183 183 THR THR A . n 
A 1 95 MSE 95 184 184 MSE MSE A . n 
A 1 96 ASN 96 185 185 ASN ASN A . n 
B 1 1  SER 1  90  ?   ?   ?   B . n 
B 1 2  THR 2  91  ?   ?   ?   B . n 
B 1 3  THR 3  92  ?   ?   ?   B . n 
B 1 4  GLN 4  93  ?   ?   ?   B . n 
B 1 5  TYR 5  94  ?   ?   ?   B . n 
B 1 6  ASP 6  95  ?   ?   ?   B . n 
B 1 7  HIS 7  96  96  HIS HIS B . n 
B 1 8  LYS 8  97  97  LYS LYS B . n 
B 1 9  GLU 9  98  98  GLU GLU B . n 
B 1 10 SER 10 99  99  SER SER B . n 
B 1 11 CYS 11 100 100 CYS CYS B . n 
B 1 12 ASN 12 101 101 ASN ASN B . n 
B 1 13 GLY 13 102 102 GLY GLY B . n 
B 1 14 LEU 14 103 103 LEU LEU B . n 
B 1 15 TYR 15 104 104 TYR TYR B . n 
B 1 16 TYR 16 105 105 TYR TYR B . n 
B 1 17 GLN 17 106 106 GLN GLN B . n 
B 1 18 GLY 18 107 107 GLY GLY B . n 
B 1 19 SER 19 108 108 SER SER B . n 
B 1 20 CYS 20 109 109 CYS CYS B . n 
B 1 21 TYR 21 110 110 TYR TYR B . n 
B 1 22 ILE 22 111 111 ILE ILE B . n 
B 1 23 LEU 23 112 112 LEU LEU B . n 
B 1 24 HIS 24 113 113 HIS HIS B . n 
B 1 25 SER 25 114 114 SER SER B . n 
B 1 26 ASP 26 115 115 ASP ASP B . n 
B 1 27 TYR 27 116 116 TYR TYR B . n 
B 1 28 GLN 28 117 117 GLN GLN B . n 
B 1 29 MSE 29 118 118 MSE MSE B . n 
B 1 30 PHE 30 119 119 PHE PHE B . n 
B 1 31 SER 31 120 120 SER SER B . n 
B 1 32 ASP 32 121 121 ASP ASP B . n 
B 1 33 ALA 33 122 122 ALA ALA B . n 
B 1 34 ALA 34 123 123 ALA ALA B . n 
B 1 35 ALA 35 124 124 ALA ALA B . n 
B 1 36 ASN 36 125 125 ASN ASN B . n 
B 1 37 CYS 37 126 126 CYS CYS B . n 
B 1 38 THR 38 127 127 THR THR B . n 
B 1 39 ALA 39 128 128 ALA ALA B . n 
B 1 40 GLU 40 129 129 GLU GLU B . n 
B 1 41 SER 41 130 130 SER SER B . n 
B 1 42 SER 42 131 131 SER SER B . n 
B 1 43 THR 43 132 132 THR THR B . n 
B 1 44 LEU 44 133 133 LEU LEU B . n 
B 1 45 PRO 45 134 134 PRO PRO B . n 
B 1 46 ASN 46 135 135 ASN ASN B . n 
B 1 47 LYS 47 136 136 LYS LYS B . n 
B 1 48 SER 48 137 137 SER SER B . n 
B 1 49 ASP 49 138 138 ASP ASP B . n 
B 1 50 VAL 50 139 139 VAL VAL B . n 
B 1 51 MSE 51 140 140 MSE MSE B . n 
B 1 52 ILE 52 141 141 ILE ILE B . n 
B 1 53 THR 53 142 142 THR THR B . n 
B 1 54 TRP 54 143 143 TRP TRP B . n 
B 1 55 LEU 55 144 144 LEU LEU B . n 
B 1 56 ILE 56 145 145 ILE ILE B . n 
B 1 57 ASP 57 146 146 ASP ASP B . n 
B 1 58 TYR 58 147 147 TYR TYR B . n 
B 1 59 VAL 59 148 148 VAL VAL B . n 
B 1 60 GLU 60 149 149 GLU GLU B . n 
B 1 61 ASP 61 150 150 ASP ASP B . n 
B 1 62 THR 62 151 151 THR THR B . n 
B 1 63 TRP 63 152 152 TRP TRP B . n 
B 1 64 GLY 64 153 153 GLY GLY B . n 
B 1 65 SER 65 154 154 SER SER B . n 
B 1 66 ASP 66 155 155 ASP ASP B . n 
B 1 67 GLY 67 156 156 GLY GLY B . n 
B 1 68 ASN 68 157 157 ASN ASN B . n 
B 1 69 PRO 69 158 158 PRO PRO B . n 
B 1 70 ILE 70 159 159 ILE ILE B . n 
B 1 71 THR 71 160 160 THR THR B . n 
B 1 72 LYS 72 161 161 LYS LYS B . n 
B 1 73 THR 73 162 162 THR THR B . n 
B 1 74 THR 74 163 163 THR THR B . n 
B 1 75 SER 75 164 164 SER SER B . n 
B 1 76 ASP 76 165 165 ASP ASP B . n 
B 1 77 TYR 77 166 ?   ?   ?   B . n 
B 1 78 GLN 78 167 ?   ?   ?   B . n 
B 1 79 ASP 79 168 ?   ?   ?   B . n 
B 1 80 SER 80 169 169 SER SER B . n 
B 1 81 ASP 81 170 170 ASP ASP B . n 
B 1 82 VAL 82 171 171 VAL VAL B . n 
B 1 83 SER 83 172 172 SER SER B . n 
B 1 84 GLN 84 173 173 GLN GLN B . n 
B 1 85 GLU 85 174 174 GLU GLU B . n 
B 1 86 VAL 86 175 175 VAL VAL B . n 
B 1 87 ARG 87 176 176 ARG ARG B . n 
B 1 88 LYS 88 177 177 LYS LYS B . n 
B 1 89 TYR 89 178 178 TYR TYR B . n 
B 1 90 PHE 90 179 179 PHE PHE B . n 
B 1 91 CYS 91 180 180 CYS CYS B . n 
B 1 92 VAL 92 181 181 VAL VAL B . n 
B 1 93 LYS 93 182 182 LYS LYS B . n 
B 1 94 THR 94 183 183 THR THR B . n 
B 1 95 MSE 95 184 184 MSE MSE B . n 
B 1 96 ASN 96 185 ?   ?   ?   B . n 
# 
loop_
_pdbx_nonpoly_scheme.asym_id 
_pdbx_nonpoly_scheme.entity_id 
_pdbx_nonpoly_scheme.mon_id 
_pdbx_nonpoly_scheme.ndb_seq_num 
_pdbx_nonpoly_scheme.pdb_seq_num 
_pdbx_nonpoly_scheme.auth_seq_num 
_pdbx_nonpoly_scheme.pdb_mon_id 
_pdbx_nonpoly_scheme.auth_mon_id 
_pdbx_nonpoly_scheme.pdb_strand_id 
_pdbx_nonpoly_scheme.pdb_ins_code 
C 2 HOH 1  2  2  HOH HOH A . 
C 2 HOH 2  3  3  HOH HOH A . 
C 2 HOH 3  4  4  HOH HOH A . 
C 2 HOH 4  6  6  HOH HOH A . 
C 2 HOH 5  7  7  HOH HOH A . 
C 2 HOH 6  9  9  HOH HOH A . 
C 2 HOH 7  17 17 HOH HOH A . 
C 2 HOH 8  18 18 HOH HOH A . 
C 2 HOH 9  22 22 HOH HOH A . 
C 2 HOH 10 23 23 HOH HOH A . 
C 2 HOH 11 26 26 HOH HOH A . 
C 2 HOH 12 27 27 HOH HOH A . 
C 2 HOH 13 28 28 HOH HOH A . 
C 2 HOH 14 29 29 HOH HOH A . 
C 2 HOH 15 30 30 HOH HOH A . 
C 2 HOH 16 34 34 HOH HOH A . 
C 2 HOH 17 38 38 HOH HOH A . 
D 2 HOH 1  1  1  HOH HOH B . 
D 2 HOH 2  5  5  HOH HOH B . 
D 2 HOH 3  8  8  HOH HOH B . 
D 2 HOH 4  10 10 HOH HOH B . 
D 2 HOH 5  11 11 HOH HOH B . 
D 2 HOH 6  12 12 HOH HOH B . 
D 2 HOH 7  13 13 HOH HOH B . 
D 2 HOH 8  14 14 HOH HOH B . 
D 2 HOH 9  15 15 HOH HOH B . 
D 2 HOH 10 16 16 HOH HOH B . 
D 2 HOH 11 19 19 HOH HOH B . 
D 2 HOH 12 20 20 HOH HOH B . 
D 2 HOH 13 21 21 HOH HOH B . 
D 2 HOH 14 24 24 HOH HOH B . 
D 2 HOH 15 25 25 HOH HOH B . 
D 2 HOH 16 31 31 HOH HOH B . 
D 2 HOH 17 32 32 HOH HOH B . 
D 2 HOH 18 33 33 HOH HOH B . 
D 2 HOH 19 35 35 HOH HOH B . 
D 2 HOH 20 36 36 HOH HOH B . 
D 2 HOH 21 37 37 HOH HOH B . 
D 2 HOH 22 39 39 HOH HOH B . 
D 2 HOH 23 40 40 HOH HOH B . 
D 2 HOH 24 41 41 HOH HOH B . 
D 2 HOH 25 42 42 HOH HOH B . 
# 
loop_
_software.name 
_software.classification 
_software.version 
_software.citation_id 
_software.pdbx_ordinal 
MAR345   'data collection' .   ? 1 
SOLVE    phasing           .   ? 2 
CNS      refinement        1.0 ? 3 
HKL-2000 'data reduction'  .   ? 4 
HKL-2000 'data scaling'    .   ? 5 
# 
_cell.entry_id           3K7B 
_cell.length_a           80.94 
_cell.length_b           56.32 
_cell.length_c           41.68 
_cell.angle_alpha        90.00 
_cell.angle_beta         110.68 
_cell.angle_gamma        90.00 
_cell.Z_PDB              8 
_cell.pdbx_unique_axis   ? 
_cell.length_a_esd       ? 
_cell.length_b_esd       ? 
_cell.length_c_esd       ? 
_cell.angle_alpha_esd    ? 
_cell.angle_beta_esd     ? 
_cell.angle_gamma_esd    ? 
# 
_symmetry.entry_id                         3K7B 
_symmetry.space_group_name_H-M             'C 1 2 1' 
_symmetry.pdbx_full_space_group_name_H-M   ? 
_symmetry.cell_setting                     ? 
_symmetry.Int_Tables_number                5 
_symmetry.space_group_name_Hall            ? 
# 
_exptl.entry_id          3K7B 
_exptl.method            'X-RAY DIFFRACTION' 
_exptl.crystals_number   1 
# 
_exptl_crystal.id                    1 
_exptl_crystal.density_meas          ? 
_exptl_crystal.density_Matthews      2.00 
_exptl_crystal.density_percent_sol   38.44 
_exptl_crystal.description           ? 
_exptl_crystal.F_000                 ? 
_exptl_crystal.preparation           ? 
# 
_exptl_crystal_grow.crystal_id      1 
_exptl_crystal_grow.method          'VAPOR DIFFUSION, HANGING DROP' 
_exptl_crystal_grow.temp            298 
_exptl_crystal_grow.temp_details    ? 
_exptl_crystal_grow.pH              4.30 
_exptl_crystal_grow.pdbx_details    
'20% PEG 8000, 10% isopropanol, 0.1M Sodium Acetate, pH 4.30, VAPOR DIFFUSION, HANGING DROP, temperature 298K' 
_exptl_crystal_grow.pdbx_pH_range   ? 
# 
_diffrn.id                     1 
_diffrn.ambient_temp           100 
_diffrn.ambient_temp_details   ? 
_diffrn.crystal_id             1 
# 
_diffrn_detector.diffrn_id              1 
_diffrn_detector.detector               CCD 
_diffrn_detector.type                   'MARMOSAIC 300 mm CCD' 
_diffrn_detector.pdbx_collection_date   2006-06-01 
_diffrn_detector.details                ? 
# 
_diffrn_radiation.diffrn_id                        1 
_diffrn_radiation.wavelength_id                    1 
_diffrn_radiation.pdbx_monochromatic_or_laue_m_l   M 
_diffrn_radiation.monochromator                    'Si 220' 
_diffrn_radiation.pdbx_diffrn_protocol             'SINGLE WAVELENGTH' 
_diffrn_radiation.pdbx_scattering_type             x-ray 
# 
loop_
_diffrn_radiation_wavelength.id 
_diffrn_radiation_wavelength.wavelength 
_diffrn_radiation_wavelength.wt 
1 0.97622 1.0 
2 0.97625 1.0 
# 
_diffrn_source.diffrn_id                   1 
_diffrn_source.source                      SYNCHROTRON 
_diffrn_source.type                        'APS BEAMLINE 22-ID' 
_diffrn_source.pdbx_synchrotron_site       APS 
_diffrn_source.pdbx_synchrotron_beamline   22-ID 
_diffrn_source.pdbx_wavelength             0.97622 
_diffrn_source.pdbx_wavelength_list        0.97625 
# 
_reflns.entry_id                     3K7B 
_reflns.observed_criterion_sigma_I   0.000 
_reflns.observed_criterion_sigma_F   ? 
_reflns.d_resolution_low             50.000 
_reflns.d_resolution_high            2.100 
_reflns.number_obs                   10073 
_reflns.number_all                   ? 
_reflns.percent_possible_obs         97.5 
_reflns.pdbx_Rmerge_I_obs            0.048 
_reflns.pdbx_Rsym_value              ? 
_reflns.pdbx_netI_over_sigmaI        26.9000 
_reflns.B_iso_Wilson_estimate        22.60 
_reflns.pdbx_redundancy              3.900 
_reflns.R_free_details               ? 
_reflns.limit_h_max                  ? 
_reflns.limit_h_min                  ? 
_reflns.limit_k_max                  ? 
_reflns.limit_k_min                  ? 
_reflns.limit_l_max                  ? 
_reflns.limit_l_min                  ? 
_reflns.observed_criterion_F_max     ? 
_reflns.observed_criterion_F_min     ? 
_reflns.pdbx_chi_squared             ? 
_reflns.pdbx_scaling_rejects         ? 
_reflns.pdbx_ordinal                 1 
_reflns.pdbx_diffrn_id               1 
# 
_reflns_shell.d_res_high             2.10 
_reflns_shell.d_res_low              2.18 
_reflns_shell.percent_possible_all   96.2 
_reflns_shell.Rmerge_I_obs           0.304 
_reflns_shell.pdbx_Rsym_value        ? 
_reflns_shell.meanI_over_sigI_obs    4.400 
_reflns_shell.pdbx_redundancy        3.60 
_reflns_shell.percent_possible_obs   ? 
_reflns_shell.number_unique_all      ? 
_reflns_shell.number_measured_all    ? 
_reflns_shell.number_measured_obs    ? 
_reflns_shell.number_unique_obs      ? 
_reflns_shell.pdbx_chi_squared       ? 
_reflns_shell.pdbx_ordinal           1 
_reflns_shell.pdbx_diffrn_id         1 
# 
_refine.entry_id                                 3K7B 
_refine.ls_number_reflns_obs                     10073 
_refine.ls_number_reflns_all                     10329 
_refine.pdbx_ls_sigma_I                          ? 
_refine.pdbx_ls_sigma_F                          0.000 
_refine.pdbx_data_cutoff_high_absF               1129284.980 
_refine.pdbx_data_cutoff_low_absF                0.0000 
_refine.pdbx_data_cutoff_high_rms_absF           ? 
_refine.ls_d_res_low                             50.00 
_refine.ls_d_res_high                            2.10 
_refine.ls_percent_reflns_obs                    97.5 
_refine.ls_R_factor_obs                          0.218 
_refine.ls_R_factor_all                          ? 
_refine.ls_R_factor_R_work                       0.218 
_refine.ls_R_factor_R_free                       0.257 
_refine.ls_R_factor_R_free_error                 0.012 
_refine.ls_R_factor_R_free_error_details         ? 
_refine.ls_percent_reflns_R_free                 5.000 
_refine.ls_number_reflns_R_free                  500 
_refine.ls_number_parameters                     ? 
_refine.ls_number_restraints                     ? 
_refine.occupancy_min                            ? 
_refine.occupancy_max                            ? 
_refine.correlation_coeff_Fo_to_Fc               ? 
_refine.correlation_coeff_Fo_to_Fc_free          ? 
_refine.B_iso_mean                               40.80 
_refine.aniso_B[1][1]                            8.91000 
_refine.aniso_B[2][2]                            -2.08000 
_refine.aniso_B[3][3]                            -6.83000 
_refine.aniso_B[1][2]                            0.00000 
_refine.aniso_B[1][3]                            3.25000 
_refine.aniso_B[2][3]                            0.00000 
_refine.solvent_model_details                    'FLAT MODEL' 
_refine.solvent_model_param_ksol                 0.36 
_refine.solvent_model_param_bsol                 41.56 
_refine.pdbx_solvent_vdw_probe_radii             ? 
_refine.pdbx_solvent_ion_probe_radii             ? 
_refine.pdbx_solvent_shrinkage_radii             ? 
_refine.pdbx_ls_cross_valid_method               THROUGHOUT 
_refine.details                                  ? 
_refine.pdbx_starting_model                      ? 
_refine.pdbx_method_to_determine_struct          SAD 
_refine.pdbx_isotropic_thermal_model             Isotropic 
_refine.pdbx_stereochemistry_target_values       'Engh & Huber' 
_refine.pdbx_stereochem_target_val_spec_case     ? 
_refine.pdbx_R_Free_selection_details            RANDOM 
_refine.pdbx_overall_ESU_R                       ? 
_refine.pdbx_overall_ESU_R_Free                  ? 
_refine.overall_SU_ML                            ? 
_refine.overall_SU_B                             ? 
_refine.ls_redundancy_reflns_obs                 ? 
_refine.B_iso_min                                ? 
_refine.B_iso_max                                ? 
_refine.overall_SU_R_Cruickshank_DPI             ? 
_refine.overall_SU_R_free                        ? 
_refine.ls_wR_factor_R_free                      ? 
_refine.ls_wR_factor_R_work                      ? 
_refine.overall_FOM_free_R_set                   ? 
_refine.overall_FOM_work_R_set                   ? 
_refine.pdbx_overall_phase_error                 ? 
_refine.pdbx_refine_id                           'X-RAY DIFFRACTION' 
_refine.pdbx_diffrn_id                           1 
_refine.pdbx_TLS_residual_ADP_flag               ? 
_refine.pdbx_overall_SU_R_free_Cruickshank_DPI   ? 
_refine.pdbx_overall_SU_R_Blow_DPI               ? 
_refine.pdbx_overall_SU_R_free_Blow_DPI          ? 
# 
_refine_analyze.entry_id                        3K7B 
_refine_analyze.Luzzati_coordinate_error_obs    0.27 
_refine_analyze.Luzzati_sigma_a_obs             0.19 
_refine_analyze.Luzzati_d_res_low_obs           5.00 
_refine_analyze.Luzzati_coordinate_error_free   0.35 
_refine_analyze.Luzzati_sigma_a_free            0.19 
_refine_analyze.Luzzati_d_res_low_free          ? 
_refine_analyze.number_disordered_residues      ? 
_refine_analyze.occupancy_sum_hydrogen          ? 
_refine_analyze.occupancy_sum_non_hydrogen      ? 
_refine_analyze.pdbx_Luzzati_d_res_high_obs     ? 
_refine_analyze.pdbx_refine_id                  'X-RAY DIFFRACTION' 
# 
_refine_hist.pdbx_refine_id                   'X-RAY DIFFRACTION' 
_refine_hist.cycle_id                         LAST 
_refine_hist.pdbx_number_atoms_protein        1342 
_refine_hist.pdbx_number_atoms_nucleic_acid   0 
_refine_hist.pdbx_number_atoms_ligand         0 
_refine_hist.number_atoms_solvent             42 
_refine_hist.number_atoms_total               1384 
_refine_hist.d_res_high                       2.10 
_refine_hist.d_res_low                        50.00 
# 
loop_
_refine_ls_restr.type 
_refine_ls_restr.dev_ideal 
_refine_ls_restr.dev_ideal_target 
_refine_ls_restr.weight 
_refine_ls_restr.number 
_refine_ls_restr.pdbx_refine_id 
_refine_ls_restr.pdbx_restraint_function 
c_bond_d                0.014 ? ? ? 'X-RAY DIFFRACTION' ? 
c_bond_d_na             ?     ? ? ? 'X-RAY DIFFRACTION' ? 
c_bond_d_prot           ?     ? ? ? 'X-RAY DIFFRACTION' ? 
c_angle_d               ?     ? ? ? 'X-RAY DIFFRACTION' ? 
c_angle_d_na            ?     ? ? ? 'X-RAY DIFFRACTION' ? 
c_angle_d_prot          ?     ? ? ? 'X-RAY DIFFRACTION' ? 
c_angle_deg             1.40  ? ? ? 'X-RAY DIFFRACTION' ? 
c_angle_deg_na          ?     ? ? ? 'X-RAY DIFFRACTION' ? 
c_angle_deg_prot        ?     ? ? ? 'X-RAY DIFFRACTION' ? 
c_dihedral_angle_d      23.30 ? ? ? 'X-RAY DIFFRACTION' ? 
c_dihedral_angle_d_na   ?     ? ? ? 'X-RAY DIFFRACTION' ? 
c_dihedral_angle_d_prot ?     ? ? ? 'X-RAY DIFFRACTION' ? 
c_improper_angle_d      0.71  ? ? ? 'X-RAY DIFFRACTION' ? 
c_improper_angle_d_na   ?     ? ? ? 'X-RAY DIFFRACTION' ? 
c_improper_angle_d_prot ?     ? ? ? 'X-RAY DIFFRACTION' ? 
c_mcbond_it             ?     ? ? ? 'X-RAY DIFFRACTION' ? 
c_mcangle_it            ?     ? ? ? 'X-RAY DIFFRACTION' ? 
c_scbond_it             ?     ? ? ? 'X-RAY DIFFRACTION' ? 
c_scangle_it            ?     ? ? ? 'X-RAY DIFFRACTION' ? 
# 
_refine_ls_shell.pdbx_total_number_of_bins_used   6 
_refine_ls_shell.d_res_high                       2.10 
_refine_ls_shell.d_res_low                        2.18 
_refine_ls_shell.number_reflns_R_work             1521 
_refine_ls_shell.R_factor_R_work                  0.259 
_refine_ls_shell.percent_reflns_obs               94.00 
_refine_ls_shell.R_factor_R_free                  0.264 
_refine_ls_shell.R_factor_R_free_error            0.035 
_refine_ls_shell.percent_reflns_R_free            4.50 
_refine_ls_shell.number_reflns_R_free             32 
_refine_ls_shell.number_reflns_all                ? 
_refine_ls_shell.R_factor_all                     ? 
_refine_ls_shell.redundancy_reflns_obs            ? 
_refine_ls_shell.number_reflns_obs                ? 
_refine_ls_shell.pdbx_refine_id                   'X-RAY DIFFRACTION' 
# 
loop_
_pdbx_xplor_file.serial_no 
_pdbx_xplor_file.param_file 
_pdbx_xplor_file.topol_file 
_pdbx_xplor_file.pdbx_refine_id 
1 PROTEIN_REP.PARAM PROTEIN.TOP 'X-RAY DIFFRACTION' 
2 WATER_REP.PARAM   WATER.TOP   'X-RAY DIFFRACTION' 
# 
_struct.entry_id                  3K7B 
_struct.title                     'The structure of the poxvirus A33 protein reveals a dimer of unique C-type lectin-like domains.' 
_struct.pdbx_model_details        ? 
_struct.pdbx_CASP_flag            ? 
_struct.pdbx_model_type_details   ? 
# 
_struct_keywords.entry_id        3K7B 
_struct_keywords.pdbx_keywords   'VIRAL PROTEIN' 
_struct_keywords.text            'C-TYPE LECTIN-LIKE DOMAIN, homodimer, POXVIRUS, EEV, EV, viral protein' 
# 
loop_
_struct_asym.id 
_struct_asym.pdbx_blank_PDB_chainid_flag 
_struct_asym.pdbx_modified 
_struct_asym.entity_id 
_struct_asym.details 
A N N 1 ? 
B N N 1 ? 
C N N 2 ? 
D N N 2 ? 
# 
_struct_ref.id                         1 
_struct_ref.db_name                    UNP 
_struct_ref.db_code                    VA33_VACCW 
_struct_ref.pdbx_db_accession          P68617 
_struct_ref.entity_id                  1 
_struct_ref.pdbx_seq_one_letter_code   
;STTQYDHKESCNGLYYQGSCYILHSDYQLFSDAKANCTAESSTLPNKSDVLITWLIDYVEDTWGSDGNPITKTTSDYQDS
DVSQEVRKYFCVKTMN
;
_struct_ref.pdbx_align_begin           90 
_struct_ref.pdbx_db_isoform            ? 
# 
loop_
_struct_ref_seq.align_id 
_struct_ref_seq.ref_id 
_struct_ref_seq.pdbx_PDB_id_code 
_struct_ref_seq.pdbx_strand_id 
_struct_ref_seq.seq_align_beg 
_struct_ref_seq.pdbx_seq_align_beg_ins_code 
_struct_ref_seq.seq_align_end 
_struct_ref_seq.pdbx_seq_align_end_ins_code 
_struct_ref_seq.pdbx_db_accession 
_struct_ref_seq.db_align_beg 
_struct_ref_seq.pdbx_db_align_beg_ins_code 
_struct_ref_seq.db_align_end 
_struct_ref_seq.pdbx_db_align_end_ins_code 
_struct_ref_seq.pdbx_auth_seq_align_beg 
_struct_ref_seq.pdbx_auth_seq_align_end 
1 1 3K7B A 1 ? 96 ? P68617 90 ? 185 ? 90 185 
2 1 3K7B B 1 ? 96 ? P68617 90 ? 185 ? 90 185 
# 
loop_
_struct_ref_seq_dif.align_id 
_struct_ref_seq_dif.pdbx_pdb_id_code 
_struct_ref_seq_dif.mon_id 
_struct_ref_seq_dif.pdbx_pdb_strand_id 
_struct_ref_seq_dif.seq_num 
_struct_ref_seq_dif.pdbx_pdb_ins_code 
_struct_ref_seq_dif.pdbx_seq_db_name 
_struct_ref_seq_dif.pdbx_seq_db_accession_code 
_struct_ref_seq_dif.db_mon_id 
_struct_ref_seq_dif.pdbx_seq_db_seq_num 
_struct_ref_seq_dif.details 
_struct_ref_seq_dif.pdbx_auth_seq_num 
_struct_ref_seq_dif.pdbx_ordinal 
1 3K7B MSE A 29 ? UNP P68617 LEU 118 'engineered mutation' 118 1 
1 3K7B ALA A 34 ? UNP P68617 LYS 123 'engineered mutation' 123 2 
1 3K7B MSE A 51 ? UNP P68617 LEU 140 'engineered mutation' 140 3 
2 3K7B MSE B 29 ? UNP P68617 LEU 118 'engineered mutation' 118 4 
2 3K7B ALA B 34 ? UNP P68617 LYS 123 'engineered mutation' 123 5 
2 3K7B MSE B 51 ? UNP P68617 LEU 140 'engineered mutation' 140 6 
# 
loop_
_pdbx_struct_assembly.id 
_pdbx_struct_assembly.details 
_pdbx_struct_assembly.method_details 
_pdbx_struct_assembly.oligomeric_details 
_pdbx_struct_assembly.oligomeric_count 
1 author_and_software_defined_assembly PISA monomeric 1 
2 author_and_software_defined_assembly PISA monomeric 1 
# 
loop_
_pdbx_struct_assembly_gen.assembly_id 
_pdbx_struct_assembly_gen.oper_expression 
_pdbx_struct_assembly_gen.asym_id_list 
1 1 A,C 
2 1 B,D 
# 
_pdbx_struct_oper_list.id                   1 
_pdbx_struct_oper_list.type                 'identity operation' 
_pdbx_struct_oper_list.name                 1_555 
_pdbx_struct_oper_list.symmetry_operation   x,y,z 
_pdbx_struct_oper_list.matrix[1][1]         1.0000000000 
_pdbx_struct_oper_list.matrix[1][2]         0.0000000000 
_pdbx_struct_oper_list.matrix[1][3]         0.0000000000 
_pdbx_struct_oper_list.vector[1]            0.0000000000 
_pdbx_struct_oper_list.matrix[2][1]         0.0000000000 
_pdbx_struct_oper_list.matrix[2][2]         1.0000000000 
_pdbx_struct_oper_list.matrix[2][3]         0.0000000000 
_pdbx_struct_oper_list.vector[2]            0.0000000000 
_pdbx_struct_oper_list.matrix[3][1]         0.0000000000 
_pdbx_struct_oper_list.matrix[3][2]         0.0000000000 
_pdbx_struct_oper_list.matrix[3][3]         1.0000000000 
_pdbx_struct_oper_list.vector[3]            0.0000000000 
# 
_struct_biol.id        1 
_struct_biol.details   ? 
# 
loop_
_struct_conf.conf_type_id 
_struct_conf.id 
_struct_conf.pdbx_PDB_helix_id 
_struct_conf.beg_label_comp_id 
_struct_conf.beg_label_asym_id 
_struct_conf.beg_label_seq_id 
_struct_conf.pdbx_beg_PDB_ins_code 
_struct_conf.end_label_comp_id 
_struct_conf.end_label_asym_id 
_struct_conf.end_label_seq_id 
_struct_conf.pdbx_end_PDB_ins_code 
_struct_conf.beg_auth_comp_id 
_struct_conf.beg_auth_asym_id 
_struct_conf.beg_auth_seq_id 
_struct_conf.end_auth_comp_id 
_struct_conf.end_auth_asym_id 
_struct_conf.end_auth_seq_id 
_struct_conf.pdbx_PDB_helix_class 
_struct_conf.details 
_struct_conf.pdbx_PDB_helix_length 
HELX_P HELX_P1 1 MSE A 29 ? GLU A 40 ? MSE A 118 GLU A 129 1 ? 12 
HELX_P HELX_P2 2 ASN A 46 ? MSE A 51 ? ASN A 135 MSE A 140 1 ? 6  
HELX_P HELX_P3 3 LEU A 55 ? GLU A 60 ? LEU A 144 GLU A 149 1 ? 6  
HELX_P HELX_P4 4 PHE B 30 ? GLU B 40 ? PHE B 119 GLU B 129 1 ? 11 
HELX_P HELX_P5 5 ASN B 46 ? MSE B 51 ? ASN B 135 MSE B 140 1 ? 6  
HELX_P HELX_P6 6 LEU B 55 ? GLU B 60 ? LEU B 144 GLU B 149 1 ? 6  
HELX_P HELX_P7 7 ASP B 81 ? GLN B 84 ? ASP B 170 GLN B 173 5 ? 4  
# 
_struct_conf_type.id          HELX_P 
_struct_conf_type.criteria    ? 
_struct_conf_type.reference   ? 
# 
loop_
_struct_conn.id 
_struct_conn.conn_type_id 
_struct_conn.pdbx_leaving_atom_flag 
_struct_conn.pdbx_PDB_id 
_struct_conn.ptnr1_label_asym_id 
_struct_conn.ptnr1_label_comp_id 
_struct_conn.ptnr1_label_seq_id 
_struct_conn.ptnr1_label_atom_id 
_struct_conn.pdbx_ptnr1_label_alt_id 
_struct_conn.pdbx_ptnr1_PDB_ins_code 
_struct_conn.pdbx_ptnr1_standard_comp_id 
_struct_conn.ptnr1_symmetry 
_struct_conn.ptnr2_label_asym_id 
_struct_conn.ptnr2_label_comp_id 
_struct_conn.ptnr2_label_seq_id 
_struct_conn.ptnr2_label_atom_id 
_struct_conn.pdbx_ptnr2_label_alt_id 
_struct_conn.pdbx_ptnr2_PDB_ins_code 
_struct_conn.ptnr1_auth_asym_id 
_struct_conn.ptnr1_auth_comp_id 
_struct_conn.ptnr1_auth_seq_id 
_struct_conn.ptnr2_auth_asym_id 
_struct_conn.ptnr2_auth_comp_id 
_struct_conn.ptnr2_auth_seq_id 
_struct_conn.ptnr2_symmetry 
_struct_conn.pdbx_ptnr3_label_atom_id 
_struct_conn.pdbx_ptnr3_label_seq_id 
_struct_conn.pdbx_ptnr3_label_comp_id 
_struct_conn.pdbx_ptnr3_label_asym_id 
_struct_conn.pdbx_ptnr3_label_alt_id 
_struct_conn.pdbx_ptnr3_PDB_ins_code 
_struct_conn.details 
_struct_conn.pdbx_dist_value 
_struct_conn.pdbx_value_order 
_struct_conn.pdbx_role 
disulf1  disulf ?    ? A CYS 11 SG ? ? ? 1_555 A CYS 20 SG ? ? A CYS 100 A CYS 109 1_555 ? ? ? ? ? ? ? 2.041 ? ? 
disulf2  disulf ?    ? A CYS 37 SG ? ? ? 1_555 A CYS 91 SG ? ? A CYS 126 A CYS 180 1_555 ? ? ? ? ? ? ? 2.048 ? ? 
disulf3  disulf ?    ? B CYS 11 SG ? ? ? 1_555 B CYS 20 SG ? ? B CYS 100 B CYS 109 1_555 ? ? ? ? ? ? ? 2.043 ? ? 
disulf4  disulf ?    ? B CYS 37 SG ? ? ? 1_555 B CYS 91 SG ? ? B CYS 126 B CYS 180 1_555 ? ? ? ? ? ? ? 2.047 ? ? 
covale1  covale both ? A GLN 28 C  ? ? ? 1_555 A MSE 29 N  ? ? A GLN 117 A MSE 118 1_555 ? ? ? ? ? ? ? 1.328 ? ? 
covale2  covale both ? A MSE 29 C  ? ? ? 1_555 A PHE 30 N  ? ? A MSE 118 A PHE 119 1_555 ? ? ? ? ? ? ? 1.324 ? ? 
covale3  covale both ? A VAL 50 C  ? ? ? 1_555 A MSE 51 N  ? ? A VAL 139 A MSE 140 1_555 ? ? ? ? ? ? ? 1.328 ? ? 
covale4  covale both ? A MSE 51 C  ? ? ? 1_555 A ILE 52 N  ? ? A MSE 140 A ILE 141 1_555 ? ? ? ? ? ? ? 1.325 ? ? 
covale5  covale both ? A THR 94 C  ? ? ? 1_555 A MSE 95 N  ? ? A THR 183 A MSE 184 1_555 ? ? ? ? ? ? ? 1.330 ? ? 
covale6  covale both ? A MSE 95 C  ? ? ? 1_555 A ASN 96 N  ? ? A MSE 184 A ASN 185 1_555 ? ? ? ? ? ? ? 1.336 ? ? 
covale7  covale both ? B GLN 28 C  ? ? ? 1_555 B MSE 29 N  ? ? B GLN 117 B MSE 118 1_555 ? ? ? ? ? ? ? 1.333 ? ? 
covale8  covale both ? B MSE 29 C  ? ? ? 1_555 B PHE 30 N  ? ? B MSE 118 B PHE 119 1_555 ? ? ? ? ? ? ? 1.326 ? ? 
covale9  covale both ? B VAL 50 C  ? ? ? 1_555 B MSE 51 N  ? ? B VAL 139 B MSE 140 1_555 ? ? ? ? ? ? ? 1.327 ? ? 
covale10 covale both ? B MSE 51 C  ? ? ? 1_555 B ILE 52 N  ? ? B MSE 140 B ILE 141 1_555 ? ? ? ? ? ? ? 1.329 ? ? 
covale11 covale both ? B THR 94 C  ? ? ? 1_555 B MSE 95 N  ? ? B THR 183 B MSE 184 1_555 ? ? ? ? ? ? ? 1.330 ? ? 
# 
loop_
_struct_conn_type.id 
_struct_conn_type.criteria 
_struct_conn_type.reference 
disulf ? ? 
covale ? ? 
# 
loop_
_pdbx_modification_feature.ordinal 
_pdbx_modification_feature.label_comp_id 
_pdbx_modification_feature.label_asym_id 
_pdbx_modification_feature.label_seq_id 
_pdbx_modification_feature.label_alt_id 
_pdbx_modification_feature.modified_residue_label_comp_id 
_pdbx_modification_feature.modified_residue_label_asym_id 
_pdbx_modification_feature.modified_residue_label_seq_id 
_pdbx_modification_feature.modified_residue_label_alt_id 
_pdbx_modification_feature.auth_comp_id 
_pdbx_modification_feature.auth_asym_id 
_pdbx_modification_feature.auth_seq_id 
_pdbx_modification_feature.PDB_ins_code 
_pdbx_modification_feature.symmetry 
_pdbx_modification_feature.modified_residue_auth_comp_id 
_pdbx_modification_feature.modified_residue_auth_asym_id 
_pdbx_modification_feature.modified_residue_auth_seq_id 
_pdbx_modification_feature.modified_residue_PDB_ins_code 
_pdbx_modification_feature.modified_residue_symmetry 
_pdbx_modification_feature.comp_id_linking_atom 
_pdbx_modification_feature.modified_residue_id_linking_atom 
_pdbx_modification_feature.modified_residue_id 
_pdbx_modification_feature.ref_pcm_id 
_pdbx_modification_feature.ref_comp_id 
_pdbx_modification_feature.type 
_pdbx_modification_feature.category 
1  MSE A 29 ? .   . .  . MSE A 118 ? 1_555 .   . .   . .     .  .  MET 1 MSE Selenomethionine 'Named protein modification' 
2  MSE A 51 ? .   . .  . MSE A 140 ? 1_555 .   . .   . .     .  .  MET 1 MSE Selenomethionine 'Named protein modification' 
3  MSE A 95 ? .   . .  . MSE A 184 ? 1_555 .   . .   . .     .  .  MET 1 MSE Selenomethionine 'Named protein modification' 
4  MSE B 29 ? .   . .  . MSE B 118 ? 1_555 .   . .   . .     .  .  MET 1 MSE Selenomethionine 'Named protein modification' 
5  MSE B 51 ? .   . .  . MSE B 140 ? 1_555 .   . .   . .     .  .  MET 1 MSE Selenomethionine 'Named protein modification' 
6  MSE B 95 ? .   . .  . MSE B 184 ? 1_555 .   . .   . .     .  .  MET 1 MSE Selenomethionine 'Named protein modification' 
7  CYS A 11 ? CYS A 20 ? CYS A 100 ? 1_555 CYS A 109 ? 1_555 SG SG .   . .   None             'Disulfide bridge'           
8  CYS A 37 ? CYS A 91 ? CYS A 126 ? 1_555 CYS A 180 ? 1_555 SG SG .   . .   None             'Disulfide bridge'           
9  CYS B 11 ? CYS B 20 ? CYS B 100 ? 1_555 CYS B 109 ? 1_555 SG SG .   . .   None             'Disulfide bridge'           
10 CYS B 37 ? CYS B 91 ? CYS B 126 ? 1_555 CYS B 180 ? 1_555 SG SG .   . .   None             'Disulfide bridge'           
# 
loop_
_struct_sheet.id 
_struct_sheet.type 
_struct_sheet.number_strands 
_struct_sheet.details 
A ? 3 ? 
B ? 3 ? 
# 
loop_
_struct_sheet_order.sheet_id 
_struct_sheet_order.range_id_1 
_struct_sheet_order.range_id_2 
_struct_sheet_order.offset 
_struct_sheet_order.sense 
A 1 2 ? anti-parallel 
A 2 3 ? anti-parallel 
B 1 2 ? anti-parallel 
B 2 3 ? anti-parallel 
# 
loop_
_struct_sheet_range.sheet_id 
_struct_sheet_range.id 
_struct_sheet_range.beg_label_comp_id 
_struct_sheet_range.beg_label_asym_id 
_struct_sheet_range.beg_label_seq_id 
_struct_sheet_range.pdbx_beg_PDB_ins_code 
_struct_sheet_range.end_label_comp_id 
_struct_sheet_range.end_label_asym_id 
_struct_sheet_range.end_label_seq_id 
_struct_sheet_range.pdbx_end_PDB_ins_code 
_struct_sheet_range.beg_auth_comp_id 
_struct_sheet_range.beg_auth_asym_id 
_struct_sheet_range.beg_auth_seq_id 
_struct_sheet_range.end_auth_comp_id 
_struct_sheet_range.end_auth_asym_id 
_struct_sheet_range.end_auth_seq_id 
A 1 LEU A 14 ? TYR A 16 ? LEU A 103 TYR A 105 
A 2 SER A 19 ? GLN A 28 ? SER A 108 GLN A 117 
A 3 ARG A 87 ? THR A 94 ? ARG A 176 THR A 183 
B 1 LEU B 14 ? TYR B 15 ? LEU B 103 TYR B 104 
B 2 CYS B 20 ? MSE B 29 ? CYS B 109 MSE B 118 
B 3 VAL B 86 ? LYS B 93 ? VAL B 175 LYS B 182 
# 
loop_
_pdbx_struct_sheet_hbond.sheet_id 
_pdbx_struct_sheet_hbond.range_id_1 
_pdbx_struct_sheet_hbond.range_id_2 
_pdbx_struct_sheet_hbond.range_1_label_atom_id 
_pdbx_struct_sheet_hbond.range_1_label_comp_id 
_pdbx_struct_sheet_hbond.range_1_label_asym_id 
_pdbx_struct_sheet_hbond.range_1_label_seq_id 
_pdbx_struct_sheet_hbond.range_1_PDB_ins_code 
_pdbx_struct_sheet_hbond.range_1_auth_atom_id 
_pdbx_struct_sheet_hbond.range_1_auth_comp_id 
_pdbx_struct_sheet_hbond.range_1_auth_asym_id 
_pdbx_struct_sheet_hbond.range_1_auth_seq_id 
_pdbx_struct_sheet_hbond.range_2_label_atom_id 
_pdbx_struct_sheet_hbond.range_2_label_comp_id 
_pdbx_struct_sheet_hbond.range_2_label_asym_id 
_pdbx_struct_sheet_hbond.range_2_label_seq_id 
_pdbx_struct_sheet_hbond.range_2_PDB_ins_code 
_pdbx_struct_sheet_hbond.range_2_auth_atom_id 
_pdbx_struct_sheet_hbond.range_2_auth_comp_id 
_pdbx_struct_sheet_hbond.range_2_auth_asym_id 
_pdbx_struct_sheet_hbond.range_2_auth_seq_id 
A 1 2 N LEU A 14 ? N LEU A 103 O TYR A 21 ? O TYR A 110 
A 2 3 N CYS A 20 ? N CYS A 109 O LYS A 93 ? O LYS A 182 
B 1 2 N LEU B 14 ? N LEU B 103 O TYR B 21 ? O TYR B 110 
B 2 3 N CYS B 20 ? N CYS B 109 O LYS B 93 ? O LYS B 182 
# 
_pdbx_entry_details.entry_id                   3K7B 
_pdbx_entry_details.compound_details           ? 
_pdbx_entry_details.source_details             ? 
_pdbx_entry_details.nonpolymer_details         ? 
_pdbx_entry_details.sequence_details           ? 
_pdbx_entry_details.has_ligand_of_interest     ? 
_pdbx_entry_details.has_protein_modification   Y 
# 
loop_
_pdbx_validate_torsion.id 
_pdbx_validate_torsion.PDB_model_num 
_pdbx_validate_torsion.auth_comp_id 
_pdbx_validate_torsion.auth_asym_id 
_pdbx_validate_torsion.auth_seq_id 
_pdbx_validate_torsion.PDB_ins_code 
_pdbx_validate_torsion.label_alt_id 
_pdbx_validate_torsion.phi 
_pdbx_validate_torsion.psi 
1 1 SER A 164 ? ? -54.98 -173.27 
2 1 MSE A 184 ? ? -88.97 -159.12 
# 
loop_
_pdbx_struct_mod_residue.id 
_pdbx_struct_mod_residue.label_asym_id 
_pdbx_struct_mod_residue.label_comp_id 
_pdbx_struct_mod_residue.label_seq_id 
_pdbx_struct_mod_residue.auth_asym_id 
_pdbx_struct_mod_residue.auth_comp_id 
_pdbx_struct_mod_residue.auth_seq_id 
_pdbx_struct_mod_residue.PDB_ins_code 
_pdbx_struct_mod_residue.parent_comp_id 
_pdbx_struct_mod_residue.details 
1 A MSE 29 A MSE 118 ? MET SELENOMETHIONINE 
2 A MSE 51 A MSE 140 ? MET SELENOMETHIONINE 
3 A MSE 95 A MSE 184 ? MET SELENOMETHIONINE 
4 B MSE 29 B MSE 118 ? MET SELENOMETHIONINE 
5 B MSE 51 B MSE 140 ? MET SELENOMETHIONINE 
6 B MSE 95 B MSE 184 ? MET SELENOMETHIONINE 
# 
loop_
_pdbx_unobs_or_zero_occ_residues.id 
_pdbx_unobs_or_zero_occ_residues.PDB_model_num 
_pdbx_unobs_or_zero_occ_residues.polymer_flag 
_pdbx_unobs_or_zero_occ_residues.occupancy_flag 
_pdbx_unobs_or_zero_occ_residues.auth_asym_id 
_pdbx_unobs_or_zero_occ_residues.auth_comp_id 
_pdbx_unobs_or_zero_occ_residues.auth_seq_id 
_pdbx_unobs_or_zero_occ_residues.PDB_ins_code 
_pdbx_unobs_or_zero_occ_residues.label_asym_id 
_pdbx_unobs_or_zero_occ_residues.label_comp_id 
_pdbx_unobs_or_zero_occ_residues.label_seq_id 
1  1 Y 1 A SER 90  ? A SER 1  
2  1 Y 1 A THR 91  ? A THR 2  
3  1 Y 1 A THR 92  ? A THR 3  
4  1 Y 1 A GLN 93  ? A GLN 4  
5  1 Y 1 A TYR 94  ? A TYR 5  
6  1 Y 1 A ASP 95  ? A ASP 6  
7  1 Y 1 A HIS 96  ? A HIS 7  
8  1 Y 1 A LYS 97  ? A LYS 8  
9  1 Y 1 A TYR 166 ? A TYR 77 
10 1 Y 1 A GLN 167 ? A GLN 78 
11 1 Y 1 A ASP 168 ? A ASP 79 
12 1 Y 1 B SER 90  ? B SER 1  
13 1 Y 1 B THR 91  ? B THR 2  
14 1 Y 1 B THR 92  ? B THR 3  
15 1 Y 1 B GLN 93  ? B GLN 4  
16 1 Y 1 B TYR 94  ? B TYR 5  
17 1 Y 1 B ASP 95  ? B ASP 6  
18 1 Y 1 B TYR 166 ? B TYR 77 
19 1 Y 1 B GLN 167 ? B GLN 78 
20 1 Y 1 B ASP 168 ? B ASP 79 
21 1 Y 1 B ASN 185 ? B ASN 96 
# 
loop_
_chem_comp_atom.comp_id 
_chem_comp_atom.atom_id 
_chem_comp_atom.type_symbol 
_chem_comp_atom.pdbx_aromatic_flag 
_chem_comp_atom.pdbx_stereo_config 
_chem_comp_atom.pdbx_ordinal 
ALA N    N  N N 1   
ALA CA   C  N S 2   
ALA C    C  N N 3   
ALA O    O  N N 4   
ALA CB   C  N N 5   
ALA OXT  O  N N 6   
ALA H    H  N N 7   
ALA H2   H  N N 8   
ALA HA   H  N N 9   
ALA HB1  H  N N 10  
ALA HB2  H  N N 11  
ALA HB3  H  N N 12  
ALA HXT  H  N N 13  
ARG N    N  N N 14  
ARG CA   C  N S 15  
ARG C    C  N N 16  
ARG O    O  N N 17  
ARG CB   C  N N 18  
ARG CG   C  N N 19  
ARG CD   C  N N 20  
ARG NE   N  N N 21  
ARG CZ   C  N N 22  
ARG NH1  N  N N 23  
ARG NH2  N  N N 24  
ARG OXT  O  N N 25  
ARG H    H  N N 26  
ARG H2   H  N N 27  
ARG HA   H  N N 28  
ARG HB2  H  N N 29  
ARG HB3  H  N N 30  
ARG HG2  H  N N 31  
ARG HG3  H  N N 32  
ARG HD2  H  N N 33  
ARG HD3  H  N N 34  
ARG HE   H  N N 35  
ARG HH11 H  N N 36  
ARG HH12 H  N N 37  
ARG HH21 H  N N 38  
ARG HH22 H  N N 39  
ARG HXT  H  N N 40  
ASN N    N  N N 41  
ASN CA   C  N S 42  
ASN C    C  N N 43  
ASN O    O  N N 44  
ASN CB   C  N N 45  
ASN CG   C  N N 46  
ASN OD1  O  N N 47  
ASN ND2  N  N N 48  
ASN OXT  O  N N 49  
ASN H    H  N N 50  
ASN H2   H  N N 51  
ASN HA   H  N N 52  
ASN HB2  H  N N 53  
ASN HB3  H  N N 54  
ASN HD21 H  N N 55  
ASN HD22 H  N N 56  
ASN HXT  H  N N 57  
ASP N    N  N N 58  
ASP CA   C  N S 59  
ASP C    C  N N 60  
ASP O    O  N N 61  
ASP CB   C  N N 62  
ASP CG   C  N N 63  
ASP OD1  O  N N 64  
ASP OD2  O  N N 65  
ASP OXT  O  N N 66  
ASP H    H  N N 67  
ASP H2   H  N N 68  
ASP HA   H  N N 69  
ASP HB2  H  N N 70  
ASP HB3  H  N N 71  
ASP HD2  H  N N 72  
ASP HXT  H  N N 73  
CYS N    N  N N 74  
CYS CA   C  N R 75  
CYS C    C  N N 76  
CYS O    O  N N 77  
CYS CB   C  N N 78  
CYS SG   S  N N 79  
CYS OXT  O  N N 80  
CYS H    H  N N 81  
CYS H2   H  N N 82  
CYS HA   H  N N 83  
CYS HB2  H  N N 84  
CYS HB3  H  N N 85  
CYS HG   H  N N 86  
CYS HXT  H  N N 87  
GLN N    N  N N 88  
GLN CA   C  N S 89  
GLN C    C  N N 90  
GLN O    O  N N 91  
GLN CB   C  N N 92  
GLN CG   C  N N 93  
GLN CD   C  N N 94  
GLN OE1  O  N N 95  
GLN NE2  N  N N 96  
GLN OXT  O  N N 97  
GLN H    H  N N 98  
GLN H2   H  N N 99  
GLN HA   H  N N 100 
GLN HB2  H  N N 101 
GLN HB3  H  N N 102 
GLN HG2  H  N N 103 
GLN HG3  H  N N 104 
GLN HE21 H  N N 105 
GLN HE22 H  N N 106 
GLN HXT  H  N N 107 
GLU N    N  N N 108 
GLU CA   C  N S 109 
GLU C    C  N N 110 
GLU O    O  N N 111 
GLU CB   C  N N 112 
GLU CG   C  N N 113 
GLU CD   C  N N 114 
GLU OE1  O  N N 115 
GLU OE2  O  N N 116 
GLU OXT  O  N N 117 
GLU H    H  N N 118 
GLU H2   H  N N 119 
GLU HA   H  N N 120 
GLU HB2  H  N N 121 
GLU HB3  H  N N 122 
GLU HG2  H  N N 123 
GLU HG3  H  N N 124 
GLU HE2  H  N N 125 
GLU HXT  H  N N 126 
GLY N    N  N N 127 
GLY CA   C  N N 128 
GLY C    C  N N 129 
GLY O    O  N N 130 
GLY OXT  O  N N 131 
GLY H    H  N N 132 
GLY H2   H  N N 133 
GLY HA2  H  N N 134 
GLY HA3  H  N N 135 
GLY HXT  H  N N 136 
HIS N    N  N N 137 
HIS CA   C  N S 138 
HIS C    C  N N 139 
HIS O    O  N N 140 
HIS CB   C  N N 141 
HIS CG   C  Y N 142 
HIS ND1  N  Y N 143 
HIS CD2  C  Y N 144 
HIS CE1  C  Y N 145 
HIS NE2  N  Y N 146 
HIS OXT  O  N N 147 
HIS H    H  N N 148 
HIS H2   H  N N 149 
HIS HA   H  N N 150 
HIS HB2  H  N N 151 
HIS HB3  H  N N 152 
HIS HD1  H  N N 153 
HIS HD2  H  N N 154 
HIS HE1  H  N N 155 
HIS HE2  H  N N 156 
HIS HXT  H  N N 157 
HOH O    O  N N 158 
HOH H1   H  N N 159 
HOH H2   H  N N 160 
ILE N    N  N N 161 
ILE CA   C  N S 162 
ILE C    C  N N 163 
ILE O    O  N N 164 
ILE CB   C  N S 165 
ILE CG1  C  N N 166 
ILE CG2  C  N N 167 
ILE CD1  C  N N 168 
ILE OXT  O  N N 169 
ILE H    H  N N 170 
ILE H2   H  N N 171 
ILE HA   H  N N 172 
ILE HB   H  N N 173 
ILE HG12 H  N N 174 
ILE HG13 H  N N 175 
ILE HG21 H  N N 176 
ILE HG22 H  N N 177 
ILE HG23 H  N N 178 
ILE HD11 H  N N 179 
ILE HD12 H  N N 180 
ILE HD13 H  N N 181 
ILE HXT  H  N N 182 
LEU N    N  N N 183 
LEU CA   C  N S 184 
LEU C    C  N N 185 
LEU O    O  N N 186 
LEU CB   C  N N 187 
LEU CG   C  N N 188 
LEU CD1  C  N N 189 
LEU CD2  C  N N 190 
LEU OXT  O  N N 191 
LEU H    H  N N 192 
LEU H2   H  N N 193 
LEU HA   H  N N 194 
LEU HB2  H  N N 195 
LEU HB3  H  N N 196 
LEU HG   H  N N 197 
LEU HD11 H  N N 198 
LEU HD12 H  N N 199 
LEU HD13 H  N N 200 
LEU HD21 H  N N 201 
LEU HD22 H  N N 202 
LEU HD23 H  N N 203 
LEU HXT  H  N N 204 
LYS N    N  N N 205 
LYS CA   C  N S 206 
LYS C    C  N N 207 
LYS O    O  N N 208 
LYS CB   C  N N 209 
LYS CG   C  N N 210 
LYS CD   C  N N 211 
LYS CE   C  N N 212 
LYS NZ   N  N N 213 
LYS OXT  O  N N 214 
LYS H    H  N N 215 
LYS H2   H  N N 216 
LYS HA   H  N N 217 
LYS HB2  H  N N 218 
LYS HB3  H  N N 219 
LYS HG2  H  N N 220 
LYS HG3  H  N N 221 
LYS HD2  H  N N 222 
LYS HD3  H  N N 223 
LYS HE2  H  N N 224 
LYS HE3  H  N N 225 
LYS HZ1  H  N N 226 
LYS HZ2  H  N N 227 
LYS HZ3  H  N N 228 
LYS HXT  H  N N 229 
MSE N    N  N N 230 
MSE CA   C  N S 231 
MSE C    C  N N 232 
MSE O    O  N N 233 
MSE OXT  O  N N 234 
MSE CB   C  N N 235 
MSE CG   C  N N 236 
MSE SE   SE N N 237 
MSE CE   C  N N 238 
MSE H    H  N N 239 
MSE H2   H  N N 240 
MSE HA   H  N N 241 
MSE HXT  H  N N 242 
MSE HB2  H  N N 243 
MSE HB3  H  N N 244 
MSE HG2  H  N N 245 
MSE HG3  H  N N 246 
MSE HE1  H  N N 247 
MSE HE2  H  N N 248 
MSE HE3  H  N N 249 
PHE N    N  N N 250 
PHE CA   C  N S 251 
PHE C    C  N N 252 
PHE O    O  N N 253 
PHE CB   C  N N 254 
PHE CG   C  Y N 255 
PHE CD1  C  Y N 256 
PHE CD2  C  Y N 257 
PHE CE1  C  Y N 258 
PHE CE2  C  Y N 259 
PHE CZ   C  Y N 260 
PHE OXT  O  N N 261 
PHE H    H  N N 262 
PHE H2   H  N N 263 
PHE HA   H  N N 264 
PHE HB2  H  N N 265 
PHE HB3  H  N N 266 
PHE HD1  H  N N 267 
PHE HD2  H  N N 268 
PHE HE1  H  N N 269 
PHE HE2  H  N N 270 
PHE HZ   H  N N 271 
PHE HXT  H  N N 272 
PRO N    N  N N 273 
PRO CA   C  N S 274 
PRO C    C  N N 275 
PRO O    O  N N 276 
PRO CB   C  N N 277 
PRO CG   C  N N 278 
PRO CD   C  N N 279 
PRO OXT  O  N N 280 
PRO H    H  N N 281 
PRO HA   H  N N 282 
PRO HB2  H  N N 283 
PRO HB3  H  N N 284 
PRO HG2  H  N N 285 
PRO HG3  H  N N 286 
PRO HD2  H  N N 287 
PRO HD3  H  N N 288 
PRO HXT  H  N N 289 
SER N    N  N N 290 
SER CA   C  N S 291 
SER C    C  N N 292 
SER O    O  N N 293 
SER CB   C  N N 294 
SER OG   O  N N 295 
SER OXT  O  N N 296 
SER H    H  N N 297 
SER H2   H  N N 298 
SER HA   H  N N 299 
SER HB2  H  N N 300 
SER HB3  H  N N 301 
SER HG   H  N N 302 
SER HXT  H  N N 303 
THR N    N  N N 304 
THR CA   C  N S 305 
THR C    C  N N 306 
THR O    O  N N 307 
THR CB   C  N R 308 
THR OG1  O  N N 309 
THR CG2  C  N N 310 
THR OXT  O  N N 311 
THR H    H  N N 312 
THR H2   H  N N 313 
THR HA   H  N N 314 
THR HB   H  N N 315 
THR HG1  H  N N 316 
THR HG21 H  N N 317 
THR HG22 H  N N 318 
THR HG23 H  N N 319 
THR HXT  H  N N 320 
TRP N    N  N N 321 
TRP CA   C  N S 322 
TRP C    C  N N 323 
TRP O    O  N N 324 
TRP CB   C  N N 325 
TRP CG   C  Y N 326 
TRP CD1  C  Y N 327 
TRP CD2  C  Y N 328 
TRP NE1  N  Y N 329 
TRP CE2  C  Y N 330 
TRP CE3  C  Y N 331 
TRP CZ2  C  Y N 332 
TRP CZ3  C  Y N 333 
TRP CH2  C  Y N 334 
TRP OXT  O  N N 335 
TRP H    H  N N 336 
TRP H2   H  N N 337 
TRP HA   H  N N 338 
TRP HB2  H  N N 339 
TRP HB3  H  N N 340 
TRP HD1  H  N N 341 
TRP HE1  H  N N 342 
TRP HE3  H  N N 343 
TRP HZ2  H  N N 344 
TRP HZ3  H  N N 345 
TRP HH2  H  N N 346 
TRP HXT  H  N N 347 
TYR N    N  N N 348 
TYR CA   C  N S 349 
TYR C    C  N N 350 
TYR O    O  N N 351 
TYR CB   C  N N 352 
TYR CG   C  Y N 353 
TYR CD1  C  Y N 354 
TYR CD2  C  Y N 355 
TYR CE1  C  Y N 356 
TYR CE2  C  Y N 357 
TYR CZ   C  Y N 358 
TYR OH   O  N N 359 
TYR OXT  O  N N 360 
TYR H    H  N N 361 
TYR H2   H  N N 362 
TYR HA   H  N N 363 
TYR HB2  H  N N 364 
TYR HB3  H  N N 365 
TYR HD1  H  N N 366 
TYR HD2  H  N N 367 
TYR HE1  H  N N 368 
TYR HE2  H  N N 369 
TYR HH   H  N N 370 
TYR HXT  H  N N 371 
VAL N    N  N N 372 
VAL CA   C  N S 373 
VAL C    C  N N 374 
VAL O    O  N N 375 
VAL CB   C  N N 376 
VAL CG1  C  N N 377 
VAL CG2  C  N N 378 
VAL OXT  O  N N 379 
VAL H    H  N N 380 
VAL H2   H  N N 381 
VAL HA   H  N N 382 
VAL HB   H  N N 383 
VAL HG11 H  N N 384 
VAL HG12 H  N N 385 
VAL HG13 H  N N 386 
VAL HG21 H  N N 387 
VAL HG22 H  N N 388 
VAL HG23 H  N N 389 
VAL HXT  H  N N 390 
# 
loop_
_chem_comp_bond.comp_id 
_chem_comp_bond.atom_id_1 
_chem_comp_bond.atom_id_2 
_chem_comp_bond.value_order 
_chem_comp_bond.pdbx_aromatic_flag 
_chem_comp_bond.pdbx_stereo_config 
_chem_comp_bond.pdbx_ordinal 
ALA N   CA   sing N N 1   
ALA N   H    sing N N 2   
ALA N   H2   sing N N 3   
ALA CA  C    sing N N 4   
ALA CA  CB   sing N N 5   
ALA CA  HA   sing N N 6   
ALA C   O    doub N N 7   
ALA C   OXT  sing N N 8   
ALA CB  HB1  sing N N 9   
ALA CB  HB2  sing N N 10  
ALA CB  HB3  sing N N 11  
ALA OXT HXT  sing N N 12  
ARG N   CA   sing N N 13  
ARG N   H    sing N N 14  
ARG N   H2   sing N N 15  
ARG CA  C    sing N N 16  
ARG CA  CB   sing N N 17  
ARG CA  HA   sing N N 18  
ARG C   O    doub N N 19  
ARG C   OXT  sing N N 20  
ARG CB  CG   sing N N 21  
ARG CB  HB2  sing N N 22  
ARG CB  HB3  sing N N 23  
ARG CG  CD   sing N N 24  
ARG CG  HG2  sing N N 25  
ARG CG  HG3  sing N N 26  
ARG CD  NE   sing N N 27  
ARG CD  HD2  sing N N 28  
ARG CD  HD3  sing N N 29  
ARG NE  CZ   sing N N 30  
ARG NE  HE   sing N N 31  
ARG CZ  NH1  sing N N 32  
ARG CZ  NH2  doub N N 33  
ARG NH1 HH11 sing N N 34  
ARG NH1 HH12 sing N N 35  
ARG NH2 HH21 sing N N 36  
ARG NH2 HH22 sing N N 37  
ARG OXT HXT  sing N N 38  
ASN N   CA   sing N N 39  
ASN N   H    sing N N 40  
ASN N   H2   sing N N 41  
ASN CA  C    sing N N 42  
ASN CA  CB   sing N N 43  
ASN CA  HA   sing N N 44  
ASN C   O    doub N N 45  
ASN C   OXT  sing N N 46  
ASN CB  CG   sing N N 47  
ASN CB  HB2  sing N N 48  
ASN CB  HB3  sing N N 49  
ASN CG  OD1  doub N N 50  
ASN CG  ND2  sing N N 51  
ASN ND2 HD21 sing N N 52  
ASN ND2 HD22 sing N N 53  
ASN OXT HXT  sing N N 54  
ASP N   CA   sing N N 55  
ASP N   H    sing N N 56  
ASP N   H2   sing N N 57  
ASP CA  C    sing N N 58  
ASP CA  CB   sing N N 59  
ASP CA  HA   sing N N 60  
ASP C   O    doub N N 61  
ASP C   OXT  sing N N 62  
ASP CB  CG   sing N N 63  
ASP CB  HB2  sing N N 64  
ASP CB  HB3  sing N N 65  
ASP CG  OD1  doub N N 66  
ASP CG  OD2  sing N N 67  
ASP OD2 HD2  sing N N 68  
ASP OXT HXT  sing N N 69  
CYS N   CA   sing N N 70  
CYS N   H    sing N N 71  
CYS N   H2   sing N N 72  
CYS CA  C    sing N N 73  
CYS CA  CB   sing N N 74  
CYS CA  HA   sing N N 75  
CYS C   O    doub N N 76  
CYS C   OXT  sing N N 77  
CYS CB  SG   sing N N 78  
CYS CB  HB2  sing N N 79  
CYS CB  HB3  sing N N 80  
CYS SG  HG   sing N N 81  
CYS OXT HXT  sing N N 82  
GLN N   CA   sing N N 83  
GLN N   H    sing N N 84  
GLN N   H2   sing N N 85  
GLN CA  C    sing N N 86  
GLN CA  CB   sing N N 87  
GLN CA  HA   sing N N 88  
GLN C   O    doub N N 89  
GLN C   OXT  sing N N 90  
GLN CB  CG   sing N N 91  
GLN CB  HB2  sing N N 92  
GLN CB  HB3  sing N N 93  
GLN CG  CD   sing N N 94  
GLN CG  HG2  sing N N 95  
GLN CG  HG3  sing N N 96  
GLN CD  OE1  doub N N 97  
GLN CD  NE2  sing N N 98  
GLN NE2 HE21 sing N N 99  
GLN NE2 HE22 sing N N 100 
GLN OXT HXT  sing N N 101 
GLU N   CA   sing N N 102 
GLU N   H    sing N N 103 
GLU N   H2   sing N N 104 
GLU CA  C    sing N N 105 
GLU CA  CB   sing N N 106 
GLU CA  HA   sing N N 107 
GLU C   O    doub N N 108 
GLU C   OXT  sing N N 109 
GLU CB  CG   sing N N 110 
GLU CB  HB2  sing N N 111 
GLU CB  HB3  sing N N 112 
GLU CG  CD   sing N N 113 
GLU CG  HG2  sing N N 114 
GLU CG  HG3  sing N N 115 
GLU CD  OE1  doub N N 116 
GLU CD  OE2  sing N N 117 
GLU OE2 HE2  sing N N 118 
GLU OXT HXT  sing N N 119 
GLY N   CA   sing N N 120 
GLY N   H    sing N N 121 
GLY N   H2   sing N N 122 
GLY CA  C    sing N N 123 
GLY CA  HA2  sing N N 124 
GLY CA  HA3  sing N N 125 
GLY C   O    doub N N 126 
GLY C   OXT  sing N N 127 
GLY OXT HXT  sing N N 128 
HIS N   CA   sing N N 129 
HIS N   H    sing N N 130 
HIS N   H2   sing N N 131 
HIS CA  C    sing N N 132 
HIS CA  CB   sing N N 133 
HIS CA  HA   sing N N 134 
HIS C   O    doub N N 135 
HIS C   OXT  sing N N 136 
HIS CB  CG   sing N N 137 
HIS CB  HB2  sing N N 138 
HIS CB  HB3  sing N N 139 
HIS CG  ND1  sing Y N 140 
HIS CG  CD2  doub Y N 141 
HIS ND1 CE1  doub Y N 142 
HIS ND1 HD1  sing N N 143 
HIS CD2 NE2  sing Y N 144 
HIS CD2 HD2  sing N N 145 
HIS CE1 NE2  sing Y N 146 
HIS CE1 HE1  sing N N 147 
HIS NE2 HE2  sing N N 148 
HIS OXT HXT  sing N N 149 
HOH O   H1   sing N N 150 
HOH O   H2   sing N N 151 
ILE N   CA   sing N N 152 
ILE N   H    sing N N 153 
ILE N   H2   sing N N 154 
ILE CA  C    sing N N 155 
ILE CA  CB   sing N N 156 
ILE CA  HA   sing N N 157 
ILE C   O    doub N N 158 
ILE C   OXT  sing N N 159 
ILE CB  CG1  sing N N 160 
ILE CB  CG2  sing N N 161 
ILE CB  HB   sing N N 162 
ILE CG1 CD1  sing N N 163 
ILE CG1 HG12 sing N N 164 
ILE CG1 HG13 sing N N 165 
ILE CG2 HG21 sing N N 166 
ILE CG2 HG22 sing N N 167 
ILE CG2 HG23 sing N N 168 
ILE CD1 HD11 sing N N 169 
ILE CD1 HD12 sing N N 170 
ILE CD1 HD13 sing N N 171 
ILE OXT HXT  sing N N 172 
LEU N   CA   sing N N 173 
LEU N   H    sing N N 174 
LEU N   H2   sing N N 175 
LEU CA  C    sing N N 176 
LEU CA  CB   sing N N 177 
LEU CA  HA   sing N N 178 
LEU C   O    doub N N 179 
LEU C   OXT  sing N N 180 
LEU CB  CG   sing N N 181 
LEU CB  HB2  sing N N 182 
LEU CB  HB3  sing N N 183 
LEU CG  CD1  sing N N 184 
LEU CG  CD2  sing N N 185 
LEU CG  HG   sing N N 186 
LEU CD1 HD11 sing N N 187 
LEU CD1 HD12 sing N N 188 
LEU CD1 HD13 sing N N 189 
LEU CD2 HD21 sing N N 190 
LEU CD2 HD22 sing N N 191 
LEU CD2 HD23 sing N N 192 
LEU OXT HXT  sing N N 193 
LYS N   CA   sing N N 194 
LYS N   H    sing N N 195 
LYS N   H2   sing N N 196 
LYS CA  C    sing N N 197 
LYS CA  CB   sing N N 198 
LYS CA  HA   sing N N 199 
LYS C   O    doub N N 200 
LYS C   OXT  sing N N 201 
LYS CB  CG   sing N N 202 
LYS CB  HB2  sing N N 203 
LYS CB  HB3  sing N N 204 
LYS CG  CD   sing N N 205 
LYS CG  HG2  sing N N 206 
LYS CG  HG3  sing N N 207 
LYS CD  CE   sing N N 208 
LYS CD  HD2  sing N N 209 
LYS CD  HD3  sing N N 210 
LYS CE  NZ   sing N N 211 
LYS CE  HE2  sing N N 212 
LYS CE  HE3  sing N N 213 
LYS NZ  HZ1  sing N N 214 
LYS NZ  HZ2  sing N N 215 
LYS NZ  HZ3  sing N N 216 
LYS OXT HXT  sing N N 217 
MSE N   CA   sing N N 218 
MSE N   H    sing N N 219 
MSE N   H2   sing N N 220 
MSE CA  C    sing N N 221 
MSE CA  CB   sing N N 222 
MSE CA  HA   sing N N 223 
MSE C   O    doub N N 224 
MSE C   OXT  sing N N 225 
MSE OXT HXT  sing N N 226 
MSE CB  CG   sing N N 227 
MSE CB  HB2  sing N N 228 
MSE CB  HB3  sing N N 229 
MSE CG  SE   sing N N 230 
MSE CG  HG2  sing N N 231 
MSE CG  HG3  sing N N 232 
MSE SE  CE   sing N N 233 
MSE CE  HE1  sing N N 234 
MSE CE  HE2  sing N N 235 
MSE CE  HE3  sing N N 236 
PHE N   CA   sing N N 237 
PHE N   H    sing N N 238 
PHE N   H2   sing N N 239 
PHE CA  C    sing N N 240 
PHE CA  CB   sing N N 241 
PHE CA  HA   sing N N 242 
PHE C   O    doub N N 243 
PHE C   OXT  sing N N 244 
PHE CB  CG   sing N N 245 
PHE CB  HB2  sing N N 246 
PHE CB  HB3  sing N N 247 
PHE CG  CD1  doub Y N 248 
PHE CG  CD2  sing Y N 249 
PHE CD1 CE1  sing Y N 250 
PHE CD1 HD1  sing N N 251 
PHE CD2 CE2  doub Y N 252 
PHE CD2 HD2  sing N N 253 
PHE CE1 CZ   doub Y N 254 
PHE CE1 HE1  sing N N 255 
PHE CE2 CZ   sing Y N 256 
PHE CE2 HE2  sing N N 257 
PHE CZ  HZ   sing N N 258 
PHE OXT HXT  sing N N 259 
PRO N   CA   sing N N 260 
PRO N   CD   sing N N 261 
PRO N   H    sing N N 262 
PRO CA  C    sing N N 263 
PRO CA  CB   sing N N 264 
PRO CA  HA   sing N N 265 
PRO C   O    doub N N 266 
PRO C   OXT  sing N N 267 
PRO CB  CG   sing N N 268 
PRO CB  HB2  sing N N 269 
PRO CB  HB3  sing N N 270 
PRO CG  CD   sing N N 271 
PRO CG  HG2  sing N N 272 
PRO CG  HG3  sing N N 273 
PRO CD  HD2  sing N N 274 
PRO CD  HD3  sing N N 275 
PRO OXT HXT  sing N N 276 
SER N   CA   sing N N 277 
SER N   H    sing N N 278 
SER N   H2   sing N N 279 
SER CA  C    sing N N 280 
SER CA  CB   sing N N 281 
SER CA  HA   sing N N 282 
SER C   O    doub N N 283 
SER C   OXT  sing N N 284 
SER CB  OG   sing N N 285 
SER CB  HB2  sing N N 286 
SER CB  HB3  sing N N 287 
SER OG  HG   sing N N 288 
SER OXT HXT  sing N N 289 
THR N   CA   sing N N 290 
THR N   H    sing N N 291 
THR N   H2   sing N N 292 
THR CA  C    sing N N 293 
THR CA  CB   sing N N 294 
THR CA  HA   sing N N 295 
THR C   O    doub N N 296 
THR C   OXT  sing N N 297 
THR CB  OG1  sing N N 298 
THR CB  CG2  sing N N 299 
THR CB  HB   sing N N 300 
THR OG1 HG1  sing N N 301 
THR CG2 HG21 sing N N 302 
THR CG2 HG22 sing N N 303 
THR CG2 HG23 sing N N 304 
THR OXT HXT  sing N N 305 
TRP N   CA   sing N N 306 
TRP N   H    sing N N 307 
TRP N   H2   sing N N 308 
TRP CA  C    sing N N 309 
TRP CA  CB   sing N N 310 
TRP CA  HA   sing N N 311 
TRP C   O    doub N N 312 
TRP C   OXT  sing N N 313 
TRP CB  CG   sing N N 314 
TRP CB  HB2  sing N N 315 
TRP CB  HB3  sing N N 316 
TRP CG  CD1  doub Y N 317 
TRP CG  CD2  sing Y N 318 
TRP CD1 NE1  sing Y N 319 
TRP CD1 HD1  sing N N 320 
TRP CD2 CE2  doub Y N 321 
TRP CD2 CE3  sing Y N 322 
TRP NE1 CE2  sing Y N 323 
TRP NE1 HE1  sing N N 324 
TRP CE2 CZ2  sing Y N 325 
TRP CE3 CZ3  doub Y N 326 
TRP CE3 HE3  sing N N 327 
TRP CZ2 CH2  doub Y N 328 
TRP CZ2 HZ2  sing N N 329 
TRP CZ3 CH2  sing Y N 330 
TRP CZ3 HZ3  sing N N 331 
TRP CH2 HH2  sing N N 332 
TRP OXT HXT  sing N N 333 
TYR N   CA   sing N N 334 
TYR N   H    sing N N 335 
TYR N   H2   sing N N 336 
TYR CA  C    sing N N 337 
TYR CA  CB   sing N N 338 
TYR CA  HA   sing N N 339 
TYR C   O    doub N N 340 
TYR C   OXT  sing N N 341 
TYR CB  CG   sing N N 342 
TYR CB  HB2  sing N N 343 
TYR CB  HB3  sing N N 344 
TYR CG  CD1  doub Y N 345 
TYR CG  CD2  sing Y N 346 
TYR CD1 CE1  sing Y N 347 
TYR CD1 HD1  sing N N 348 
TYR CD2 CE2  doub Y N 349 
TYR CD2 HD2  sing N N 350 
TYR CE1 CZ   doub Y N 351 
TYR CE1 HE1  sing N N 352 
TYR CE2 CZ   sing Y N 353 
TYR CE2 HE2  sing N N 354 
TYR CZ  OH   sing N N 355 
TYR OH  HH   sing N N 356 
TYR OXT HXT  sing N N 357 
VAL N   CA   sing N N 358 
VAL N   H    sing N N 359 
VAL N   H2   sing N N 360 
VAL CA  C    sing N N 361 
VAL CA  CB   sing N N 362 
VAL CA  HA   sing N N 363 
VAL C   O    doub N N 364 
VAL C   OXT  sing N N 365 
VAL CB  CG1  sing N N 366 
VAL CB  CG2  sing N N 367 
VAL CB  HB   sing N N 368 
VAL CG1 HG11 sing N N 369 
VAL CG1 HG12 sing N N 370 
VAL CG1 HG13 sing N N 371 
VAL CG2 HG21 sing N N 372 
VAL CG2 HG22 sing N N 373 
VAL CG2 HG23 sing N N 374 
VAL OXT HXT  sing N N 375 
# 
_atom_sites.entry_id                    3K7B 
_atom_sites.fract_transf_matrix[1][1]   -0.00597762 
_atom_sites.fract_transf_matrix[1][2]   -0.00960526 
_atom_sites.fract_transf_matrix[1][3]   -0.00681219 
_atom_sites.fract_transf_matrix[2][1]   0.01322524 
_atom_sites.fract_transf_matrix[2][2]   -0.01112339 
_atom_sites.fract_transf_matrix[2][3]   0.00407908 
_atom_sites.fract_transf_matrix[3][1]   -0.01586176 
_atom_sites.fract_transf_matrix[3][2]   -0.01331094 
_atom_sites.fract_transf_matrix[3][3]   0.01512909 
_atom_sites.fract_transf_vector[1]      -0.287271 
_atom_sites.fract_transf_vector[2]      0.000376 
_atom_sites.fract_transf_vector[3]      -0.087717 
# 
loop_
_atom_type.symbol 
C  
N  
O  
S  
SE 
# 
loop_
_atom_site.group_PDB 
_atom_site.id 
_atom_site.type_symbol 
_atom_site.label_atom_id 
_atom_site.label_alt_id 
_atom_site.label_comp_id 
_atom_site.label_asym_id 
_atom_site.label_entity_id 
_atom_site.label_seq_id 
_atom_site.pdbx_PDB_ins_code 
_atom_site.Cartn_x 
_atom_site.Cartn_y 
_atom_site.Cartn_z 
_atom_site.occupancy 
_atom_site.B_iso_or_equiv 
_atom_site.pdbx_formal_charge 
_atom_site.auth_seq_id 
_atom_site.auth_comp_id 
_atom_site.auth_asym_id 
_atom_site.auth_atom_id 
_atom_site.pdbx_PDB_model_num 
ATOM   1    N  N   . GLU A 1 9  ? -8.374  -16.045 -6.607  1.00 70.81 ? 98  GLU A N   1 
ATOM   2    C  CA  . GLU A 1 9  ? -7.708  -14.866 -7.234  1.00 69.88 ? 98  GLU A CA  1 
ATOM   3    C  C   . GLU A 1 9  ? -8.607  -13.635 -7.118  1.00 68.30 ? 98  GLU A C   1 
ATOM   4    O  O   . GLU A 1 9  ? -8.309  -12.579 -7.683  1.00 68.24 ? 98  GLU A O   1 
ATOM   5    C  CB  . GLU A 1 9  ? -7.421  -15.145 -8.716  1.00 71.83 ? 98  GLU A CB  1 
ATOM   6    C  CG  . GLU A 1 9  ? -6.731  -16.474 -8.998  1.00 74.55 ? 98  GLU A CG  1 
ATOM   7    C  CD  . GLU A 1 9  ? -7.647  -17.667 -8.789  1.00 76.45 ? 98  GLU A CD  1 
ATOM   8    O  OE1 . GLU A 1 9  ? -8.711  -17.725 -9.445  1.00 77.32 ? 98  GLU A OE1 1 
ATOM   9    O  OE2 . GLU A 1 9  ? -7.304  -18.547 -7.970  1.00 77.47 ? 98  GLU A OE2 1 
ATOM   10   N  N   . SER A 1 10 ? -9.701  -13.778 -6.374  1.00 65.30 ? 99  SER A N   1 
ATOM   11   C  CA  . SER A 1 10 ? -10.662 -12.697 -6.191  1.00 61.48 ? 99  SER A CA  1 
ATOM   12   C  C   . SER A 1 10 ? -10.317 -11.723 -5.065  1.00 58.37 ? 99  SER A C   1 
ATOM   13   O  O   . SER A 1 10 ? -11.211 -11.135 -4.459  1.00 58.13 ? 99  SER A O   1 
ATOM   14   C  CB  . SER A 1 10 ? -12.060 -13.284 -5.958  1.00 62.06 ? 99  SER A CB  1 
ATOM   15   O  OG  . SER A 1 10 ? -12.043 -14.260 -4.931  1.00 63.16 ? 99  SER A OG  1 
ATOM   16   N  N   . CYS A 1 11 ? -9.027  -11.549 -4.786  1.00 54.38 ? 100 CYS A N   1 
ATOM   17   C  CA  . CYS A 1 11 ? -8.602  -10.624 -3.735  1.00 49.23 ? 100 CYS A CA  1 
ATOM   18   C  C   . CYS A 1 11 ? -7.974  -9.369  -4.337  1.00 45.98 ? 100 CYS A C   1 
ATOM   19   O  O   . CYS A 1 11 ? -6.825  -9.384  -4.772  1.00 45.20 ? 100 CYS A O   1 
ATOM   20   C  CB  . CYS A 1 11 ? -7.613  -11.309 -2.782  1.00 49.22 ? 100 CYS A CB  1 
ATOM   21   S  SG  . CYS A 1 11 ? -6.803  -10.218 -1.556  1.00 50.55 ? 100 CYS A SG  1 
ATOM   22   N  N   . ASN A 1 12 ? -8.745  -8.287  -4.371  1.00 42.21 ? 101 ASN A N   1 
ATOM   23   C  CA  . ASN A 1 12 ? -8.260  -7.023  -4.913  1.00 39.81 ? 101 ASN A CA  1 
ATOM   24   C  C   . ASN A 1 12 ? -7.549  -6.263  -3.806  1.00 36.30 ? 101 ASN A C   1 
ATOM   25   O  O   . ASN A 1 12 ? -8.062  -5.279  -3.278  1.00 34.91 ? 101 ASN A O   1 
ATOM   26   C  CB  . ASN A 1 12 ? -9.419  -6.195  -5.458  1.00 40.76 ? 101 ASN A CB  1 
ATOM   27   C  CG  . ASN A 1 12 ? -10.100 -6.858  -6.641  1.00 43.44 ? 101 ASN A CG  1 
ATOM   28   O  OD1 . ASN A 1 12 ? -9.568  -7.803  -7.238  1.00 42.49 ? 101 ASN A OD1 1 
ATOM   29   N  ND2 . ASN A 1 12 ? -11.278 -6.356  -6.998  1.00 43.92 ? 101 ASN A ND2 1 
ATOM   30   N  N   . GLY A 1 13 ? -6.364  -6.747  -3.456  1.00 35.22 ? 102 GLY A N   1 
ATOM   31   C  CA  . GLY A 1 13 ? -5.583  -6.137  -2.402  1.00 32.77 ? 102 GLY A CA  1 
ATOM   32   C  C   . GLY A 1 13 ? -4.439  -7.053  -2.043  1.00 31.53 ? 102 GLY A C   1 
ATOM   33   O  O   . GLY A 1 13 ? -3.963  -7.815  -2.883  1.00 31.09 ? 102 GLY A O   1 
ATOM   34   N  N   . LEU A 1 14 ? -4.000  -6.989  -0.795  1.00 31.31 ? 103 LEU A N   1 
ATOM   35   C  CA  . LEU A 1 14 ? -2.900  -7.820  -0.341  1.00 34.66 ? 103 LEU A CA  1 
ATOM   36   C  C   . LEU A 1 14 ? -3.412  -9.196  0.085   1.00 36.40 ? 103 LEU A C   1 
ATOM   37   O  O   . LEU A 1 14 ? -4.349  -9.298  0.877   1.00 36.51 ? 103 LEU A O   1 
ATOM   38   C  CB  . LEU A 1 14 ? -2.202  -7.152  0.845   1.00 31.74 ? 103 LEU A CB  1 
ATOM   39   C  CG  . LEU A 1 14 ? -1.914  -5.654  0.687   1.00 31.27 ? 103 LEU A CG  1 
ATOM   40   C  CD1 . LEU A 1 14 ? -1.404  -5.096  2.000   1.00 30.61 ? 103 LEU A CD1 1 
ATOM   41   C  CD2 . LEU A 1 14 ? -0.904  -5.437  -0.412  1.00 32.13 ? 103 LEU A CD2 1 
ATOM   42   N  N   . TYR A 1 15 ? -2.802  -10.249 -0.448  1.00 38.76 ? 104 TYR A N   1 
ATOM   43   C  CA  . TYR A 1 15 ? -3.195  -11.610 -0.084  1.00 42.52 ? 104 TYR A CA  1 
ATOM   44   C  C   . TYR A 1 15 ? -2.036  -12.234 0.680   1.00 43.58 ? 104 TYR A C   1 
ATOM   45   O  O   . TYR A 1 15 ? -0.916  -12.287 0.174   1.00 44.11 ? 104 TYR A O   1 
ATOM   46   C  CB  . TYR A 1 15 ? -3.497  -12.441 -1.327  1.00 45.33 ? 104 TYR A CB  1 
ATOM   47   C  CG  . TYR A 1 15 ? -3.972  -13.834 -0.994  1.00 49.89 ? 104 TYR A CG  1 
ATOM   48   C  CD1 . TYR A 1 15 ? -5.218  -14.040 -0.405  1.00 52.02 ? 104 TYR A CD1 1 
ATOM   49   C  CD2 . TYR A 1 15 ? -3.162  -14.946 -1.233  1.00 51.67 ? 104 TYR A CD2 1 
ATOM   50   C  CE1 . TYR A 1 15 ? -5.651  -15.321 -0.056  1.00 53.95 ? 104 TYR A CE1 1 
ATOM   51   C  CE2 . TYR A 1 15 ? -3.585  -16.236 -0.885  1.00 54.02 ? 104 TYR A CE2 1 
ATOM   52   C  CZ  . TYR A 1 15 ? -4.831  -16.412 -0.296  1.00 54.05 ? 104 TYR A CZ  1 
ATOM   53   O  OH  . TYR A 1 15 ? -5.258  -17.670 0.065   1.00 56.16 ? 104 TYR A OH  1 
ATOM   54   N  N   . TYR A 1 16 ? -2.299  -12.705 1.895   1.00 44.96 ? 105 TYR A N   1 
ATOM   55   C  CA  . TYR A 1 16 ? -1.244  -13.292 2.714   1.00 47.89 ? 105 TYR A CA  1 
ATOM   56   C  C   . TYR A 1 16 ? -1.775  -14.284 3.746   1.00 49.35 ? 105 TYR A C   1 
ATOM   57   O  O   . TYR A 1 16 ? -2.640  -13.946 4.556   1.00 49.51 ? 105 TYR A O   1 
ATOM   58   C  CB  . TYR A 1 16 ? -0.489  -12.168 3.418   1.00 48.83 ? 105 TYR A CB  1 
ATOM   59   C  CG  . TYR A 1 16 ? 0.504   -12.608 4.466   1.00 50.20 ? 105 TYR A CG  1 
ATOM   60   C  CD1 . TYR A 1 16 ? 1.719   -13.199 4.113   1.00 49.30 ? 105 TYR A CD1 1 
ATOM   61   C  CD2 . TYR A 1 16 ? 0.240   -12.396 5.821   1.00 50.11 ? 105 TYR A CD2 1 
ATOM   62   C  CE1 . TYR A 1 16 ? 2.650   -13.562 5.091   1.00 50.04 ? 105 TYR A CE1 1 
ATOM   63   C  CE2 . TYR A 1 16 ? 1.158   -12.752 6.800   1.00 50.74 ? 105 TYR A CE2 1 
ATOM   64   C  CZ  . TYR A 1 16 ? 2.359   -13.330 6.433   1.00 50.79 ? 105 TYR A CZ  1 
ATOM   65   O  OH  . TYR A 1 16 ? 3.259   -13.662 7.421   1.00 52.40 ? 105 TYR A OH  1 
ATOM   66   N  N   . GLN A 1 17 ? -1.244  -15.502 3.717   1.00 51.62 ? 106 GLN A N   1 
ATOM   67   C  CA  . GLN A 1 17 ? -1.656  -16.552 4.651   1.00 53.58 ? 106 GLN A CA  1 
ATOM   68   C  C   . GLN A 1 17 ? -3.166  -16.793 4.609   1.00 53.23 ? 106 GLN A C   1 
ATOM   69   O  O   . GLN A 1 17 ? -3.838  -16.766 5.642   1.00 52.73 ? 106 GLN A O   1 
ATOM   70   C  CB  . GLN A 1 17 ? -1.242  -16.185 6.081   1.00 54.98 ? 106 GLN A CB  1 
ATOM   71   C  CG  . GLN A 1 17 ? 0.247   -15.932 6.255   1.00 58.05 ? 106 GLN A CG  1 
ATOM   72   C  CD  . GLN A 1 17 ? 1.096   -17.165 6.009   1.00 59.66 ? 106 GLN A CD  1 
ATOM   73   O  OE1 . GLN A 1 17 ? 1.060   -18.126 6.783   1.00 61.08 ? 106 GLN A OE1 1 
ATOM   74   N  NE2 . GLN A 1 17 ? 1.866   -17.147 4.924   1.00 59.19 ? 106 GLN A NE2 1 
ATOM   75   N  N   . GLY A 1 18 ? -3.692  -17.023 3.411   1.00 52.90 ? 107 GLY A N   1 
ATOM   76   C  CA  . GLY A 1 18 ? -5.114  -17.276 3.266   1.00 53.28 ? 107 GLY A CA  1 
ATOM   77   C  C   . GLY A 1 18 ? -6.038  -16.134 3.660   1.00 53.70 ? 107 GLY A C   1 
ATOM   78   O  O   . GLY A 1 18 ? -7.244  -16.338 3.817   1.00 54.28 ? 107 GLY A O   1 
ATOM   79   N  N   . SER A 1 19 ? -5.486  -14.935 3.829   1.00 51.63 ? 108 SER A N   1 
ATOM   80   C  CA  . SER A 1 19 ? -6.296  -13.778 4.188   1.00 49.66 ? 108 SER A CA  1 
ATOM   81   C  C   . SER A 1 19 ? -6.111  -12.665 3.171   1.00 47.14 ? 108 SER A C   1 
ATOM   82   O  O   . SER A 1 19 ? -5.046  -12.538 2.562   1.00 46.51 ? 108 SER A O   1 
ATOM   83   C  CB  . SER A 1 19 ? -5.930  -13.267 5.584   1.00 52.13 ? 108 SER A CB  1 
ATOM   84   O  OG  . SER A 1 19 ? -6.515  -14.070 6.595   1.00 54.78 ? 108 SER A OG  1 
ATOM   85   N  N   . CYS A 1 20 ? -7.163  -11.872 2.989   1.00 44.20 ? 109 CYS A N   1 
ATOM   86   C  CA  . CYS A 1 20 ? -7.143  -10.766 2.045   1.00 41.89 ? 109 CYS A CA  1 
ATOM   87   C  C   . CYS A 1 20 ? -7.264  -9.440  2.781   1.00 39.32 ? 109 CYS A C   1 
ATOM   88   O  O   . CYS A 1 20 ? -8.231  -9.202  3.512   1.00 38.45 ? 109 CYS A O   1 
ATOM   89   C  CB  . CYS A 1 20 ? -8.282  -10.909 1.035   1.00 44.01 ? 109 CYS A CB  1 
ATOM   90   S  SG  . CYS A 1 20 ? -8.285  -9.643  -0.276  1.00 49.94 ? 109 CYS A SG  1 
ATOM   91   N  N   . TYR A 1 21 ? -6.259  -8.591  2.588   1.00 34.86 ? 110 TYR A N   1 
ATOM   92   C  CA  . TYR A 1 21 ? -6.200  -7.271  3.210   1.00 31.48 ? 110 TYR A CA  1 
ATOM   93   C  C   . TYR A 1 21 ? -6.685  -6.217  2.218   1.00 29.12 ? 110 TYR A C   1 
ATOM   94   O  O   . TYR A 1 21 ? -6.016  -5.957  1.222   1.00 27.57 ? 110 TYR A O   1 
ATOM   95   C  CB  . TYR A 1 21 ? -4.757  -6.954  3.611   1.00 30.42 ? 110 TYR A CB  1 
ATOM   96   C  CG  . TYR A 1 21 ? -4.213  -7.783  4.758   1.00 29.02 ? 110 TYR A CG  1 
ATOM   97   C  CD1 . TYR A 1 21 ? -3.917  -7.189  5.985   1.00 30.70 ? 110 TYR A CD1 1 
ATOM   98   C  CD2 . TYR A 1 21 ? -3.984  -9.152  4.618   1.00 28.94 ? 110 TYR A CD2 1 
ATOM   99   C  CE1 . TYR A 1 21 ? -3.403  -7.934  7.049   1.00 31.71 ? 110 TYR A CE1 1 
ATOM   100  C  CE2 . TYR A 1 21 ? -3.470  -9.911  5.678   1.00 30.27 ? 110 TYR A CE2 1 
ATOM   101  C  CZ  . TYR A 1 21 ? -3.184  -9.291  6.890   1.00 30.88 ? 110 TYR A CZ  1 
ATOM   102  O  OH  . TYR A 1 21 ? -2.685  -10.011 7.952   1.00 35.81 ? 110 TYR A OH  1 
ATOM   103  N  N   . ILE A 1 22 ? -7.838  -5.612  2.493   1.00 28.88 ? 111 ILE A N   1 
ATOM   104  C  CA  . ILE A 1 22 ? -8.396  -4.596  1.602   1.00 28.02 ? 111 ILE A CA  1 
ATOM   105  C  C   . ILE A 1 22 ? -8.161  -3.195  2.145   1.00 27.99 ? 111 ILE A C   1 
ATOM   106  O  O   . ILE A 1 22 ? -8.558  -2.876  3.268   1.00 28.10 ? 111 ILE A O   1 
ATOM   107  C  CB  . ILE A 1 22 ? -9.911  -4.806  1.397   1.00 30.01 ? 111 ILE A CB  1 
ATOM   108  C  CG1 . ILE A 1 22 ? -10.166 -6.203  0.826   1.00 30.58 ? 111 ILE A CG1 1 
ATOM   109  C  CG2 . ILE A 1 22 ? -10.463 -3.760  0.448   1.00 30.26 ? 111 ILE A CG2 1 
ATOM   110  C  CD1 . ILE A 1 22 ? -9.481  -6.452  -0.505  1.00 34.03 ? 111 ILE A CD1 1 
ATOM   111  N  N   . LEU A 1 23 ? -7.510  -2.362  1.339   1.00 26.86 ? 112 LEU A N   1 
ATOM   112  C  CA  . LEU A 1 23 ? -7.205  -0.999  1.735   1.00 27.00 ? 112 LEU A CA  1 
ATOM   113  C  C   . LEU A 1 23 ? -8.398  -0.052  1.685   1.00 27.76 ? 112 LEU A C   1 
ATOM   114  O  O   . LEU A 1 23 ? -9.110  0.009   0.687   1.00 26.38 ? 112 LEU A O   1 
ATOM   115  C  CB  . LEU A 1 23 ? -6.098  -0.439  0.846   1.00 26.77 ? 112 LEU A CB  1 
ATOM   116  C  CG  . LEU A 1 23 ? -5.898  1.073   0.982   1.00 26.57 ? 112 LEU A CG  1 
ATOM   117  C  CD1 . LEU A 1 23 ? -5.445  1.417   2.407   1.00 26.85 ? 112 LEU A CD1 1 
ATOM   118  C  CD2 . LEU A 1 23 ? -4.881  1.538   -0.046  1.00 28.45 ? 112 LEU A CD2 1 
ATOM   119  N  N   . HIS A 1 24 ? -8.605  0.679   2.779   1.00 29.04 ? 113 HIS A N   1 
ATOM   120  C  CA  . HIS A 1 24 ? -9.664  1.681   2.873   1.00 30.82 ? 113 HIS A CA  1 
ATOM   121  C  C   . HIS A 1 24 ? -8.928  3.011   3.021   1.00 33.32 ? 113 HIS A C   1 
ATOM   122  O  O   . HIS A 1 24 ? -8.400  3.325   4.090   1.00 29.77 ? 113 HIS A O   1 
ATOM   123  C  CB  . HIS A 1 24 ? -10.559 1.429   4.090   1.00 31.52 ? 113 HIS A CB  1 
ATOM   124  C  CG  . HIS A 1 24 ? -11.554 0.326   3.891   1.00 34.95 ? 113 HIS A CG  1 
ATOM   125  N  ND1 . HIS A 1 24 ? -11.179 -0.982  3.662   1.00 36.31 ? 113 HIS A ND1 1 
ATOM   126  C  CD2 . HIS A 1 24 ? -12.908 0.343   3.844   1.00 34.49 ? 113 HIS A CD2 1 
ATOM   127  C  CE1 . HIS A 1 24 ? -12.260 -1.721  3.479   1.00 36.24 ? 113 HIS A CE1 1 
ATOM   128  N  NE2 . HIS A 1 24 ? -13.321 -0.943  3.583   1.00 35.04 ? 113 HIS A NE2 1 
ATOM   129  N  N   . SER A 1 25 ? -8.903  3.786   1.939   1.00 34.87 ? 114 SER A N   1 
ATOM   130  C  CA  . SER A 1 25 ? -8.189  5.060   1.897   1.00 36.88 ? 114 SER A CA  1 
ATOM   131  C  C   . SER A 1 25 ? -8.761  6.240   2.675   1.00 36.87 ? 114 SER A C   1 
ATOM   132  O  O   . SER A 1 25 ? -8.101  7.265   2.803   1.00 36.15 ? 114 SER A O   1 
ATOM   133  C  CB  . SER A 1 25 ? -7.968  5.477   0.437   1.00 38.55 ? 114 SER A CB  1 
ATOM   134  O  OG  . SER A 1 25 ? -9.199  5.652   -0.242  1.00 42.83 ? 114 SER A OG  1 
ATOM   135  N  N   . ASP A 1 26 ? -9.975  6.119   3.195   1.00 37.72 ? 115 ASP A N   1 
ATOM   136  C  CA  . ASP A 1 26 ? -10.549 7.222   3.960   1.00 36.92 ? 115 ASP A CA  1 
ATOM   137  C  C   . ASP A 1 26 ? -9.952  7.252   5.359   1.00 36.44 ? 115 ASP A C   1 
ATOM   138  O  O   . ASP A 1 26 ? -9.854  6.219   6.023   1.00 37.39 ? 115 ASP A O   1 
ATOM   139  C  CB  . ASP A 1 26 ? -12.072 7.084   4.059   1.00 40.64 ? 115 ASP A CB  1 
ATOM   140  C  CG  . ASP A 1 26 ? -12.506 5.750   4.652   1.00 40.69 ? 115 ASP A CG  1 
ATOM   141  O  OD1 . ASP A 1 26 ? -12.307 4.704   4.000   1.00 42.38 ? 115 ASP A OD1 1 
ATOM   142  O  OD2 . ASP A 1 26 ? -13.047 5.746   5.775   1.00 44.45 ? 115 ASP A OD2 1 
ATOM   143  N  N   . TYR A 1 27 ? -9.542  8.435   5.794   1.00 33.31 ? 116 TYR A N   1 
ATOM   144  C  CA  . TYR A 1 27 ? -8.973  8.612   7.126   1.00 34.23 ? 116 TYR A CA  1 
ATOM   145  C  C   . TYR A 1 27 ? -10.092 8.534   8.150   1.00 34.42 ? 116 TYR A C   1 
ATOM   146  O  O   . TYR A 1 27 ? -11.111 9.202   8.003   1.00 34.16 ? 116 TYR A O   1 
ATOM   147  C  CB  . TYR A 1 27 ? -8.292  9.977   7.236   1.00 35.35 ? 116 TYR A CB  1 
ATOM   148  C  CG  . TYR A 1 27 ? -6.976  10.064  6.508   1.00 36.96 ? 116 TYR A CG  1 
ATOM   149  C  CD1 . TYR A 1 27 ? -5.778  9.798   7.167   1.00 38.39 ? 116 TYR A CD1 1 
ATOM   150  C  CD2 . TYR A 1 27 ? -6.926  10.406  5.158   1.00 37.38 ? 116 TYR A CD2 1 
ATOM   151  C  CE1 . TYR A 1 27 ? -4.560  9.875   6.501   1.00 39.86 ? 116 TYR A CE1 1 
ATOM   152  C  CE2 . TYR A 1 27 ? -5.716  10.482  4.483   1.00 39.78 ? 116 TYR A CE2 1 
ATOM   153  C  CZ  . TYR A 1 27 ? -4.539  10.220  5.161   1.00 40.17 ? 116 TYR A CZ  1 
ATOM   154  O  OH  . TYR A 1 27 ? -3.334  10.330  4.506   1.00 44.84 ? 116 TYR A OH  1 
ATOM   155  N  N   . GLN A 1 28 ? -9.905  7.725   9.188   1.00 32.25 ? 117 GLN A N   1 
ATOM   156  C  CA  . GLN A 1 28 ? -10.922 7.581   10.217  1.00 31.41 ? 117 GLN A CA  1 
ATOM   157  C  C   . GLN A 1 28 ? -10.293 7.483   11.598  1.00 30.28 ? 117 GLN A C   1 
ATOM   158  O  O   . GLN A 1 28 ? -9.126  7.118   11.734  1.00 27.96 ? 117 GLN A O   1 
ATOM   159  C  CB  . GLN A 1 28 ? -11.741 6.306   9.980   1.00 31.99 ? 117 GLN A CB  1 
ATOM   160  C  CG  . GLN A 1 28 ? -12.510 6.243   8.666   1.00 32.53 ? 117 GLN A CG  1 
ATOM   161  C  CD  . GLN A 1 28 ? -13.569 7.325   8.567   1.00 33.41 ? 117 GLN A CD  1 
ATOM   162  O  OE1 . GLN A 1 28 ? -14.122 7.757   9.577   1.00 36.25 ? 117 GLN A OE1 1 
ATOM   163  N  NE2 . GLN A 1 28 ? -13.862 7.760   7.349   1.00 36.48 ? 117 GLN A NE2 1 
HETATM 164  N  N   . MSE A 1 29 ? -11.067 7.820   12.624  1.00 30.02 ? 118 MSE A N   1 
HETATM 165  C  CA  . MSE A 1 29 ? -10.578 7.675   13.980  1.00 32.75 ? 118 MSE A CA  1 
HETATM 166  C  C   . MSE A 1 29 ? -10.636 6.164   14.165  1.00 29.93 ? 118 MSE A C   1 
HETATM 167  O  O   . MSE A 1 29 ? -11.381 5.476   13.461  1.00 26.42 ? 118 MSE A O   1 
HETATM 168  C  CB  . MSE A 1 29 ? -11.498 8.360   14.979  1.00 39.43 ? 118 MSE A CB  1 
HETATM 169  C  CG  . MSE A 1 29 ? -11.693 9.836   14.721  1.00 48.63 ? 118 MSE A CG  1 
HETATM 170  SE SE  . MSE A 1 29 ? -12.487 10.581  16.132  0.80 62.90 ? 118 MSE A SE  1 
HETATM 171  C  CE  . MSE A 1 29 ? -11.042 10.956  17.121  0.80 56.26 ? 118 MSE A CE  1 
ATOM   172  N  N   . PHE A 1 30 ? -9.851  5.640   15.094  1.00 28.46 ? 119 PHE A N   1 
ATOM   173  C  CA  . PHE A 1 30 ? -9.824  4.200   15.300  1.00 28.54 ? 119 PHE A CA  1 
ATOM   174  C  C   . PHE A 1 30 ? -11.183 3.497   15.403  1.00 28.09 ? 119 PHE A C   1 
ATOM   175  O  O   . PHE A 1 30 ? -11.449 2.538   14.681  1.00 27.86 ? 119 PHE A O   1 
ATOM   176  C  CB  . PHE A 1 30 ? -9.020  3.857   16.543  1.00 27.32 ? 119 PHE A CB  1 
ATOM   177  C  CG  . PHE A 1 30 ? -9.049  2.404   16.870  1.00 25.07 ? 119 PHE A CG  1 
ATOM   178  C  CD1 . PHE A 1 30 ? -8.370  1.492   16.071  1.00 22.77 ? 119 PHE A CD1 1 
ATOM   179  C  CD2 . PHE A 1 30 ? -9.808  1.937   17.935  1.00 23.82 ? 119 PHE A CD2 1 
ATOM   180  C  CE1 . PHE A 1 30 ? -8.449  0.130   16.327  1.00 24.29 ? 119 PHE A CE1 1 
ATOM   181  C  CE2 . PHE A 1 30 ? -9.895  0.575   18.201  1.00 25.00 ? 119 PHE A CE2 1 
ATOM   182  C  CZ  . PHE A 1 30 ? -9.215  -0.329  17.396  1.00 24.17 ? 119 PHE A CZ  1 
ATOM   183  N  N   . SER A 1 31 ? -12.034 3.964   16.309  1.00 28.34 ? 120 SER A N   1 
ATOM   184  C  CA  . SER A 1 31 ? -13.352 3.354   16.510  1.00 31.71 ? 120 SER A CA  1 
ATOM   185  C  C   . SER A 1 31 ? -14.164 3.204   15.230  1.00 31.90 ? 120 SER A C   1 
ATOM   186  O  O   . SER A 1 31 ? -14.791 2.171   15.000  1.00 30.88 ? 120 SER A O   1 
ATOM   187  C  CB  . SER A 1 31 ? -14.147 4.177   17.512  1.00 31.29 ? 120 SER A CB  1 
ATOM   188  O  OG  . SER A 1 31 ? -13.382 4.371   18.685  1.00 40.63 ? 120 SER A OG  1 
ATOM   189  N  N   . ASP A 1 32 ? -14.157 4.244   14.404  1.00 30.42 ? 121 ASP A N   1 
ATOM   190  C  CA  . ASP A 1 32 ? -14.896 4.214   13.153  1.00 34.24 ? 121 ASP A CA  1 
ATOM   191  C  C   . ASP A 1 32 ? -14.284 3.221   12.169  1.00 32.88 ? 121 ASP A C   1 
ATOM   192  O  O   . ASP A 1 32 ? -15.002 2.541   11.438  1.00 34.63 ? 121 ASP A O   1 
ATOM   193  C  CB  . ASP A 1 32 ? -14.939 5.615   12.538  1.00 36.94 ? 121 ASP A CB  1 
ATOM   194  C  CG  . ASP A 1 32 ? -15.624 6.621   13.446  1.00 40.90 ? 121 ASP A CG  1 
ATOM   195  O  OD1 . ASP A 1 32 ? -16.724 6.306   13.951  1.00 43.15 ? 121 ASP A OD1 1 
ATOM   196  O  OD2 . ASP A 1 32 ? -15.069 7.724   13.654  1.00 44.70 ? 121 ASP A OD2 1 
ATOM   197  N  N   . ALA A 1 33 ? -12.958 3.136   12.145  1.00 30.53 ? 122 ALA A N   1 
ATOM   198  C  CA  . ALA A 1 33 ? -12.302 2.197   11.247  1.00 29.52 ? 122 ALA A CA  1 
ATOM   199  C  C   . ALA A 1 33 ? -12.678 0.783   11.688  1.00 28.65 ? 122 ALA A C   1 
ATOM   200  O  O   . ALA A 1 33 ? -13.039 -0.057  10.869  1.00 27.50 ? 122 ALA A O   1 
ATOM   201  C  CB  . ALA A 1 33 ? -10.790 2.375   11.303  1.00 25.80 ? 122 ALA A CB  1 
ATOM   202  N  N   . ALA A 1 34 ? -12.589 0.541   12.991  1.00 28.15 ? 123 ALA A N   1 
ATOM   203  C  CA  . ALA A 1 34 ? -12.906 -0.758  13.578  1.00 31.11 ? 123 ALA A CA  1 
ATOM   204  C  C   . ALA A 1 34 ? -14.335 -1.200  13.240  1.00 33.61 ? 123 ALA A C   1 
ATOM   205  O  O   . ALA A 1 34 ? -14.558 -2.333  12.809  1.00 32.68 ? 123 ALA A O   1 
ATOM   206  C  CB  . ALA A 1 34 ? -12.726 -0.696  15.088  1.00 27.16 ? 123 ALA A CB  1 
ATOM   207  N  N   . ALA A 1 35 ? -15.295 -0.300  13.438  1.00 35.34 ? 124 ALA A N   1 
ATOM   208  C  CA  . ALA A 1 35 ? -16.693 -0.601  13.148  1.00 37.29 ? 124 ALA A CA  1 
ATOM   209  C  C   . ALA A 1 35 ? -16.872 -0.845  11.655  1.00 37.25 ? 124 ALA A C   1 
ATOM   210  O  O   . ALA A 1 35 ? -17.602 -1.743  11.252  1.00 36.73 ? 124 ALA A O   1 
ATOM   211  C  CB  . ALA A 1 35 ? -17.580 0.540   13.600  1.00 36.80 ? 124 ALA A CB  1 
ATOM   212  N  N   . ASN A 1 36 ? -16.201 -0.045  10.832  1.00 38.13 ? 125 ASN A N   1 
ATOM   213  C  CA  . ASN A 1 36 ? -16.305 -0.227  9.390   1.00 38.42 ? 125 ASN A CA  1 
ATOM   214  C  C   . ASN A 1 36 ? -15.868 -1.639  8.993   1.00 37.29 ? 125 ASN A C   1 
ATOM   215  O  O   . ASN A 1 36 ? -16.529 -2.283  8.188   1.00 37.01 ? 125 ASN A O   1 
ATOM   216  C  CB  . ASN A 1 36 ? -15.462 0.820   8.650   1.00 40.77 ? 125 ASN A CB  1 
ATOM   217  C  CG  . ASN A 1 36 ? -16.043 2.227   8.760   1.00 45.10 ? 125 ASN A CG  1 
ATOM   218  O  OD1 . ASN A 1 36 ? -17.020 2.458   9.483   1.00 45.63 ? 125 ASN A OD1 1 
ATOM   219  N  ND2 . ASN A 1 36 ? -15.439 3.176   8.049   1.00 44.73 ? 125 ASN A ND2 1 
ATOM   220  N  N   . CYS A 1 37 ? -14.762 -2.127  9.553   1.00 36.57 ? 126 CYS A N   1 
ATOM   221  C  CA  . CYS A 1 37 ? -14.306 -3.481  9.225   1.00 36.58 ? 126 CYS A CA  1 
ATOM   222  C  C   . CYS A 1 37 ? -15.279 -4.534  9.751   1.00 37.35 ? 126 CYS A C   1 
ATOM   223  O  O   . CYS A 1 37 ? -15.552 -5.535  9.080   1.00 35.75 ? 126 CYS A O   1 
ATOM   224  C  CB  . CYS A 1 37 ? -12.917 -3.759  9.807   1.00 38.08 ? 126 CYS A CB  1 
ATOM   225  S  SG  . CYS A 1 37 ? -11.524 -2.905  8.995   1.00 35.54 ? 126 CYS A SG  1 
ATOM   226  N  N   . THR A 1 38 ? -15.794 -4.310  10.958  1.00 38.42 ? 127 THR A N   1 
ATOM   227  C  CA  . THR A 1 38 ? -16.751 -5.239  11.558  1.00 42.49 ? 127 THR A CA  1 
ATOM   228  C  C   . THR A 1 38 ? -17.983 -5.345  10.654  1.00 43.09 ? 127 THR A C   1 
ATOM   229  O  O   . THR A 1 38 ? -18.550 -6.424  10.486  1.00 44.86 ? 127 THR A O   1 
ATOM   230  C  CB  . THR A 1 38 ? -17.204 -4.766  12.961  1.00 41.32 ? 127 THR A CB  1 
ATOM   231  O  OG1 . THR A 1 38 ? -16.072 -4.708  13.839  1.00 42.40 ? 127 THR A OG1 1 
ATOM   232  C  CG2 . THR A 1 38 ? -18.230 -5.735  13.547  1.00 42.82 ? 127 THR A CG2 1 
ATOM   233  N  N   . ALA A 1 39 ? -18.380 -4.221  10.066  1.00 44.58 ? 128 ALA A N   1 
ATOM   234  C  CA  . ALA A 1 39 ? -19.538 -4.173  9.181   1.00 46.14 ? 128 ALA A CA  1 
ATOM   235  C  C   . ALA A 1 39 ? -19.335 -5.010  7.920   1.00 46.98 ? 128 ALA A C   1 
ATOM   236  O  O   . ALA A 1 39 ? -20.294 -5.529  7.355   1.00 48.19 ? 128 ALA A O   1 
ATOM   237  C  CB  . ALA A 1 39 ? -19.847 -2.728  8.802   1.00 45.81 ? 128 ALA A CB  1 
ATOM   238  N  N   . GLU A 1 40 ? -18.089 -5.137  7.478   1.00 47.49 ? 129 GLU A N   1 
ATOM   239  C  CA  . GLU A 1 40 ? -17.793 -5.928  6.291   1.00 46.49 ? 129 GLU A CA  1 
ATOM   240  C  C   . GLU A 1 40 ? -17.319 -7.313  6.692   1.00 44.95 ? 129 GLU A C   1 
ATOM   241  O  O   . GLU A 1 40 ? -16.585 -7.969  5.954   1.00 45.30 ? 129 GLU A O   1 
ATOM   242  C  CB  . GLU A 1 40 ? -16.719 -5.244  5.454   1.00 48.87 ? 129 GLU A CB  1 
ATOM   243  C  CG  . GLU A 1 40 ? -17.115 -3.868  4.967   1.00 52.94 ? 129 GLU A CG  1 
ATOM   244  C  CD  . GLU A 1 40 ? -16.093 -3.290  4.011   1.00 55.84 ? 129 GLU A CD  1 
ATOM   245  O  OE1 . GLU A 1 40 ? -14.913 -3.166  4.405   1.00 57.24 ? 129 GLU A OE1 1 
ATOM   246  O  OE2 . GLU A 1 40 ? -16.470 -2.964  2.863   1.00 58.47 ? 129 GLU A OE2 1 
ATOM   247  N  N   . SER A 1 41 ? -17.735 -7.749  7.874   1.00 44.33 ? 130 SER A N   1 
ATOM   248  C  CA  . SER A 1 41 ? -17.351 -9.063  8.378   1.00 43.55 ? 130 SER A CA  1 
ATOM   249  C  C   . SER A 1 41 ? -15.836 -9.214  8.395   1.00 41.87 ? 130 SER A C   1 
ATOM   250  O  O   . SER A 1 41 ? -15.304 -10.264 8.030   1.00 40.83 ? 130 SER A O   1 
ATOM   251  C  CB  . SER A 1 41 ? -17.964 -10.150 7.501   1.00 44.87 ? 130 SER A CB  1 
ATOM   252  O  OG  . SER A 1 41 ? -19.375 -10.027 7.473   1.00 48.27 ? 130 SER A OG  1 
ATOM   253  N  N   . SER A 1 42 ? -15.140 -8.165  8.820   1.00 40.37 ? 131 SER A N   1 
ATOM   254  C  CA  . SER A 1 42 ? -13.683 -8.199  8.862   1.00 37.96 ? 131 SER A CA  1 
ATOM   255  C  C   . SER A 1 42 ? -13.145 -7.643  10.175  1.00 36.11 ? 131 SER A C   1 
ATOM   256  O  O   . SER A 1 42 ? -13.904 -7.253  11.062  1.00 35.21 ? 131 SER A O   1 
ATOM   257  C  CB  . SER A 1 42 ? -13.111 -7.382  7.698   1.00 37.86 ? 131 SER A CB  1 
ATOM   258  O  OG  . SER A 1 42 ? -13.631 -7.817  6.454   1.00 40.61 ? 131 SER A OG  1 
ATOM   259  N  N   . THR A 1 43 ? -11.822 -7.620  10.289  1.00 33.64 ? 132 THR A N   1 
ATOM   260  C  CA  . THR A 1 43 ? -11.162 -7.083  11.466  1.00 34.03 ? 132 THR A CA  1 
ATOM   261  C  C   . THR A 1 43 ? -9.988  -6.265  10.954  1.00 32.07 ? 132 THR A C   1 
ATOM   262  O  O   . THR A 1 43 ? -9.639  -6.333  9.775   1.00 30.76 ? 132 THR A O   1 
ATOM   263  C  CB  . THR A 1 43 ? -10.596 -8.189  12.373  1.00 35.25 ? 132 THR A CB  1 
ATOM   264  O  OG1 . THR A 1 43 ? -9.626  -8.944  11.641  1.00 38.11 ? 132 THR A OG1 1 
ATOM   265  C  CG2 . THR A 1 43 ? -11.700 -9.115  12.852  1.00 38.50 ? 132 THR A CG2 1 
ATOM   266  N  N   . LEU A 1 44 ? -9.389  -5.482  11.838  1.00 31.63 ? 133 LEU A N   1 
ATOM   267  C  CA  . LEU A 1 44 ? -8.230  -4.696  11.452  1.00 30.31 ? 133 LEU A CA  1 
ATOM   268  C  C   . LEU A 1 44 ? -7.051  -5.660  11.526  1.00 29.58 ? 133 LEU A C   1 
ATOM   269  O  O   . LEU A 1 44 ? -7.149  -6.720  12.136  1.00 26.63 ? 133 LEU A O   1 
ATOM   270  C  CB  . LEU A 1 44 ? -8.029  -3.545  12.431  1.00 29.37 ? 133 LEU A CB  1 
ATOM   271  C  CG  . LEU A 1 44 ? -9.061  -2.421  12.336  1.00 30.60 ? 133 LEU A CG  1 
ATOM   272  C  CD1 . LEU A 1 44 ? -8.993  -1.565  13.577  1.00 29.90 ? 133 LEU A CD1 1 
ATOM   273  C  CD2 . LEU A 1 44 ? -8.799  -1.592  11.084  1.00 30.81 ? 133 LEU A CD2 1 
ATOM   274  N  N   . PRO A 1 45 ? -5.924  -5.316  10.892  1.00 28.91 ? 134 PRO A N   1 
ATOM   275  C  CA  . PRO A 1 45 ? -4.783  -6.233  10.959  1.00 27.90 ? 134 PRO A CA  1 
ATOM   276  C  C   . PRO A 1 45 ? -4.236  -6.313  12.388  1.00 27.85 ? 134 PRO A C   1 
ATOM   277  O  O   . PRO A 1 45 ? -4.461  -5.417  13.192  1.00 27.50 ? 134 PRO A O   1 
ATOM   278  C  CB  . PRO A 1 45 ? -3.778  -5.596  10.001  1.00 30.09 ? 134 PRO A CB  1 
ATOM   279  C  CG  . PRO A 1 45 ? -4.657  -4.866  9.015   1.00 28.10 ? 134 PRO A CG  1 
ATOM   280  C  CD  . PRO A 1 45 ? -5.684  -4.239  9.920   1.00 28.46 ? 134 PRO A CD  1 
ATOM   281  N  N   . ASN A 1 46 ? -3.533  -7.396  12.697  1.00 29.35 ? 135 ASN A N   1 
ATOM   282  C  CA  . ASN A 1 46 ? -2.914  -7.574  14.011  1.00 32.43 ? 135 ASN A CA  1 
ATOM   283  C  C   . ASN A 1 46 ? -1.414  -7.308  13.834  1.00 33.07 ? 135 ASN A C   1 
ATOM   284  O  O   . ASN A 1 46 ? -0.777  -7.890  12.956  1.00 32.90 ? 135 ASN A O   1 
ATOM   285  C  CB  . ASN A 1 46 ? -3.134  -9.009  14.527  1.00 32.80 ? 135 ASN A CB  1 
ATOM   286  C  CG  . ASN A 1 46 ? -4.609  -9.342  14.737  1.00 36.16 ? 135 ASN A CG  1 
ATOM   287  O  OD1 . ASN A 1 46 ? -5.340  -8.601  15.405  1.00 37.62 ? 135 ASN A OD1 1 
ATOM   288  N  ND2 . ASN A 1 46 ? -5.052  -10.464 14.172  1.00 34.79 ? 135 ASN A ND2 1 
ATOM   289  N  N   . LYS A 1 47 ? -0.849  -6.435  14.658  1.00 34.07 ? 136 LYS A N   1 
ATOM   290  C  CA  . LYS A 1 47 ? 0.569   -6.110  14.553  1.00 35.83 ? 136 LYS A CA  1 
ATOM   291  C  C   . LYS A 1 47 ? 1.470   -7.347  14.492  1.00 36.89 ? 136 LYS A C   1 
ATOM   292  O  O   . LYS A 1 47 ? 2.468   -7.367  13.772  1.00 36.41 ? 136 LYS A O   1 
ATOM   293  C  CB  . LYS A 1 47 ? 0.992   -5.231  15.728  1.00 38.81 ? 136 LYS A CB  1 
ATOM   294  C  CG  . LYS A 1 47 ? 2.459   -4.815  15.702  1.00 42.01 ? 136 LYS A CG  1 
ATOM   295  C  CD  . LYS A 1 47 ? 2.806   -3.928  16.894  1.00 44.73 ? 136 LYS A CD  1 
ATOM   296  C  CE  . LYS A 1 47 ? 4.272   -3.490  16.858  1.00 46.07 ? 136 LYS A CE  1 
ATOM   297  N  NZ  . LYS A 1 47 ? 4.621   -2.533  17.953  1.00 45.83 ? 136 LYS A NZ  1 
ATOM   298  N  N   . SER A 1 48 ? 1.111   -8.385  15.238  1.00 36.45 ? 137 SER A N   1 
ATOM   299  C  CA  . SER A 1 48 ? 1.908   -9.604  15.267  1.00 37.63 ? 137 SER A CA  1 
ATOM   300  C  C   . SER A 1 48 ? 1.841   -10.434 13.989  1.00 36.61 ? 137 SER A C   1 
ATOM   301  O  O   . SER A 1 48 ? 2.767   -11.184 13.687  1.00 37.53 ? 137 SER A O   1 
ATOM   302  C  CB  . SER A 1 48 ? 1.492   -10.453 16.465  1.00 40.10 ? 137 SER A CB  1 
ATOM   303  O  OG  . SER A 1 48 ? 1.694   -9.727  17.669  1.00 42.06 ? 137 SER A OG  1 
ATOM   304  N  N   . ASP A 1 49 ? 0.756   -10.308 13.235  1.00 35.04 ? 138 ASP A N   1 
ATOM   305  C  CA  . ASP A 1 49 ? 0.626   -11.059 11.992  1.00 36.15 ? 138 ASP A CA  1 
ATOM   306  C  C   . ASP A 1 49 ? 1.416   -10.426 10.855  1.00 36.60 ? 138 ASP A C   1 
ATOM   307  O  O   . ASP A 1 49 ? 1.890   -11.129 9.966   1.00 36.46 ? 138 ASP A O   1 
ATOM   308  C  CB  . ASP A 1 49 ? -0.835  -11.151 11.535  1.00 36.65 ? 138 ASP A CB  1 
ATOM   309  C  CG  . ASP A 1 49 ? -1.689  -12.001 12.451  1.00 39.79 ? 138 ASP A CG  1 
ATOM   310  O  OD1 . ASP A 1 49 ? -1.179  -13.023 12.958  1.00 39.64 ? 138 ASP A OD1 1 
ATOM   311  O  OD2 . ASP A 1 49 ? -2.876  -11.657 12.649  1.00 39.03 ? 138 ASP A OD2 1 
ATOM   312  N  N   . VAL A 1 50 ? 1.557   -9.104  10.884  1.00 35.37 ? 139 VAL A N   1 
ATOM   313  C  CA  . VAL A 1 50 ? 2.244   -8.405  9.803   1.00 36.63 ? 139 VAL A CA  1 
ATOM   314  C  C   . VAL A 1 50 ? 3.706   -8.040  10.006  1.00 38.95 ? 139 VAL A C   1 
ATOM   315  O  O   . VAL A 1 50 ? 4.420   -7.848  9.031   1.00 39.19 ? 139 VAL A O   1 
ATOM   316  C  CB  . VAL A 1 50 ? 1.472   -7.127  9.402   1.00 35.06 ? 139 VAL A CB  1 
ATOM   317  C  CG1 . VAL A 1 50 ? 0.102   -7.502  8.853   1.00 33.02 ? 139 VAL A CG1 1 
ATOM   318  C  CG2 . VAL A 1 50 ? 1.337   -6.207  10.592  1.00 33.88 ? 139 VAL A CG2 1 
HETATM 319  N  N   . MSE A 1 51 ? 4.161   -7.908  11.246  1.00 44.14 ? 140 MSE A N   1 
HETATM 320  C  CA  . MSE A 1 51 ? 5.573   -7.596  11.464  1.00 48.94 ? 140 MSE A CA  1 
HETATM 321  C  C   . MSE A 1 51 ? 6.338   -8.780  10.878  1.00 48.11 ? 140 MSE A C   1 
HETATM 322  O  O   . MSE A 1 51 ? 5.880   -9.919  10.963  1.00 48.97 ? 140 MSE A O   1 
HETATM 323  C  CB  . MSE A 1 51 ? 5.893   -7.477  12.957  1.00 55.77 ? 140 MSE A CB  1 
HETATM 324  C  CG  . MSE A 1 51 ? 5.305   -6.259  13.653  1.00 64.18 ? 140 MSE A CG  1 
HETATM 325  SE SE  . MSE A 1 51 ? 5.579   -6.312  15.449  0.80 77.19 ? 140 MSE A SE  1 
HETATM 326  C  CE  . MSE A 1 51 ? 7.100   -5.392  15.607  0.80 71.76 ? 140 MSE A CE  1 
ATOM   327  N  N   . ILE A 1 52 ? 7.492   -8.516  10.283  1.00 47.06 ? 141 ILE A N   1 
ATOM   328  C  CA  . ILE A 1 52 ? 8.300   -9.586  9.693   1.00 46.26 ? 141 ILE A CA  1 
ATOM   329  C  C   . ILE A 1 52 ? 7.621   -10.211 8.473   1.00 44.82 ? 141 ILE A C   1 
ATOM   330  O  O   . ILE A 1 52 ? 7.667   -11.429 8.279   1.00 45.15 ? 141 ILE A O   1 
ATOM   331  C  CB  . ILE A 1 52 ? 8.604   -10.730 10.719  1.00 46.91 ? 141 ILE A CB  1 
ATOM   332  C  CG1 . ILE A 1 52 ? 8.874   -10.153 12.116  1.00 45.21 ? 141 ILE A CG1 1 
ATOM   333  C  CG2 . ILE A 1 52 ? 9.800   -11.553 10.242  1.00 47.42 ? 141 ILE A CG2 1 
ATOM   334  C  CD1 . ILE A 1 52 ? 9.816   -8.963  12.148  1.00 45.53 ? 141 ILE A CD1 1 
ATOM   335  N  N   . THR A 1 53 ? 6.965   -9.377  7.670   1.00 41.41 ? 142 THR A N   1 
ATOM   336  C  CA  . THR A 1 53 ? 6.312   -9.835  6.443   1.00 38.89 ? 142 THR A CA  1 
ATOM   337  C  C   . THR A 1 53 ? 6.387   -8.696  5.438   1.00 36.29 ? 142 THR A C   1 
ATOM   338  O  O   . THR A 1 53 ? 6.579   -7.541  5.817   1.00 34.61 ? 142 THR A O   1 
ATOM   339  C  CB  . THR A 1 53 ? 4.822   -10.182 6.642   1.00 39.50 ? 142 THR A CB  1 
ATOM   340  O  OG1 . THR A 1 53 ? 4.354   -10.902 5.497   1.00 43.60 ? 142 THR A OG1 1 
ATOM   341  C  CG2 . THR A 1 53 ? 3.992   -8.927  6.752   1.00 34.17 ? 142 THR A CG2 1 
ATOM   342  N  N   . TRP A 1 54 ? 6.221   -9.012  4.164   1.00 35.85 ? 143 TRP A N   1 
ATOM   343  C  CA  . TRP A 1 54 ? 6.277   -7.971  3.151   1.00 34.77 ? 143 TRP A CA  1 
ATOM   344  C  C   . TRP A 1 54 ? 5.108   -7.005  3.305   1.00 33.02 ? 143 TRP A C   1 
ATOM   345  O  O   . TRP A 1 54 ? 5.121   -5.909  2.753   1.00 32.20 ? 143 TRP A O   1 
ATOM   346  C  CB  . TRP A 1 54 ? 6.262   -8.579  1.752   1.00 35.18 ? 143 TRP A CB  1 
ATOM   347  C  CG  . TRP A 1 54 ? 5.054   -9.403  1.437   1.00 37.97 ? 143 TRP A CG  1 
ATOM   348  C  CD1 . TRP A 1 54 ? 4.887   -10.739 1.663   1.00 37.67 ? 143 TRP A CD1 1 
ATOM   349  C  CD2 . TRP A 1 54 ? 3.856   -8.952  0.792   1.00 36.27 ? 143 TRP A CD2 1 
ATOM   350  N  NE1 . TRP A 1 54 ? 3.663   -11.150 1.192   1.00 38.64 ? 143 TRP A NE1 1 
ATOM   351  C  CE2 . TRP A 1 54 ? 3.008   -10.073 0.652   1.00 38.33 ? 143 TRP A CE2 1 
ATOM   352  C  CE3 . TRP A 1 54 ? 3.417   -7.709  0.319   1.00 36.51 ? 143 TRP A CE3 1 
ATOM   353  C  CZ2 . TRP A 1 54 ? 1.746   -9.989  0.055   1.00 37.53 ? 143 TRP A CZ2 1 
ATOM   354  C  CZ3 . TRP A 1 54 ? 2.159   -7.624  -0.275  1.00 35.88 ? 143 TRP A CZ3 1 
ATOM   355  C  CH2 . TRP A 1 54 ? 1.340   -8.760  -0.401  1.00 37.96 ? 143 TRP A CH2 1 
ATOM   356  N  N   . LEU A 1 55 ? 4.103   -7.407  4.077   1.00 30.51 ? 144 LEU A N   1 
ATOM   357  C  CA  . LEU A 1 55 ? 2.931   -6.569  4.277   1.00 28.30 ? 144 LEU A CA  1 
ATOM   358  C  C   . LEU A 1 55 ? 3.214   -5.337  5.119   1.00 27.10 ? 144 LEU A C   1 
ATOM   359  O  O   . LEU A 1 55 ? 2.569   -4.310  4.945   1.00 23.16 ? 144 LEU A O   1 
ATOM   360  C  CB  . LEU A 1 55 ? 1.803   -7.368  4.936   1.00 28.33 ? 144 LEU A CB  1 
ATOM   361  C  CG  . LEU A 1 55 ? 1.210   -8.553  4.176   1.00 29.15 ? 144 LEU A CG  1 
ATOM   362  C  CD1 . LEU A 1 55 ? 0.235   -9.262  5.100   1.00 34.21 ? 144 LEU A CD1 1 
ATOM   363  C  CD2 . LEU A 1 55 ? 0.493   -8.081  2.926   1.00 30.52 ? 144 LEU A CD2 1 
ATOM   364  N  N   . ILE A 1 56 ? 4.186   -5.430  6.022   1.00 26.74 ? 145 ILE A N   1 
ATOM   365  C  CA  . ILE A 1 56 ? 4.492   -4.309  6.901   1.00 28.12 ? 145 ILE A CA  1 
ATOM   366  C  C   . ILE A 1 56 ? 4.708   -2.949  6.214   1.00 27.76 ? 145 ILE A C   1 
ATOM   367  O  O   . ILE A 1 56 ? 4.386   -1.903  6.788   1.00 26.42 ? 145 ILE A O   1 
ATOM   368  C  CB  . ILE A 1 56 ? 5.703   -4.627  7.791   1.00 29.36 ? 145 ILE A CB  1 
ATOM   369  C  CG1 . ILE A 1 56 ? 5.868   -3.526  8.838   1.00 33.20 ? 145 ILE A CG1 1 
ATOM   370  C  CG2 . ILE A 1 56 ? 6.966   -4.763  6.932   1.00 32.78 ? 145 ILE A CG2 1 
ATOM   371  C  CD1 . ILE A 1 56 ? 4.639   -3.318  9.711   1.00 32.83 ? 145 ILE A CD1 1 
ATOM   372  N  N   . ASP A 1 57 ? 5.240   -2.965  4.996   1.00 29.06 ? 146 ASP A N   1 
ATOM   373  C  CA  . ASP A 1 57 ? 5.488   -1.732  4.248   1.00 32.20 ? 146 ASP A CA  1 
ATOM   374  C  C   . ASP A 1 57 ? 4.177   -1.055  3.860   1.00 32.34 ? 146 ASP A C   1 
ATOM   375  O  O   . ASP A 1 57 ? 4.110   0.172   3.750   1.00 32.18 ? 146 ASP A O   1 
ATOM   376  C  CB  . ASP A 1 57 ? 6.293   -2.026  2.974   1.00 36.26 ? 146 ASP A CB  1 
ATOM   377  C  CG  . ASP A 1 57 ? 7.630   -2.694  3.261   1.00 40.57 ? 146 ASP A CG  1 
ATOM   378  O  OD1 . ASP A 1 57 ? 8.475   -2.074  3.949   1.00 40.55 ? 146 ASP A OD1 1 
ATOM   379  O  OD2 . ASP A 1 57 ? 7.831   -3.842  2.791   1.00 43.15 ? 146 ASP A OD2 1 
ATOM   380  N  N   . TYR A 1 58 ? 3.133   -1.854  3.651   1.00 29.37 ? 147 TYR A N   1 
ATOM   381  C  CA  . TYR A 1 58 ? 1.831   -1.308  3.282   1.00 27.64 ? 147 TYR A CA  1 
ATOM   382  C  C   . TYR A 1 58 ? 0.977   -0.912  4.481   1.00 27.18 ? 147 TYR A C   1 
ATOM   383  O  O   . TYR A 1 58 ? 0.291   0.107   4.449   1.00 24.23 ? 147 TYR A O   1 
ATOM   384  C  CB  . TYR A 1 58 ? 1.024   -2.323  2.475   1.00 27.91 ? 147 TYR A CB  1 
ATOM   385  C  CG  . TYR A 1 58 ? 1.625   -2.704  1.160   1.00 26.48 ? 147 TYR A CG  1 
ATOM   386  C  CD1 . TYR A 1 58 ? 2.652   -3.637  1.089   1.00 25.13 ? 147 TYR A CD1 1 
ATOM   387  C  CD2 . TYR A 1 58 ? 1.160   -2.134  -0.022  1.00 23.84 ? 147 TYR A CD2 1 
ATOM   388  C  CE1 . TYR A 1 58 ? 3.207   -3.998  -0.133  1.00 26.15 ? 147 TYR A CE1 1 
ATOM   389  C  CE2 . TYR A 1 58 ? 1.703   -2.488  -1.246  1.00 25.02 ? 147 TYR A CE2 1 
ATOM   390  C  CZ  . TYR A 1 58 ? 2.726   -3.420  -1.294  1.00 22.71 ? 147 TYR A CZ  1 
ATOM   391  O  OH  . TYR A 1 58 ? 3.257   -3.781  -2.501  1.00 21.42 ? 147 TYR A OH  1 
ATOM   392  N  N   . VAL A 1 59 ? 1.015   -1.721  5.536   1.00 25.26 ? 148 VAL A N   1 
ATOM   393  C  CA  . VAL A 1 59 ? 0.188   -1.465  6.708   1.00 23.98 ? 148 VAL A CA  1 
ATOM   394  C  C   . VAL A 1 59 ? 0.733   -0.516  7.770   1.00 24.00 ? 148 VAL A C   1 
ATOM   395  O  O   . VAL A 1 59 ? -0.026  -0.042  8.618   1.00 24.81 ? 148 VAL A O   1 
ATOM   396  C  CB  . VAL A 1 59 ? -0.203  -2.798  7.380   1.00 26.40 ? 148 VAL A CB  1 
ATOM   397  C  CG1 . VAL A 1 59 ? -0.879  -3.700  6.361   1.00 23.53 ? 148 VAL A CG1 1 
ATOM   398  C  CG2 . VAL A 1 59 ? 1.032   -3.478  7.942   1.00 27.97 ? 148 VAL A CG2 1 
ATOM   399  N  N   . GLU A 1 60 ? 2.026   -0.220  7.748   1.00 25.34 ? 149 GLU A N   1 
ATOM   400  C  CA  . GLU A 1 60 ? 2.553   0.691   8.759   1.00 28.38 ? 149 GLU A CA  1 
ATOM   401  C  C   . GLU A 1 60 ? 1.808   2.014   8.662   1.00 27.96 ? 149 GLU A C   1 
ATOM   402  O  O   . GLU A 1 60 ? 1.486   2.480   7.568   1.00 25.96 ? 149 GLU A O   1 
ATOM   403  C  CB  . GLU A 1 60 ? 4.066   0.909   8.584   1.00 33.97 ? 149 GLU A CB  1 
ATOM   404  C  CG  . GLU A 1 60 ? 4.511   1.154   7.156   1.00 40.93 ? 149 GLU A CG  1 
ATOM   405  C  CD  . GLU A 1 60 ? 6.010   1.420   7.038   1.00 46.29 ? 149 GLU A CD  1 
ATOM   406  O  OE1 . GLU A 1 60 ? 6.524   1.427   5.895   1.00 48.53 ? 149 GLU A OE1 1 
ATOM   407  O  OE2 . GLU A 1 60 ? 6.671   1.631   8.082   1.00 48.72 ? 149 GLU A OE2 1 
ATOM   408  N  N   . ASP A 1 61 ? 1.532   2.598   9.824   1.00 28.77 ? 150 ASP A N   1 
ATOM   409  C  CA  . ASP A 1 61 ? 0.805   3.853   9.952   1.00 31.69 ? 150 ASP A CA  1 
ATOM   410  C  C   . ASP A 1 61 ? -0.706  3.746   9.727   1.00 30.35 ? 150 ASP A C   1 
ATOM   411  O  O   . ASP A 1 61 ? -1.396  4.767   9.702   1.00 30.91 ? 150 ASP A O   1 
ATOM   412  C  CB  . ASP A 1 61 ? 1.400   4.931   9.047   1.00 36.21 ? 150 ASP A CB  1 
ATOM   413  C  CG  . ASP A 1 61 ? 2.733   5.436   9.558   1.00 44.46 ? 150 ASP A CG  1 
ATOM   414  O  OD1 . ASP A 1 61 ? 2.825   5.748   10.769  1.00 47.80 ? 150 ASP A OD1 1 
ATOM   415  O  OD2 . ASP A 1 61 ? 3.689   5.525   8.756   1.00 47.78 ? 150 ASP A OD2 1 
ATOM   416  N  N   . THR A 1 62 ? -1.213  2.524   9.552   1.00 27.68 ? 151 THR A N   1 
ATOM   417  C  CA  . THR A 1 62 ? -2.658  2.314   9.412   1.00 25.66 ? 151 THR A CA  1 
ATOM   418  C  C   . THR A 1 62 ? -3.094  1.607   10.696  1.00 26.23 ? 151 THR A C   1 
ATOM   419  O  O   . THR A 1 62 ? -2.299  0.916   11.330  1.00 24.34 ? 151 THR A O   1 
ATOM   420  C  CB  . THR A 1 62 ? -3.042  1.427   8.209   1.00 24.24 ? 151 THR A CB  1 
ATOM   421  O  OG1 . THR A 1 62 ? -2.664  0.069   8.460   1.00 23.41 ? 151 THR A OG1 1 
ATOM   422  C  CG2 . THR A 1 62 ? -2.374  1.933   6.942   1.00 24.69 ? 151 THR A CG2 1 
ATOM   423  N  N   . TRP A 1 63 ? -4.353  1.784   11.076  1.00 24.57 ? 152 TRP A N   1 
ATOM   424  C  CA  . TRP A 1 63 ? -4.885  1.198   12.314  1.00 24.37 ? 152 TRP A CA  1 
ATOM   425  C  C   . TRP A 1 63 ? -4.678  -0.300  12.565  1.00 22.65 ? 152 TRP A C   1 
ATOM   426  O  O   . TRP A 1 63 ? -4.971  -1.136  11.712  1.00 22.83 ? 152 TRP A O   1 
ATOM   427  C  CB  . TRP A 1 63 ? -6.382  1.504   12.416  1.00 24.85 ? 152 TRP A CB  1 
ATOM   428  C  CG  . TRP A 1 63 ? -6.701  2.933   12.665  1.00 24.75 ? 152 TRP A CG  1 
ATOM   429  C  CD1 . TRP A 1 63 ? -7.570  3.714   11.953  1.00 28.51 ? 152 TRP A CD1 1 
ATOM   430  C  CD2 . TRP A 1 63 ? -6.207  3.752   13.730  1.00 27.23 ? 152 TRP A CD2 1 
ATOM   431  N  NE1 . TRP A 1 63 ? -7.649  4.963   12.510  1.00 26.47 ? 152 TRP A NE1 1 
ATOM   432  C  CE2 . TRP A 1 63 ? -6.821  5.016   13.601  1.00 27.31 ? 152 TRP A CE2 1 
ATOM   433  C  CE3 . TRP A 1 63 ? -5.302  3.541   14.783  1.00 27.44 ? 152 TRP A CE3 1 
ATOM   434  C  CZ2 . TRP A 1 63 ? -6.562  6.068   14.487  1.00 27.08 ? 152 TRP A CZ2 1 
ATOM   435  C  CZ3 . TRP A 1 63 ? -5.044  4.590   15.665  1.00 28.22 ? 152 TRP A CZ3 1 
ATOM   436  C  CH2 . TRP A 1 63 ? -5.672  5.839   15.507  1.00 30.17 ? 152 TRP A CH2 1 
ATOM   437  N  N   . GLY A 1 64 ? -4.172  -0.622  13.753  1.00 22.92 ? 153 GLY A N   1 
ATOM   438  C  CA  . GLY A 1 64 ? -3.981  -2.008  14.143  1.00 22.55 ? 153 GLY A CA  1 
ATOM   439  C  C   . GLY A 1 64 ? -5.186  -2.357  15.008  1.00 24.68 ? 153 GLY A C   1 
ATOM   440  O  O   . GLY A 1 64 ? -5.873  -1.457  15.484  1.00 23.59 ? 153 GLY A O   1 
ATOM   441  N  N   . SER A 1 65 ? -5.450  -3.643  15.227  1.00 25.10 ? 154 SER A N   1 
ATOM   442  C  CA  . SER A 1 65 ? -6.601  -4.054  16.033  1.00 26.59 ? 154 SER A CA  1 
ATOM   443  C  C   . SER A 1 65 ? -6.526  -3.635  17.499  1.00 27.09 ? 154 SER A C   1 
ATOM   444  O  O   . SER A 1 65 ? -7.528  -3.698  18.208  1.00 25.27 ? 154 SER A O   1 
ATOM   445  C  CB  . SER A 1 65 ? -6.776  -5.571  15.959  1.00 26.74 ? 154 SER A CB  1 
ATOM   446  O  OG  . SER A 1 65 ? -5.600  -6.224  16.402  1.00 31.32 ? 154 SER A OG  1 
ATOM   447  N  N   . ASP A 1 66 ? -5.349  -3.205  17.954  1.00 27.01 ? 155 ASP A N   1 
ATOM   448  C  CA  . ASP A 1 66 ? -5.178  -2.785  19.344  1.00 28.02 ? 155 ASP A CA  1 
ATOM   449  C  C   . ASP A 1 66 ? -5.358  -1.284  19.577  1.00 27.51 ? 155 ASP A C   1 
ATOM   450  O  O   . ASP A 1 66 ? -4.999  -0.773  20.629  1.00 27.89 ? 155 ASP A O   1 
ATOM   451  C  CB  . ASP A 1 66 ? -3.792  -3.184  19.835  1.00 32.57 ? 155 ASP A CB  1 
ATOM   452  C  CG  . ASP A 1 66 ? -2.701  -2.336  19.220  1.00 35.19 ? 155 ASP A CG  1 
ATOM   453  O  OD1 . ASP A 1 66 ? -2.827  -1.980  18.026  1.00 35.70 ? 155 ASP A OD1 1 
ATOM   454  O  OD2 . ASP A 1 66 ? -1.717  -2.032  19.926  1.00 40.49 ? 155 ASP A OD2 1 
ATOM   455  N  N   . GLY A 1 67 ? -5.894  -0.568  18.598  1.00 28.28 ? 156 GLY A N   1 
ATOM   456  C  CA  . GLY A 1 67 ? -6.098  0.861   18.784  1.00 27.46 ? 156 GLY A CA  1 
ATOM   457  C  C   . GLY A 1 67 ? -4.901  1.746   18.469  1.00 28.89 ? 156 GLY A C   1 
ATOM   458  O  O   . GLY A 1 67 ? -4.968  2.963   18.642  1.00 30.50 ? 156 GLY A O   1 
ATOM   459  N  N   . ASN A 1 68 ? -3.801  1.148   18.019  1.00 28.52 ? 157 ASN A N   1 
ATOM   460  C  CA  . ASN A 1 68 ? -2.607  1.921   17.672  1.00 29.89 ? 157 ASN A CA  1 
ATOM   461  C  C   . ASN A 1 68 ? -2.241  1.714   16.207  1.00 29.48 ? 157 ASN A C   1 
ATOM   462  O  O   . ASN A 1 68 ? -2.596  0.698   15.599  1.00 27.10 ? 157 ASN A O   1 
ATOM   463  C  CB  . ASN A 1 68 ? -1.394  1.494   18.511  1.00 32.14 ? 157 ASN A CB  1 
ATOM   464  C  CG  . ASN A 1 68 ? -1.527  1.843   19.975  1.00 34.65 ? 157 ASN A CG  1 
ATOM   465  O  OD1 . ASN A 1 68 ? -1.714  3.003   20.341  1.00 36.84 ? 157 ASN A OD1 1 
ATOM   466  N  ND2 . ASN A 1 68 ? -1.410  0.832   20.831  1.00 36.23 ? 157 ASN A ND2 1 
ATOM   467  N  N   . PRO A 1 69 ? -1.518  2.677   15.619  1.00 29.46 ? 158 PRO A N   1 
ATOM   468  C  CA  . PRO A 1 69 ? -1.122  2.527   14.220  1.00 28.47 ? 158 PRO A CA  1 
ATOM   469  C  C   . PRO A 1 69 ? -0.108  1.399   14.232  1.00 27.45 ? 158 PRO A C   1 
ATOM   470  O  O   . PRO A 1 69 ? 0.548   1.187   15.240  1.00 27.13 ? 158 PRO A O   1 
ATOM   471  C  CB  . PRO A 1 69 ? -0.448  3.858   13.896  1.00 29.26 ? 158 PRO A CB  1 
ATOM   472  C  CG  . PRO A 1 69 ? -1.014  4.822   14.926  1.00 33.43 ? 158 PRO A CG  1 
ATOM   473  C  CD  . PRO A 1 69 ? -1.069  3.972   16.162  1.00 32.70 ? 158 PRO A CD  1 
ATOM   474  N  N   . ILE A 1 70 ? 0.016   0.675   13.128  1.00 28.42 ? 159 ILE A N   1 
ATOM   475  C  CA  . ILE A 1 70 ? 0.979   -0.418  13.034  1.00 32.05 ? 159 ILE A CA  1 
ATOM   476  C  C   . ILE A 1 70 ? 2.359   0.188   12.723  1.00 34.64 ? 159 ILE A C   1 
ATOM   477  O  O   . ILE A 1 70 ? 2.471   1.070   11.875  1.00 32.55 ? 159 ILE A O   1 
ATOM   478  C  CB  . ILE A 1 70 ? 0.603   -1.404  11.883  1.00 33.18 ? 159 ILE A CB  1 
ATOM   479  C  CG1 . ILE A 1 70 ? -0.809  -1.977  12.097  1.00 32.88 ? 159 ILE A CG1 1 
ATOM   480  C  CG2 . ILE A 1 70 ? 1.638   -2.527  11.795  1.00 32.06 ? 159 ILE A CG2 1 
ATOM   481  C  CD1 . ILE A 1 70 ? -0.929  -2.905  13.276  1.00 36.21 ? 159 ILE A CD1 1 
ATOM   482  N  N   . THR A 1 71 ? 3.397   -0.272  13.418  1.00 38.69 ? 160 THR A N   1 
ATOM   483  C  CA  . THR A 1 71 ? 4.755   0.227   13.190  1.00 43.53 ? 160 THR A CA  1 
ATOM   484  C  C   . THR A 1 71 ? 5.760   -0.920  13.060  1.00 46.65 ? 160 THR A C   1 
ATOM   485  O  O   . THR A 1 71 ? 5.524   -2.022  13.559  1.00 45.57 ? 160 THR A O   1 
ATOM   486  C  CB  . THR A 1 71 ? 5.229   1.162   14.336  1.00 43.05 ? 160 THR A CB  1 
ATOM   487  O  OG1 . THR A 1 71 ? 5.246   0.443   15.578  1.00 44.42 ? 160 THR A OG1 1 
ATOM   488  C  CG2 . THR A 1 71 ? 4.302   2.353   14.465  1.00 44.40 ? 160 THR A CG2 1 
ATOM   489  N  N   . LYS A 1 72 ? 6.873   -0.654  12.378  1.00 51.68 ? 161 LYS A N   1 
ATOM   490  C  CA  . LYS A 1 72 ? 7.923   -1.654  12.194  1.00 56.60 ? 161 LYS A CA  1 
ATOM   491  C  C   . LYS A 1 72 ? 8.514   -2.027  13.546  1.00 59.81 ? 161 LYS A C   1 
ATOM   492  O  O   . LYS A 1 72 ? 8.926   -3.164  13.768  1.00 60.85 ? 161 LYS A O   1 
ATOM   493  C  CB  . LYS A 1 72 ? 9.043   -1.110  11.300  1.00 57.36 ? 161 LYS A CB  1 
ATOM   494  C  CG  . LYS A 1 72 ? 8.768   -1.153  9.799   1.00 59.43 ? 161 LYS A CG  1 
ATOM   495  C  CD  . LYS A 1 72 ? 10.042  -0.825  9.018   1.00 60.58 ? 161 LYS A CD  1 
ATOM   496  C  CE  . LYS A 1 72 ? 9.880   -1.044  7.521   1.00 60.64 ? 161 LYS A CE  1 
ATOM   497  N  NZ  . LYS A 1 72 ? 8.899   -0.112  6.905   1.00 62.67 ? 161 LYS A NZ  1 
ATOM   498  N  N   . THR A 1 73 ? 8.550   -1.054  14.447  1.00 63.52 ? 162 THR A N   1 
ATOM   499  C  CA  . THR A 1 73 ? 9.096   -1.260  15.782  1.00 67.48 ? 162 THR A CA  1 
ATOM   500  C  C   . THR A 1 73 ? 8.080   -1.900  16.723  1.00 70.05 ? 162 THR A C   1 
ATOM   501  O  O   . THR A 1 73 ? 6.966   -2.234  16.324  1.00 70.67 ? 162 THR A O   1 
ATOM   502  C  CB  . THR A 1 73 ? 9.563   0.084   16.401  1.00 67.53 ? 162 THR A CB  1 
ATOM   503  O  OG1 . THR A 1 73 ? 10.069  -0.144  17.722  1.00 67.86 ? 162 THR A OG1 1 
ATOM   504  C  CG2 . THR A 1 73 ? 8.405   1.074   16.473  1.00 67.72 ? 162 THR A CG2 1 
ATOM   505  N  N   . THR A 1 74 ? 8.490   -2.079  17.973  1.00 72.97 ? 163 THR A N   1 
ATOM   506  C  CA  . THR A 1 74 ? 7.637   -2.649  19.007  1.00 75.95 ? 163 THR A CA  1 
ATOM   507  C  C   . THR A 1 74 ? 7.594   -1.586  20.104  1.00 77.46 ? 163 THR A C   1 
ATOM   508  O  O   . THR A 1 74 ? 7.992   -1.826  21.246  1.00 77.19 ? 163 THR A O   1 
ATOM   509  C  CB  . THR A 1 74 ? 8.232   -3.962  19.566  1.00 76.84 ? 163 THR A CB  1 
ATOM   510  O  OG1 . THR A 1 74 ? 8.578   -4.834  18.480  1.00 77.17 ? 163 THR A OG1 1 
ATOM   511  C  CG2 . THR A 1 74 ? 7.219   -4.669  20.460  1.00 76.73 ? 163 THR A CG2 1 
ATOM   512  N  N   . SER A 1 75 ? 7.118   -0.404  19.721  1.00 79.27 ? 164 SER A N   1 
ATOM   513  C  CA  . SER A 1 75 ? 7.017   0.754   20.609  1.00 81.38 ? 164 SER A CA  1 
ATOM   514  C  C   . SER A 1 75 ? 6.232   0.507   21.898  1.00 82.23 ? 164 SER A C   1 
ATOM   515  O  O   . SER A 1 75 ? 5.843   -0.621  22.202  1.00 82.67 ? 164 SER A O   1 
ATOM   516  C  CB  . SER A 1 75 ? 6.392   1.926   19.842  1.00 81.57 ? 164 SER A CB  1 
ATOM   517  O  OG  . SER A 1 75 ? 6.398   3.115   20.613  1.00 83.18 ? 164 SER A OG  1 
ATOM   518  N  N   . ASP A 1 76 ? 6.009   1.579   22.654  1.00 82.86 ? 165 ASP A N   1 
ATOM   519  C  CA  . ASP A 1 76 ? 5.272   1.500   23.909  1.00 83.37 ? 165 ASP A CA  1 
ATOM   520  C  C   . ASP A 1 76 ? 3.968   2.291   23.825  1.00 83.08 ? 165 ASP A C   1 
ATOM   521  O  O   . ASP A 1 76 ? 3.967   3.521   23.895  1.00 82.24 ? 165 ASP A O   1 
ATOM   522  C  CB  . ASP A 1 76 ? 6.134   2.040   25.054  1.00 84.45 ? 165 ASP A CB  1 
ATOM   523  C  CG  . ASP A 1 76 ? 5.462   1.900   26.409  1.00 85.57 ? 165 ASP A CG  1 
ATOM   524  O  OD1 . ASP A 1 76 ? 4.398   2.526   26.620  1.00 85.69 ? 165 ASP A OD1 1 
ATOM   525  O  OD2 . ASP A 1 76 ? 5.996   1.160   27.264  1.00 86.19 ? 165 ASP A OD2 1 
ATOM   526  N  N   . SER A 1 80 ? 2.038   7.232   23.206  1.00 68.82 ? 169 SER A N   1 
ATOM   527  C  CA  . SER A 1 80 ? 1.686   8.481   22.540  1.00 68.50 ? 169 SER A CA  1 
ATOM   528  C  C   . SER A 1 80 ? 0.180   8.635   22.406  1.00 68.56 ? 169 SER A C   1 
ATOM   529  O  O   . SER A 1 80 ? -0.520  7.684   22.055  1.00 69.34 ? 169 SER A O   1 
ATOM   530  C  CB  . SER A 1 80 ? 2.317   8.545   21.146  1.00 68.18 ? 169 SER A CB  1 
ATOM   531  O  OG  . SER A 1 80 ? 1.882   9.701   20.446  1.00 66.88 ? 169 SER A OG  1 
ATOM   532  N  N   . ASP A 1 81 ? -0.317  9.835   22.680  1.00 68.08 ? 170 ASP A N   1 
ATOM   533  C  CA  . ASP A 1 81 ? -1.746  10.096  22.570  1.00 67.21 ? 170 ASP A CA  1 
ATOM   534  C  C   . ASP A 1 81 ? -2.132  10.016  21.094  1.00 65.30 ? 170 ASP A C   1 
ATOM   535  O  O   . ASP A 1 81 ? -1.775  10.888  20.302  1.00 64.95 ? 170 ASP A O   1 
ATOM   536  C  CB  . ASP A 1 81 ? -2.075  11.483  23.124  1.00 68.91 ? 170 ASP A CB  1 
ATOM   537  C  CG  . ASP A 1 81 ? -3.565  11.699  23.309  1.00 70.68 ? 170 ASP A CG  1 
ATOM   538  O  OD1 . ASP A 1 81 ? -4.315  11.554  22.317  1.00 71.34 ? 170 ASP A OD1 1 
ATOM   539  O  OD2 . ASP A 1 81 ? -3.986  12.012  24.446  1.00 71.73 ? 170 ASP A OD2 1 
ATOM   540  N  N   . VAL A 1 82 ? -2.857  8.960   20.734  1.00 63.22 ? 171 VAL A N   1 
ATOM   541  C  CA  . VAL A 1 82 ? -3.278  8.747   19.352  1.00 60.81 ? 171 VAL A CA  1 
ATOM   542  C  C   . VAL A 1 82 ? -4.796  8.631   19.229  1.00 58.50 ? 171 VAL A C   1 
ATOM   543  O  O   . VAL A 1 82 ? -5.322  8.325   18.156  1.00 57.03 ? 171 VAL A O   1 
ATOM   544  C  CB  . VAL A 1 82 ? -2.640  7.456   18.766  1.00 61.52 ? 171 VAL A CB  1 
ATOM   545  C  CG1 . VAL A 1 82 ? -1.124  7.500   18.919  1.00 60.65 ? 171 VAL A CG1 1 
ATOM   546  C  CG2 . VAL A 1 82 ? -3.207  6.232   19.460  1.00 61.44 ? 171 VAL A CG2 1 
ATOM   547  N  N   . SER A 1 83 ? -5.494  8.873   20.331  1.00 56.57 ? 172 SER A N   1 
ATOM   548  C  CA  . SER A 1 83 ? -6.947  8.787   20.337  1.00 55.91 ? 172 SER A CA  1 
ATOM   549  C  C   . SER A 1 83 ? -7.586  9.898   19.507  1.00 55.09 ? 172 SER A C   1 
ATOM   550  O  O   . SER A 1 83 ? -8.726  9.777   19.073  1.00 55.26 ? 172 SER A O   1 
ATOM   551  C  CB  . SER A 1 83 ? -7.471  8.846   21.774  1.00 55.97 ? 172 SER A CB  1 
ATOM   552  O  OG  . SER A 1 83 ? -7.029  10.021  22.431  1.00 56.45 ? 172 SER A OG  1 
ATOM   553  N  N   . GLN A 1 84 ? -6.848  10.980  19.284  1.00 54.50 ? 173 GLN A N   1 
ATOM   554  C  CA  . GLN A 1 84 ? -7.372  12.096  18.500  1.00 53.03 ? 173 GLN A CA  1 
ATOM   555  C  C   . GLN A 1 84 ? -6.885  12.073  17.059  1.00 50.32 ? 173 GLN A C   1 
ATOM   556  O  O   . GLN A 1 84 ? -7.082  13.036  16.320  1.00 50.70 ? 173 GLN A O   1 
ATOM   557  C  CB  . GLN A 1 84 ? -6.977  13.427  19.143  1.00 55.75 ? 173 GLN A CB  1 
ATOM   558  C  CG  . GLN A 1 84 ? -7.664  13.698  20.470  1.00 59.50 ? 173 GLN A CG  1 
ATOM   559  C  CD  . GLN A 1 84 ? -9.173  13.578  20.368  1.00 61.50 ? 173 GLN A CD  1 
ATOM   560  O  OE1 . GLN A 1 84 ? -9.817  14.290  19.592  1.00 62.92 ? 173 GLN A OE1 1 
ATOM   561  N  NE2 . GLN A 1 84 ? -9.746  12.671  21.150  1.00 63.08 ? 173 GLN A NE2 1 
ATOM   562  N  N   . GLU A 1 85 ? -6.259  10.973  16.653  1.00 46.43 ? 174 GLU A N   1 
ATOM   563  C  CA  . GLU A 1 85 ? -5.733  10.869  15.298  1.00 43.31 ? 174 GLU A CA  1 
ATOM   564  C  C   . GLU A 1 85 ? -6.665  10.148  14.340  1.00 39.58 ? 174 GLU A C   1 
ATOM   565  O  O   . GLU A 1 85 ? -7.569  9.423   14.761  1.00 37.42 ? 174 GLU A O   1 
ATOM   566  C  CB  . GLU A 1 85 ? -4.394  10.130  15.301  1.00 45.17 ? 174 GLU A CB  1 
ATOM   567  C  CG  . GLU A 1 85 ? -3.450  10.519  16.416  1.00 47.39 ? 174 GLU A CG  1 
ATOM   568  C  CD  . GLU A 1 85 ? -2.086  9.867   16.267  1.00 50.61 ? 174 GLU A CD  1 
ATOM   569  O  OE1 . GLU A 1 85 ? -2.035  8.645   15.985  1.00 50.91 ? 174 GLU A OE1 1 
ATOM   570  O  OE2 . GLU A 1 85 ? -1.068  10.577  16.439  1.00 50.96 ? 174 GLU A OE2 1 
ATOM   571  N  N   . VAL A 1 86 ? -6.434  10.362  13.047  1.00 36.20 ? 175 VAL A N   1 
ATOM   572  C  CA  . VAL A 1 86 ? -7.195  9.701   11.994  1.00 34.20 ? 175 VAL A CA  1 
ATOM   573  C  C   . VAL A 1 86 ? -6.169  9.076   11.062  1.00 33.29 ? 175 VAL A C   1 
ATOM   574  O  O   . VAL A 1 86 ? -5.113  9.666   10.808  1.00 32.01 ? 175 VAL A O   1 
ATOM   575  C  CB  . VAL A 1 86 ? -8.079  10.675  11.182  1.00 35.38 ? 175 VAL A CB  1 
ATOM   576  C  CG1 . VAL A 1 86 ? -9.181  11.227  12.063  1.00 34.93 ? 175 VAL A CG1 1 
ATOM   577  C  CG2 . VAL A 1 86 ? -7.228  11.796  10.588  1.00 34.44 ? 175 VAL A CG2 1 
ATOM   578  N  N   . ARG A 1 87 ? -6.466  7.877   10.576  1.00 30.67 ? 176 ARG A N   1 
ATOM   579  C  CA  . ARG A 1 87 ? -5.558  7.168   9.688   1.00 29.89 ? 176 ARG A CA  1 
ATOM   580  C  C   . ARG A 1 87 ? -6.324  6.244   8.765   1.00 28.73 ? 176 ARG A C   1 
ATOM   581  O  O   . ARG A 1 87 ? -7.518  6.007   8.959   1.00 27.63 ? 176 ARG A O   1 
ATOM   582  C  CB  . ARG A 1 87 ? -4.569  6.338   10.512  1.00 32.84 ? 176 ARG A CB  1 
ATOM   583  C  CG  . ARG A 1 87 ? -3.599  7.177   11.322  1.00 37.12 ? 176 ARG A CG  1 
ATOM   584  C  CD  . ARG A 1 87 ? -2.892  6.358   12.376  1.00 40.01 ? 176 ARG A CD  1 
ATOM   585  N  NE  . ARG A 1 87 ? -1.961  7.178   13.143  1.00 40.39 ? 176 ARG A NE  1 
ATOM   586  C  CZ  . ARG A 1 87 ? -0.720  7.461   12.764  1.00 41.05 ? 176 ARG A CZ  1 
ATOM   587  N  NH1 . ARG A 1 87 ? -0.240  6.985   11.622  1.00 41.21 ? 176 ARG A NH1 1 
ATOM   588  N  NH2 . ARG A 1 87 ? 0.040   8.242   13.524  1.00 41.07 ? 176 ARG A NH2 1 
ATOM   589  N  N   . LYS A 1 88 ? -5.632  5.723   7.760   1.00 25.01 ? 177 LYS A N   1 
ATOM   590  C  CA  . LYS A 1 88 ? -6.246  4.784   6.843   1.00 25.99 ? 177 LYS A CA  1 
ATOM   591  C  C   . LYS A 1 88 ? -6.224  3.439   7.570   1.00 25.61 ? 177 LYS A C   1 
ATOM   592  O  O   . LYS A 1 88 ? -5.691  3.338   8.675   1.00 22.59 ? 177 LYS A O   1 
ATOM   593  C  CB  . LYS A 1 88 ? -5.451  4.711   5.540   1.00 26.78 ? 177 LYS A CB  1 
ATOM   594  C  CG  . LYS A 1 88 ? -5.370  6.053   4.819   1.00 29.31 ? 177 LYS A CG  1 
ATOM   595  C  CD  . LYS A 1 88 ? -4.563  5.952   3.531   1.00 28.85 ? 177 LYS A CD  1 
ATOM   596  C  CE  . LYS A 1 88 ? -4.645  7.247   2.747   1.00 32.34 ? 177 LYS A CE  1 
ATOM   597  N  NZ  . LYS A 1 88 ? -4.029  7.111   1.399   1.00 37.34 ? 177 LYS A NZ  1 
ATOM   598  N  N   . TYR A 1 89 ? -6.802  2.414   6.963   1.00 24.51 ? 178 TYR A N   1 
ATOM   599  C  CA  . TYR A 1 89 ? -6.833  1.106   7.600   1.00 25.46 ? 178 TYR A CA  1 
ATOM   600  C  C   . TYR A 1 89 ? -7.142  0.046   6.561   1.00 25.65 ? 178 TYR A C   1 
ATOM   601  O  O   . TYR A 1 89 ? -7.693  0.347   5.501   1.00 25.74 ? 178 TYR A O   1 
ATOM   602  C  CB  . TYR A 1 89 ? -7.902  1.091   8.693   1.00 23.91 ? 178 TYR A CB  1 
ATOM   603  C  CG  . TYR A 1 89 ? -9.259  1.489   8.175   1.00 28.92 ? 178 TYR A CG  1 
ATOM   604  C  CD1 . TYR A 1 89 ? -10.205 0.530   7.817   1.00 30.10 ? 178 TYR A CD1 1 
ATOM   605  C  CD2 . TYR A 1 89 ? -9.582  2.831   7.997   1.00 30.48 ? 178 TYR A CD2 1 
ATOM   606  C  CE1 . TYR A 1 89 ? -11.436 0.902   7.296   1.00 32.75 ? 178 TYR A CE1 1 
ATOM   607  C  CE2 . TYR A 1 89 ? -10.802 3.214   7.474   1.00 33.60 ? 178 TYR A CE2 1 
ATOM   608  C  CZ  . TYR A 1 89 ? -11.725 2.248   7.126   1.00 33.54 ? 178 TYR A CZ  1 
ATOM   609  O  OH  . TYR A 1 89 ? -12.928 2.641   6.607   1.00 37.08 ? 178 TYR A OH  1 
ATOM   610  N  N   . PHE A 1 90 ? -6.774  -1.190  6.879   1.00 23.73 ? 179 PHE A N   1 
ATOM   611  C  CA  . PHE A 1 90 ? -6.999  -2.330  6.011   1.00 23.61 ? 179 PHE A CA  1 
ATOM   612  C  C   . PHE A 1 90 ? -7.991  -3.235  6.730   1.00 27.67 ? 179 PHE A C   1 
ATOM   613  O  O   . PHE A 1 90 ? -7.856  -3.477  7.927   1.00 28.08 ? 179 PHE A O   1 
ATOM   614  C  CB  . PHE A 1 90 ? -5.701  -3.130  5.821   1.00 25.97 ? 179 PHE A CB  1 
ATOM   615  C  CG  . PHE A 1 90 ? -4.762  -2.578  4.778   1.00 24.92 ? 179 PHE A CG  1 
ATOM   616  C  CD1 . PHE A 1 90 ? -4.774  -3.084  3.478   1.00 24.24 ? 179 PHE A CD1 1 
ATOM   617  C  CD2 . PHE A 1 90 ? -3.823  -1.605  5.110   1.00 24.29 ? 179 PHE A CD2 1 
ATOM   618  C  CE1 . PHE A 1 90 ? -3.856  -2.635  2.526   1.00 23.38 ? 179 PHE A CE1 1 
ATOM   619  C  CE2 . PHE A 1 90 ? -2.900  -1.148  4.163   1.00 22.82 ? 179 PHE A CE2 1 
ATOM   620  C  CZ  . PHE A 1 90 ? -2.918  -1.667  2.873   1.00 22.82 ? 179 PHE A CZ  1 
ATOM   621  N  N   . CYS A 1 91 ? -8.995  -3.727  6.019   1.00 30.35 ? 180 CYS A N   1 
ATOM   622  C  CA  . CYS A 1 91 ? -9.925  -4.652  6.648   1.00 32.15 ? 180 CYS A CA  1 
ATOM   623  C  C   . CYS A 1 91 ? -9.496  -6.028  6.174   1.00 31.60 ? 180 CYS A C   1 
ATOM   624  O  O   . CYS A 1 91 ? -9.314  -6.263  4.975   1.00 30.88 ? 180 CYS A O   1 
ATOM   625  C  CB  . CYS A 1 91 ? -11.370 -4.347  6.254   1.00 33.04 ? 180 CYS A CB  1 
ATOM   626  S  SG  . CYS A 1 91 ? -12.007 -2.808  7.007   1.00 38.41 ? 180 CYS A SG  1 
ATOM   627  N  N   . VAL A 1 92 ? -9.304  -6.930  7.129   1.00 33.28 ? 181 VAL A N   1 
ATOM   628  C  CA  . VAL A 1 92 ? -8.841  -8.275  6.826   1.00 34.07 ? 181 VAL A CA  1 
ATOM   629  C  C   . VAL A 1 92 ? -9.952  -9.307  6.913   1.00 36.48 ? 181 VAL A C   1 
ATOM   630  O  O   . VAL A 1 92 ? -10.782 -9.260  7.820   1.00 35.25 ? 181 VAL A O   1 
ATOM   631  C  CB  . VAL A 1 92 ? -7.728  -8.680  7.794   1.00 34.74 ? 181 VAL A CB  1 
ATOM   632  C  CG1 . VAL A 1 92 ? -7.081  -9.974  7.325   1.00 32.28 ? 181 VAL A CG1 1 
ATOM   633  C  CG2 . VAL A 1 92 ? -6.713  -7.538  7.925   1.00 32.51 ? 181 VAL A CG2 1 
ATOM   634  N  N   . LYS A 1 93 ? -9.934  -10.252 5.976   1.00 40.04 ? 182 LYS A N   1 
ATOM   635  C  CA  . LYS A 1 93 ? -10.943 -11.303 5.908   1.00 45.77 ? 182 LYS A CA  1 
ATOM   636  C  C   . LYS A 1 93 ? -10.316 -12.585 5.358   1.00 47.92 ? 182 LYS A C   1 
ATOM   637  O  O   . LYS A 1 93 ? -9.516  -12.529 4.423   1.00 47.09 ? 182 LYS A O   1 
ATOM   638  C  CB  . LYS A 1 93 ? -12.067 -10.844 4.982   1.00 46.59 ? 182 LYS A CB  1 
ATOM   639  C  CG  . LYS A 1 93 ? -13.405 -11.500 5.215   1.00 49.89 ? 182 LYS A CG  1 
ATOM   640  C  CD  . LYS A 1 93 ? -14.460 -10.806 4.381   1.00 49.82 ? 182 LYS A CD  1 
ATOM   641  C  CE  . LYS A 1 93 ? -15.852 -11.135 4.873   1.00 53.00 ? 182 LYS A CE  1 
ATOM   642  N  NZ  . LYS A 1 93 ? -16.886 -10.407 4.086   1.00 54.96 ? 182 LYS A NZ  1 
ATOM   643  N  N   . THR A 1 94 ? -10.672 -13.732 5.934   1.00 52.21 ? 183 THR A N   1 
ATOM   644  C  CA  . THR A 1 94 ? -10.136 -15.016 5.469   1.00 57.15 ? 183 THR A CA  1 
ATOM   645  C  C   . THR A 1 94 ? -10.734 -15.351 4.109   1.00 59.98 ? 183 THR A C   1 
ATOM   646  O  O   . THR A 1 94 ? -11.908 -15.075 3.864   1.00 59.10 ? 183 THR A O   1 
ATOM   647  C  CB  . THR A 1 94 ? -10.479 -16.169 6.430   1.00 57.96 ? 183 THR A CB  1 
ATOM   648  O  OG1 . THR A 1 94 ? -9.998  -15.866 7.746   1.00 59.25 ? 183 THR A OG1 1 
ATOM   649  C  CG2 . THR A 1 94 ? -9.833  -17.461 5.949   1.00 58.27 ? 183 THR A CG2 1 
HETATM 650  N  N   . MSE A 1 95 ? -9.930  -15.949 3.235   1.00 64.07 ? 184 MSE A N   1 
HETATM 651  C  CA  . MSE A 1 95 ? -10.382 -16.307 1.892   1.00 69.45 ? 184 MSE A CA  1 
HETATM 652  C  C   . MSE A 1 95 ? -11.011 -17.697 1.805   1.00 71.96 ? 184 MSE A C   1 
HETATM 653  O  O   . MSE A 1 95 ? -11.453 -18.253 2.814   1.00 72.65 ? 184 MSE A O   1 
HETATM 654  C  CB  . MSE A 1 95 ? -9.221  -16.203 0.895   1.00 71.45 ? 184 MSE A CB  1 
HETATM 655  C  CG  . MSE A 1 95 ? -8.844  -14.776 0.508   1.00 74.81 ? 184 MSE A CG  1 
HETATM 656  SE SE  . MSE A 1 95 ? -10.095 -13.937 -0.493  0.80 79.82 ? 184 MSE A SE  1 
HETATM 657  C  CE  . MSE A 1 95 ? -9.484  -14.267 -2.137  0.80 76.93 ? 184 MSE A CE  1 
ATOM   658  N  N   . ASN A 1 96 ? -11.039 -18.241 0.584   1.00 74.25 ? 185 ASN A N   1 
ATOM   659  C  CA  . ASN A 1 96 ? -11.615 -19.558 0.282   1.00 76.24 ? 185 ASN A CA  1 
ATOM   660  C  C   . ASN A 1 96 ? -13.143 -19.514 0.210   1.00 77.46 ? 185 ASN A C   1 
ATOM   661  O  O   . ASN A 1 96 ? -13.725 -18.462 0.564   1.00 78.30 ? 185 ASN A O   1 
ATOM   662  C  CB  . ASN A 1 96 ? -11.183 -20.602 1.321   1.00 76.53 ? 185 ASN A CB  1 
ATOM   663  C  CG  . ASN A 1 96 ? -9.753  -21.078 1.116   1.00 77.12 ? 185 ASN A CG  1 
ATOM   664  O  OD1 . ASN A 1 96 ? -9.436  -21.727 0.115   1.00 76.46 ? 185 ASN A OD1 1 
ATOM   665  N  ND2 . ASN A 1 96 ? -8.883  -20.759 2.069   1.00 76.97 ? 185 ASN A ND2 1 
ATOM   666  O  OXT . ASN A 1 96 ? -13.741 -20.536 -0.197  1.00 78.04 ? 185 ASN A OXT 1 
ATOM   667  N  N   . HIS B 1 7  ? 1.673   -17.837 -13.867 1.00 71.80 ? 96  HIS B N   1 
ATOM   668  C  CA  . HIS B 1 7  ? 1.868   -17.277 -12.496 1.00 72.01 ? 96  HIS B CA  1 
ATOM   669  C  C   . HIS B 1 7  ? 2.103   -18.380 -11.462 1.00 70.68 ? 96  HIS B C   1 
ATOM   670  O  O   . HIS B 1 7  ? 1.156   -18.936 -10.901 1.00 71.34 ? 96  HIS B O   1 
ATOM   671  C  CB  . HIS B 1 7  ? 0.644   -16.450 -12.088 1.00 73.11 ? 96  HIS B CB  1 
ATOM   672  C  CG  . HIS B 1 7  ? 0.776   -15.797 -10.746 1.00 74.36 ? 96  HIS B CG  1 
ATOM   673  N  ND1 . HIS B 1 7  ? -0.271  -15.151 -10.127 1.00 74.89 ? 96  HIS B ND1 1 
ATOM   674  C  CD2 . HIS B 1 7  ? 1.834   -15.689 -9.906  1.00 74.70 ? 96  HIS B CD2 1 
ATOM   675  C  CE1 . HIS B 1 7  ? 0.133   -14.674 -8.963  1.00 75.68 ? 96  HIS B CE1 1 
ATOM   676  N  NE2 . HIS B 1 7  ? 1.408   -14.988 -8.804  1.00 75.63 ? 96  HIS B NE2 1 
ATOM   677  N  N   . LYS B 1 8  ? 3.370   -18.684 -11.206 1.00 68.79 ? 97  LYS B N   1 
ATOM   678  C  CA  . LYS B 1 8  ? 3.735   -19.717 -10.241 1.00 66.20 ? 97  LYS B CA  1 
ATOM   679  C  C   . LYS B 1 8  ? 4.592   -19.165 -9.100  1.00 63.12 ? 97  LYS B C   1 
ATOM   680  O  O   . LYS B 1 8  ? 4.546   -19.673 -7.975  1.00 61.95 ? 97  LYS B O   1 
ATOM   681  C  CB  . LYS B 1 8  ? 4.472   -20.856 -10.958 1.00 67.61 ? 97  LYS B CB  1 
ATOM   682  C  CG  . LYS B 1 8  ? 5.486   -20.381 -11.988 1.00 69.70 ? 97  LYS B CG  1 
ATOM   683  C  CD  . LYS B 1 8  ? 6.128   -21.549 -12.719 1.00 71.57 ? 97  LYS B CD  1 
ATOM   684  C  CE  . LYS B 1 8  ? 7.113   -21.068 -13.779 1.00 72.65 ? 97  LYS B CE  1 
ATOM   685  N  NZ  . LYS B 1 8  ? 6.454   -20.268 -14.853 1.00 73.63 ? 97  LYS B NZ  1 
ATOM   686  N  N   . GLU B 1 9  ? 5.370   -18.127 -9.385  1.00 59.50 ? 98  GLU B N   1 
ATOM   687  C  CA  . GLU B 1 9  ? 6.214   -17.532 -8.358  1.00 56.57 ? 98  GLU B CA  1 
ATOM   688  C  C   . GLU B 1 9  ? 5.447   -16.557 -7.480  1.00 52.96 ? 98  GLU B C   1 
ATOM   689  O  O   . GLU B 1 9  ? 4.381   -16.066 -7.848  1.00 51.98 ? 98  GLU B O   1 
ATOM   690  C  CB  . GLU B 1 9  ? 7.424   -16.842 -8.988  1.00 58.17 ? 98  GLU B CB  1 
ATOM   691  C  CG  . GLU B 1 9  ? 7.112   -15.990 -10.192 1.00 61.57 ? 98  GLU B CG  1 
ATOM   692  C  CD  . GLU B 1 9  ? 8.370   -15.485 -10.875 1.00 63.38 ? 98  GLU B CD  1 
ATOM   693  O  OE1 . GLU B 1 9  ? 8.260   -14.960 -12.002 1.00 64.95 ? 98  GLU B OE1 1 
ATOM   694  O  OE2 . GLU B 1 9  ? 9.468   -15.608 -10.283 1.00 63.84 ? 98  GLU B OE2 1 
ATOM   695  N  N   . SER B 1 10 ? 6.001   -16.295 -6.304  1.00 48.39 ? 99  SER B N   1 
ATOM   696  C  CA  . SER B 1 10 ? 5.391   -15.397 -5.338  1.00 46.14 ? 99  SER B CA  1 
ATOM   697  C  C   . SER B 1 10 ? 5.484   -13.929 -5.748  1.00 44.24 ? 99  SER B C   1 
ATOM   698  O  O   . SER B 1 10 ? 6.544   -13.454 -6.163  1.00 40.97 ? 99  SER B O   1 
ATOM   699  C  CB  . SER B 1 10 ? 6.063   -15.565 -3.967  1.00 45.37 ? 99  SER B CB  1 
ATOM   700  O  OG  . SER B 1 10 ? 5.976   -16.901 -3.492  1.00 45.95 ? 99  SER B OG  1 
ATOM   701  N  N   . CYS B 1 11 ? 4.364   -13.219 -5.642  1.00 42.52 ? 100 CYS B N   1 
ATOM   702  C  CA  . CYS B 1 11 ? 4.338   -11.793 -5.934  1.00 40.83 ? 100 CYS B CA  1 
ATOM   703  C  C   . CYS B 1 11 ? 4.101   -11.132 -4.596  1.00 39.56 ? 100 CYS B C   1 
ATOM   704  O  O   . CYS B 1 11 ? 2.961   -11.026 -4.147  1.00 40.22 ? 100 CYS B O   1 
ATOM   705  C  CB  . CYS B 1 11 ? 3.203   -11.418 -6.887  1.00 42.47 ? 100 CYS B CB  1 
ATOM   706  S  SG  . CYS B 1 11 ? 2.881   -9.616  -6.939  1.00 43.53 ? 100 CYS B SG  1 
ATOM   707  N  N   . ASN B 1 12 ? 5.178   -10.714 -3.942  1.00 37.53 ? 101 ASN B N   1 
ATOM   708  C  CA  . ASN B 1 12 ? 5.053   -10.070 -2.643  1.00 38.08 ? 101 ASN B CA  1 
ATOM   709  C  C   . ASN B 1 12 ? 4.804   -8.587  -2.848  1.00 35.88 ? 101 ASN B C   1 
ATOM   710  O  O   . ASN B 1 12 ? 5.659   -7.737  -2.591  1.00 34.45 ? 101 ASN B O   1 
ATOM   711  C  CB  . ASN B 1 12 ? 6.309   -10.314 -1.815  1.00 40.62 ? 101 ASN B CB  1 
ATOM   712  C  CG  . ASN B 1 12 ? 6.503   -11.784 -1.493  1.00 44.66 ? 101 ASN B CG  1 
ATOM   713  O  OD1 . ASN B 1 12 ? 6.448   -12.634 -2.383  1.00 48.09 ? 101 ASN B OD1 1 
ATOM   714  N  ND2 . ASN B 1 12 ? 6.732   -12.092 -0.222  1.00 44.92 ? 101 ASN B ND2 1 
ATOM   715  N  N   . GLY B 1 13 ? 3.600   -8.306  -3.330  1.00 35.00 ? 102 GLY B N   1 
ATOM   716  C  CA  . GLY B 1 13 ? 3.173   -6.951  -3.602  1.00 33.75 ? 102 GLY B CA  1 
ATOM   717  C  C   . GLY B 1 13 ? 1.830   -7.057  -4.286  1.00 34.37 ? 102 GLY B C   1 
ATOM   718  O  O   . GLY B 1 13 ? 1.107   -8.037  -4.090  1.00 34.43 ? 102 GLY B O   1 
ATOM   719  N  N   . LEU B 1 14 ? 1.495   -6.074  -5.106  1.00 34.02 ? 103 LEU B N   1 
ATOM   720  C  CA  . LEU B 1 14 ? 0.219   -6.096  -5.790  1.00 34.72 ? 103 LEU B CA  1 
ATOM   721  C  C   . LEU B 1 14 ? 0.338   -6.834  -7.105  1.00 35.55 ? 103 LEU B C   1 
ATOM   722  O  O   . LEU B 1 14 ? 1.249   -6.590  -7.895  1.00 36.04 ? 103 LEU B O   1 
ATOM   723  C  CB  . LEU B 1 14 ? -0.265  -4.673  -6.046  1.00 35.45 ? 103 LEU B CB  1 
ATOM   724  C  CG  . LEU B 1 14 ? -0.070  -3.708  -4.872  1.00 37.11 ? 103 LEU B CG  1 
ATOM   725  C  CD1 . LEU B 1 14 ? -0.615  -2.337  -5.267  1.00 37.65 ? 103 LEU B CD1 1 
ATOM   726  C  CD2 . LEU B 1 14 ? -0.766  -4.239  -3.625  1.00 36.26 ? 103 LEU B CD2 1 
ATOM   727  N  N   . TYR B 1 15 ? -0.588  -7.751  -7.339  1.00 36.87 ? 104 TYR B N   1 
ATOM   728  C  CA  . TYR B 1 15 ? -0.589  -8.504  -8.579  1.00 37.93 ? 104 TYR B CA  1 
ATOM   729  C  C   . TYR B 1 15 ? -1.809  -8.087  -9.371  1.00 38.75 ? 104 TYR B C   1 
ATOM   730  O  O   . TYR B 1 15 ? -2.932  -8.134  -8.869  1.00 38.14 ? 104 TYR B O   1 
ATOM   731  C  CB  . TYR B 1 15 ? -0.644  -10.006 -8.309  1.00 39.95 ? 104 TYR B CB  1 
ATOM   732  C  CG  . TYR B 1 15 ? -0.741  -10.827 -9.572  1.00 43.05 ? 104 TYR B CG  1 
ATOM   733  C  CD1 . TYR B 1 15 ? 0.365   -11.001 -10.403 1.00 44.14 ? 104 TYR B CD1 1 
ATOM   734  C  CD2 . TYR B 1 15 ? -1.947  -11.413 -9.950  1.00 44.89 ? 104 TYR B CD2 1 
ATOM   735  C  CE1 . TYR B 1 15 ? 0.269   -11.744 -11.585 1.00 47.72 ? 104 TYR B CE1 1 
ATOM   736  C  CE2 . TYR B 1 15 ? -2.054  -12.156 -11.126 1.00 48.25 ? 104 TYR B CE2 1 
ATOM   737  C  CZ  . TYR B 1 15 ? -0.945  -12.318 -11.934 1.00 48.00 ? 104 TYR B CZ  1 
ATOM   738  O  OH  . TYR B 1 15 ? -1.056  -13.058 -13.089 1.00 52.88 ? 104 TYR B OH  1 
ATOM   739  N  N   . TYR B 1 16 ? -1.586  -7.658  -10.605 1.00 40.92 ? 105 TYR B N   1 
ATOM   740  C  CA  . TYR B 1 16 ? -2.685  -7.240  -11.455 1.00 43.16 ? 105 TYR B CA  1 
ATOM   741  C  C   . TYR B 1 16 ? -2.441  -7.674  -12.892 1.00 45.04 ? 105 TYR B C   1 
ATOM   742  O  O   . TYR B 1 16 ? -1.526  -7.176  -13.564 1.00 44.68 ? 105 TYR B O   1 
ATOM   743  C  CB  . TYR B 1 16 ? -2.858  -5.722  -11.400 1.00 43.95 ? 105 TYR B CB  1 
ATOM   744  C  CG  . TYR B 1 16 ? -4.092  -5.233  -12.123 1.00 45.26 ? 105 TYR B CG  1 
ATOM   745  C  CD1 . TYR B 1 16 ? -5.367  -5.463  -11.605 1.00 46.02 ? 105 TYR B CD1 1 
ATOM   746  C  CD2 . TYR B 1 16 ? -3.988  -4.558  -13.337 1.00 45.67 ? 105 TYR B CD2 1 
ATOM   747  C  CE1 . TYR B 1 16 ? -6.509  -5.031  -12.279 1.00 47.43 ? 105 TYR B CE1 1 
ATOM   748  C  CE2 . TYR B 1 16 ? -5.122  -4.123  -14.020 1.00 46.16 ? 105 TYR B CE2 1 
ATOM   749  C  CZ  . TYR B 1 16 ? -6.377  -4.362  -13.487 1.00 46.43 ? 105 TYR B CZ  1 
ATOM   750  O  OH  . TYR B 1 16 ? -7.495  -3.939  -14.167 1.00 48.19 ? 105 TYR B OH  1 
ATOM   751  N  N   . GLN B 1 17 ? -3.260  -8.621  -13.345 1.00 46.71 ? 106 GLN B N   1 
ATOM   752  C  CA  . GLN B 1 17 ? -3.188  -9.147  -14.704 1.00 47.15 ? 106 GLN B CA  1 
ATOM   753  C  C   . GLN B 1 17 ? -1.782  -9.403  -15.233 1.00 46.11 ? 106 GLN B C   1 
ATOM   754  O  O   . GLN B 1 17 ? -1.358  -8.785  -16.209 1.00 45.06 ? 106 GLN B O   1 
ATOM   755  C  CB  . GLN B 1 17 ? -3.919  -8.200  -15.655 1.00 49.24 ? 106 GLN B CB  1 
ATOM   756  C  CG  . GLN B 1 17 ? -5.390  -8.085  -15.343 1.00 50.69 ? 106 GLN B CG  1 
ATOM   757  C  CD  . GLN B 1 17 ? -6.075  -7.019  -16.161 1.00 52.51 ? 106 GLN B CD  1 
ATOM   758  O  OE1 . GLN B 1 17 ? -5.457  -6.376  -17.016 1.00 53.49 ? 106 GLN B OE1 1 
ATOM   759  N  NE2 . GLN B 1 17 ? -7.362  -6.821  -15.905 1.00 52.98 ? 106 GLN B NE2 1 
ATOM   760  N  N   . GLY B 1 18 ? -1.064  -10.311 -14.582 1.00 45.26 ? 107 GLY B N   1 
ATOM   761  C  CA  . GLY B 1 18 ? 0.275   -10.644 -15.030 1.00 45.51 ? 107 GLY B CA  1 
ATOM   762  C  C   . GLY B 1 18 ? 1.400   -9.662  -14.755 1.00 45.15 ? 107 GLY B C   1 
ATOM   763  O  O   . GLY B 1 18 ? 2.424   -9.712  -15.427 1.00 45.57 ? 107 GLY B O   1 
ATOM   764  N  N   . SER B 1 19 ? 1.222   -8.760  -13.796 1.00 43.99 ? 108 SER B N   1 
ATOM   765  C  CA  . SER B 1 19 ? 2.279   -7.810  -13.450 1.00 42.91 ? 108 SER B CA  1 
ATOM   766  C  C   . SER B 1 19 ? 2.339   -7.686  -11.947 1.00 41.10 ? 108 SER B C   1 
ATOM   767  O  O   . SER B 1 19 ? 1.310   -7.556  -11.291 1.00 39.91 ? 108 SER B O   1 
ATOM   768  C  CB  . SER B 1 19 ? 2.019   -6.432  -14.057 1.00 44.17 ? 108 SER B CB  1 
ATOM   769  O  OG  . SER B 1 19 ? 2.290   -6.427  -15.448 1.00 47.12 ? 108 SER B OG  1 
ATOM   770  N  N   . CYS B 1 20 ? 3.543   -7.743  -11.390 1.00 39.04 ? 109 CYS B N   1 
ATOM   771  C  CA  . CYS B 1 20 ? 3.670   -7.617  -9.953  1.00 37.85 ? 109 CYS B CA  1 
ATOM   772  C  C   . CYS B 1 20 ? 4.238   -6.243  -9.602  1.00 36.54 ? 109 CYS B C   1 
ATOM   773  O  O   . CYS B 1 20 ? 5.239   -5.798  -10.174 1.00 36.00 ? 109 CYS B O   1 
ATOM   774  C  CB  . CYS B 1 20 ? 4.545   -8.739  -9.396  1.00 39.03 ? 109 CYS B CB  1 
ATOM   775  S  SG  . CYS B 1 20 ? 4.639   -8.788  -7.572  1.00 46.48 ? 109 CYS B SG  1 
ATOM   776  N  N   . TYR B 1 21 ? 3.558   -5.563  -8.688  1.00 33.41 ? 110 TYR B N   1 
ATOM   777  C  CA  . TYR B 1 21 ? 3.964   -4.239  -8.226  1.00 31.33 ? 110 TYR B CA  1 
ATOM   778  C  C   . TYR B 1 21 ? 4.638   -4.406  -6.872  1.00 28.55 ? 110 TYR B C   1 
ATOM   779  O  O   . TYR B 1 21 ? 3.978   -4.741  -5.891  1.00 26.21 ? 110 TYR B O   1 
ATOM   780  C  CB  . TYR B 1 21 ? 2.739   -3.337  -8.085  1.00 29.86 ? 110 TYR B CB  1 
ATOM   781  C  CG  . TYR B 1 21 ? 2.129   -2.912  -9.404  1.00 31.58 ? 110 TYR B CG  1 
ATOM   782  C  CD1 . TYR B 1 21 ? 2.233   -1.596  -9.839  1.00 32.99 ? 110 TYR B CD1 1 
ATOM   783  C  CD2 . TYR B 1 21 ? 1.452   -3.826  -10.224 1.00 31.65 ? 110 TYR B CD2 1 
ATOM   784  C  CE1 . TYR B 1 21 ? 1.681   -1.188  -11.054 1.00 34.18 ? 110 TYR B CE1 1 
ATOM   785  C  CE2 . TYR B 1 21 ? 0.895   -3.429  -11.443 1.00 31.95 ? 110 TYR B CE2 1 
ATOM   786  C  CZ  . TYR B 1 21 ? 1.017   -2.104  -11.847 1.00 34.06 ? 110 TYR B CZ  1 
ATOM   787  O  OH  . TYR B 1 21 ? 0.483   -1.673  -13.040 1.00 37.86 ? 110 TYR B OH  1 
ATOM   788  N  N   . ILE B 1 22 ? 5.945   -4.175  -6.820  1.00 28.17 ? 111 ILE B N   1 
ATOM   789  C  CA  . ILE B 1 22 ? 6.684   -4.323  -5.572  1.00 28.66 ? 111 ILE B CA  1 
ATOM   790  C  C   . ILE B 1 22 ? 6.988   -2.969  -4.953  1.00 25.96 ? 111 ILE B C   1 
ATOM   791  O  O   . ILE B 1 22 ? 7.666   -2.125  -5.552  1.00 22.12 ? 111 ILE B O   1 
ATOM   792  C  CB  . ILE B 1 22 ? 8.012   -5.081  -5.788  1.00 30.65 ? 111 ILE B CB  1 
ATOM   793  C  CG1 . ILE B 1 22 ? 7.744   -6.404  -6.520  1.00 36.09 ? 111 ILE B CG1 1 
ATOM   794  C  CG2 . ILE B 1 22 ? 8.663   -5.379  -4.442  1.00 33.74 ? 111 ILE B CG2 1 
ATOM   795  C  CD1 . ILE B 1 22 ? 6.783   -7.333  -5.791  1.00 34.93 ? 111 ILE B CD1 1 
ATOM   796  N  N   . LEU B 1 23 ? 6.490   -2.781  -3.739  1.00 23.85 ? 112 LEU B N   1 
ATOM   797  C  CA  . LEU B 1 23 ? 6.669   -1.532  -3.021  1.00 26.08 ? 112 LEU B CA  1 
ATOM   798  C  C   . LEU B 1 23 ? 8.061   -1.316  -2.439  1.00 28.03 ? 112 LEU B C   1 
ATOM   799  O  O   . LEU B 1 23 ? 8.664   -2.225  -1.890  1.00 28.32 ? 112 LEU B O   1 
ATOM   800  C  CB  . LEU B 1 23 ? 5.636   -1.443  -1.898  1.00 25.22 ? 112 LEU B CB  1 
ATOM   801  C  CG  . LEU B 1 23 ? 5.730   -0.266  -0.920  1.00 26.96 ? 112 LEU B CG  1 
ATOM   802  C  CD1 . LEU B 1 23 ? 5.729   1.055   -1.678  1.00 26.31 ? 112 LEU B CD1 1 
ATOM   803  C  CD2 . LEU B 1 23 ? 4.545   -0.331  0.057   1.00 26.56 ? 112 LEU B CD2 1 
ATOM   804  N  N   . HIS B 1 24 ? 8.557   -0.091  -2.568  1.00 29.63 ? 113 HIS B N   1 
ATOM   805  C  CA  . HIS B 1 24 ? 9.845   0.294   -2.015  1.00 30.91 ? 113 HIS B CA  1 
ATOM   806  C  C   . HIS B 1 24 ? 9.536   1.425   -1.036  1.00 32.43 ? 113 HIS B C   1 
ATOM   807  O  O   . HIS B 1 24 ? 9.197   2.542   -1.439  1.00 31.34 ? 113 HIS B O   1 
ATOM   808  C  CB  . HIS B 1 24 ? 10.779  0.760   -3.133  1.00 32.77 ? 113 HIS B CB  1 
ATOM   809  C  CG  . HIS B 1 24 ? 11.217  -0.346  -4.040  1.00 33.83 ? 113 HIS B CG  1 
ATOM   810  N  ND1 . HIS B 1 24 ? 12.482  -0.893  -3.990  1.00 35.80 ? 113 HIS B ND1 1 
ATOM   811  C  CD2 . HIS B 1 24 ? 10.545  -1.038  -4.991  1.00 33.93 ? 113 HIS B CD2 1 
ATOM   812  C  CE1 . HIS B 1 24 ? 12.571  -1.872  -4.872  1.00 35.91 ? 113 HIS B CE1 1 
ATOM   813  N  NE2 . HIS B 1 24 ? 11.410  -1.981  -5.493  1.00 34.96 ? 113 HIS B NE2 1 
ATOM   814  N  N   . SER B 1 25 ? 9.634   1.107   0.250   1.00 33.76 ? 114 SER B N   1 
ATOM   815  C  CA  . SER B 1 25 ? 9.339   2.033   1.341   1.00 36.45 ? 114 SER B CA  1 
ATOM   816  C  C   . SER B 1 25 ? 10.320  3.183   1.516   1.00 36.06 ? 114 SER B C   1 
ATOM   817  O  O   . SER B 1 25 ? 9.961   4.230   2.051   1.00 39.61 ? 114 SER B O   1 
ATOM   818  C  CB  . SER B 1 25 ? 9.256   1.264   2.665   1.00 36.78 ? 114 SER B CB  1 
ATOM   819  O  OG  . SER B 1 25 ? 8.273   0.251   2.609   1.00 42.60 ? 114 SER B OG  1 
ATOM   820  N  N   . ASP B 1 26 ? 11.559  2.981   1.092   1.00 36.08 ? 115 ASP B N   1 
ATOM   821  C  CA  . ASP B 1 26 ? 12.581  4.014   1.206   1.00 37.94 ? 115 ASP B CA  1 
ATOM   822  C  C   . ASP B 1 26 ? 12.233  5.207   0.318   1.00 37.16 ? 115 ASP B C   1 
ATOM   823  O  O   . ASP B 1 26 ? 12.140  5.072   -0.899  1.00 37.71 ? 115 ASP B O   1 
ATOM   824  C  CB  . ASP B 1 26 ? 13.937  3.451   0.783   1.00 38.78 ? 115 ASP B CB  1 
ATOM   825  C  CG  . ASP B 1 26 ? 13.897  2.820   -0.600  1.00 42.33 ? 115 ASP B CG  1 
ATOM   826  O  OD1 . ASP B 1 26 ? 13.102  1.876   -0.793  1.00 44.19 ? 115 ASP B OD1 1 
ATOM   827  O  OD2 . ASP B 1 26 ? 14.650  3.261   -1.497  1.00 43.21 ? 115 ASP B OD2 1 
ATOM   828  N  N   . TYR B 1 27 ? 12.025  6.366   0.930   1.00 36.51 ? 116 TYR B N   1 
ATOM   829  C  CA  . TYR B 1 27 ? 11.717  7.580   0.178   1.00 35.28 ? 116 TYR B CA  1 
ATOM   830  C  C   . TYR B 1 27 ? 12.908  7.876   -0.725  1.00 34.06 ? 116 TYR B C   1 
ATOM   831  O  O   . TYR B 1 27 ? 14.055  7.731   -0.303  1.00 33.12 ? 116 TYR B O   1 
ATOM   832  C  CB  . TYR B 1 27 ? 11.512  8.752   1.136   1.00 37.60 ? 116 TYR B CB  1 
ATOM   833  C  CG  . TYR B 1 27 ? 10.127  8.848   1.719   1.00 40.23 ? 116 TYR B CG  1 
ATOM   834  C  CD1 . TYR B 1 27 ? 9.110   9.502   1.026   1.00 41.33 ? 116 TYR B CD1 1 
ATOM   835  C  CD2 . TYR B 1 27 ? 9.832   8.296   2.963   1.00 42.29 ? 116 TYR B CD2 1 
ATOM   836  C  CE1 . TYR B 1 27 ? 7.830   9.608   1.558   1.00 43.60 ? 116 TYR B CE1 1 
ATOM   837  C  CE2 . TYR B 1 27 ? 8.554   8.392   3.505   1.00 44.62 ? 116 TYR B CE2 1 
ATOM   838  C  CZ  . TYR B 1 27 ? 7.557   9.053   2.796   1.00 45.21 ? 116 TYR B CZ  1 
ATOM   839  O  OH  . TYR B 1 27 ? 6.287   9.160   3.319   1.00 47.25 ? 116 TYR B OH  1 
ATOM   840  N  N   . GLN B 1 28 ? 12.642  8.278   -1.966  1.00 31.96 ? 117 GLN B N   1 
ATOM   841  C  CA  . GLN B 1 28 ? 13.715  8.598   -2.908  1.00 29.39 ? 117 GLN B CA  1 
ATOM   842  C  C   . GLN B 1 28 ? 13.285  9.717   -3.846  1.00 28.44 ? 117 GLN B C   1 
ATOM   843  O  O   . GLN B 1 28 ? 12.091  9.920   -4.066  1.00 25.17 ? 117 GLN B O   1 
ATOM   844  C  CB  . GLN B 1 28 ? 14.077  7.368   -3.752  1.00 29.52 ? 117 GLN B CB  1 
ATOM   845  C  CG  . GLN B 1 28 ? 14.583  6.182   -2.953  1.00 34.73 ? 117 GLN B CG  1 
ATOM   846  C  CD  . GLN B 1 28 ? 16.011  6.373   -2.481  1.00 36.25 ? 117 GLN B CD  1 
ATOM   847  O  OE1 . GLN B 1 28 ? 16.561  7.467   -2.576  1.00 37.84 ? 117 GLN B OE1 1 
ATOM   848  N  NE2 . GLN B 1 28 ? 16.619  5.310   -1.967  1.00 38.15 ? 117 GLN B NE2 1 
HETATM 849  N  N   . MSE B 1 29 ? 14.262  10.446  -4.383  1.00 27.59 ? 118 MSE B N   1 
HETATM 850  C  CA  . MSE B 1 29 ? 13.987  11.505  -5.349  1.00 28.87 ? 118 MSE B CA  1 
HETATM 851  C  C   . MSE B 1 29 ? 13.634  10.727  -6.626  1.00 26.93 ? 118 MSE B C   1 
HETATM 852  O  O   . MSE B 1 29 ? 14.065  9.584   -6.796  1.00 24.65 ? 118 MSE B O   1 
HETATM 853  C  CB  . MSE B 1 29 ? 15.237  12.379  -5.570  1.00 31.65 ? 118 MSE B CB  1 
HETATM 854  C  CG  . MSE B 1 29 ? 15.578  13.300  -4.382  1.00 36.39 ? 118 MSE B CG  1 
HETATM 855  SE SE  . MSE B 1 29 ? 17.155  14.214  -4.518  0.60 43.99 ? 118 MSE B SE  1 
HETATM 856  C  CE  . MSE B 1 29 ? 16.648  15.686  -5.365  0.60 39.92 ? 118 MSE B CE  1 
ATOM   857  N  N   . PHE B 1 30 ? 12.860  11.327  -7.520  1.00 24.44 ? 119 PHE B N   1 
ATOM   858  C  CA  . PHE B 1 30 ? 12.471  10.620  -8.728  1.00 24.48 ? 119 PHE B CA  1 
ATOM   859  C  C   . PHE B 1 30 ? 13.606  9.959   -9.510  1.00 24.83 ? 119 PHE B C   1 
ATOM   860  O  O   . PHE B 1 30 ? 13.487  8.795   -9.898  1.00 23.09 ? 119 PHE B O   1 
ATOM   861  C  CB  . PHE B 1 30 ? 11.687  11.535  -9.675  1.00 23.09 ? 119 PHE B CB  1 
ATOM   862  C  CG  . PHE B 1 30 ? 11.371  10.890  -10.993 1.00 23.60 ? 119 PHE B CG  1 
ATOM   863  C  CD1 . PHE B 1 30 ? 10.399  9.890   -11.082 1.00 22.97 ? 119 PHE B CD1 1 
ATOM   864  C  CD2 . PHE B 1 30 ? 12.092  11.228  -12.135 1.00 21.02 ? 119 PHE B CD2 1 
ATOM   865  C  CE1 . PHE B 1 30 ? 10.156  9.241   -12.286 1.00 19.83 ? 119 PHE B CE1 1 
ATOM   866  C  CE2 . PHE B 1 30 ? 11.855  10.581  -13.345 1.00 21.00 ? 119 PHE B CE2 1 
ATOM   867  C  CZ  . PHE B 1 30 ? 10.886  9.586   -13.421 1.00 24.15 ? 119 PHE B CZ  1 
ATOM   868  N  N   . SER B 1 31 ? 14.704  10.675  -9.744  1.00 24.64 ? 120 SER B N   1 
ATOM   869  C  CA  . SER B 1 31 ? 15.803  10.100  -10.518 1.00 27.22 ? 120 SER B CA  1 
ATOM   870  C  C   . SER B 1 31 ? 16.338  8.787   -9.959  1.00 26.36 ? 120 SER B C   1 
ATOM   871  O  O   . SER B 1 31 ? 16.682  7.886   -10.718 1.00 25.74 ? 120 SER B O   1 
ATOM   872  C  CB  . SER B 1 31 ? 16.958  11.094  -10.643 1.00 28.01 ? 120 SER B CB  1 
ATOM   873  O  OG  . SER B 1 31 ? 16.576  12.182  -11.461 1.00 36.86 ? 120 SER B OG  1 
ATOM   874  N  N   . ASP B 1 32 ? 16.419  8.685   -8.638  1.00 26.07 ? 121 ASP B N   1 
ATOM   875  C  CA  . ASP B 1 32 ? 16.924  7.473   -8.005  1.00 28.12 ? 121 ASP B CA  1 
ATOM   876  C  C   . ASP B 1 32 ? 15.880  6.346   -8.031  1.00 27.69 ? 121 ASP B C   1 
ATOM   877  O  O   . ASP B 1 32 ? 16.224  5.173   -8.214  1.00 26.54 ? 121 ASP B O   1 
ATOM   878  C  CB  . ASP B 1 32 ? 17.351  7.793   -6.570  1.00 31.14 ? 121 ASP B CB  1 
ATOM   879  C  CG  . ASP B 1 32 ? 18.386  8.918   -6.511  1.00 35.04 ? 121 ASP B CG  1 
ATOM   880  O  OD1 . ASP B 1 32 ? 19.485  8.742   -7.064  1.00 35.86 ? 121 ASP B OD1 1 
ATOM   881  O  OD2 . ASP B 1 32 ? 18.097  9.983   -5.924  1.00 37.16 ? 121 ASP B OD2 1 
ATOM   882  N  N   . ALA B 1 33 ? 14.609  6.698   -7.851  1.00 25.67 ? 122 ALA B N   1 
ATOM   883  C  CA  . ALA B 1 33 ? 13.551  5.691   -7.884  1.00 24.84 ? 122 ALA B CA  1 
ATOM   884  C  C   . ALA B 1 33 ? 13.531  5.055   -9.272  1.00 23.51 ? 122 ALA B C   1 
ATOM   885  O  O   . ALA B 1 33 ? 13.495  3.830   -9.406  1.00 21.75 ? 122 ALA B O   1 
ATOM   886  C  CB  . ALA B 1 33 ? 12.196  6.330   -7.580  1.00 22.35 ? 122 ALA B CB  1 
ATOM   887  N  N   . ALA B 1 34 ? 13.555  5.898   -10.298 1.00 23.69 ? 123 ALA B N   1 
ATOM   888  C  CA  . ALA B 1 34 ? 13.541  5.440   -11.689 1.00 25.62 ? 123 ALA B CA  1 
ATOM   889  C  C   . ALA B 1 34 ? 14.744  4.552   -11.986 1.00 26.17 ? 123 ALA B C   1 
ATOM   890  O  O   . ALA B 1 34 ? 14.607  3.463   -12.556 1.00 25.58 ? 123 ALA B O   1 
ATOM   891  C  CB  . ALA B 1 34 ? 13.542  6.639   -12.634 1.00 25.21 ? 123 ALA B CB  1 
ATOM   892  N  N   . ALA B 1 35 ? 15.921  5.026   -11.599 1.00 26.42 ? 124 ALA B N   1 
ATOM   893  C  CA  . ALA B 1 35 ? 17.147  4.272   -11.812 1.00 29.36 ? 124 ALA B CA  1 
ATOM   894  C  C   . ALA B 1 35 ? 17.008  2.919   -11.119 1.00 31.19 ? 124 ALA B C   1 
ATOM   895  O  O   . ALA B 1 35 ? 17.286  1.876   -11.710 1.00 30.72 ? 124 ALA B O   1 
ATOM   896  C  CB  . ALA B 1 35 ? 18.341  5.042   -11.234 1.00 29.09 ? 124 ALA B CB  1 
ATOM   897  N  N   . ASN B 1 36 ? 16.554  2.953   -9.868  1.00 32.32 ? 125 ASN B N   1 
ATOM   898  C  CA  . ASN B 1 36 ? 16.381  1.742   -9.080  1.00 34.03 ? 125 ASN B CA  1 
ATOM   899  C  C   . ASN B 1 36 ? 15.526  0.697   -9.798  1.00 32.01 ? 125 ASN B C   1 
ATOM   900  O  O   . ASN B 1 36 ? 15.927  -0.461  -9.918  1.00 29.60 ? 125 ASN B O   1 
ATOM   901  C  CB  . ASN B 1 36 ? 15.756  2.077   -7.721  1.00 37.09 ? 125 ASN B CB  1 
ATOM   902  C  CG  . ASN B 1 36 ? 16.053  1.020   -6.675  1.00 45.07 ? 125 ASN B CG  1 
ATOM   903  O  OD1 . ASN B 1 36 ? 15.172  0.602   -5.921  1.00 48.21 ? 125 ASN B OD1 1 
ATOM   904  N  ND2 . ASN B 1 36 ? 17.313  0.586   -6.617  1.00 47.43 ? 125 ASN B ND2 1 
ATOM   905  N  N   . CYS B 1 37 ? 14.349  1.097   -10.271 1.00 31.58 ? 126 CYS B N   1 
ATOM   906  C  CA  . CYS B 1 37 ? 13.480  0.157   -10.974 1.00 31.37 ? 126 CYS B CA  1 
ATOM   907  C  C   . CYS B 1 37 ? 14.157  -0.369  -12.227 1.00 31.90 ? 126 CYS B C   1 
ATOM   908  O  O   . CYS B 1 37 ? 14.100  -1.567  -12.515 1.00 30.35 ? 126 CYS B O   1 
ATOM   909  C  CB  . CYS B 1 37 ? 12.152  0.811   -11.364 1.00 34.36 ? 126 CYS B CB  1 
ATOM   910  S  SG  . CYS B 1 37 ? 11.014  1.170   -9.984  1.00 33.31 ? 126 CYS B SG  1 
ATOM   911  N  N   . THR B 1 38 ? 14.795  0.530   -12.973 1.00 30.01 ? 127 THR B N   1 
ATOM   912  C  CA  . THR B 1 38 ? 15.482  0.133   -14.194 1.00 31.62 ? 127 THR B CA  1 
ATOM   913  C  C   . THR B 1 38 ? 16.541  -0.918  -13.867 1.00 32.62 ? 127 THR B C   1 
ATOM   914  O  O   . THR B 1 38 ? 16.711  -1.884  -14.606 1.00 30.70 ? 127 THR B O   1 
ATOM   915  C  CB  . THR B 1 38 ? 16.157  1.329   -14.873 1.00 28.25 ? 127 THR B CB  1 
ATOM   916  O  OG1 . THR B 1 38 ? 15.166  2.316   -15.189 1.00 33.20 ? 127 THR B OG1 1 
ATOM   917  C  CG2 . THR B 1 38 ? 16.839  0.898   -16.152 1.00 28.59 ? 127 THR B CG2 1 
ATOM   918  N  N   . ALA B 1 39 ? 17.237  -0.730  -12.747 1.00 35.76 ? 128 ALA B N   1 
ATOM   919  C  CA  . ALA B 1 39 ? 18.266  -1.673  -12.320 1.00 37.53 ? 128 ALA B CA  1 
ATOM   920  C  C   . ALA B 1 39 ? 17.658  -3.053  -12.066 1.00 39.15 ? 128 ALA B C   1 
ATOM   921  O  O   . ALA B 1 39 ? 18.345  -4.072  -12.176 1.00 39.15 ? 128 ALA B O   1 
ATOM   922  C  CB  . ALA B 1 39 ? 18.946  -1.166  -11.063 1.00 37.34 ? 128 ALA B CB  1 
ATOM   923  N  N   . GLU B 1 40 ? 16.371  -3.085  -11.728 1.00 39.84 ? 129 GLU B N   1 
ATOM   924  C  CA  . GLU B 1 40 ? 15.683  -4.349  -11.465 1.00 40.60 ? 129 GLU B CA  1 
ATOM   925  C  C   . GLU B 1 40 ? 14.850  -4.777  -12.665 1.00 40.14 ? 129 GLU B C   1 
ATOM   926  O  O   . GLU B 1 40 ? 13.842  -5.469  -12.515 1.00 39.23 ? 129 GLU B O   1 
ATOM   927  C  CB  . GLU B 1 40 ? 14.773  -4.213  -10.250 1.00 42.39 ? 129 GLU B CB  1 
ATOM   928  C  CG  . GLU B 1 40 ? 15.453  -3.622  -9.045  1.00 47.79 ? 129 GLU B CG  1 
ATOM   929  C  CD  . GLU B 1 40 ? 14.524  -3.515  -7.852  1.00 51.66 ? 129 GLU B CD  1 
ATOM   930  O  OE1 . GLU B 1 40 ? 13.378  -3.036  -8.024  1.00 54.47 ? 129 GLU B OE1 1 
ATOM   931  O  OE2 . GLU B 1 40 ? 14.945  -3.900  -6.742  1.00 52.51 ? 129 GLU B OE2 1 
ATOM   932  N  N   . SER B 1 41 ? 15.282  -4.367  -13.854 1.00 39.76 ? 130 SER B N   1 
ATOM   933  C  CA  . SER B 1 41 ? 14.574  -4.696  -15.084 1.00 40.40 ? 130 SER B CA  1 
ATOM   934  C  C   . SER B 1 41 ? 13.087  -4.402  -14.915 1.00 39.61 ? 130 SER B C   1 
ATOM   935  O  O   . SER B 1 41 ? 12.227  -5.146  -15.393 1.00 38.04 ? 130 SER B O   1 
ATOM   936  C  CB  . SER B 1 41 ? 14.787  -6.170  -15.447 1.00 42.29 ? 130 SER B CB  1 
ATOM   937  O  OG  . SER B 1 41 ? 16.159  -6.428  -15.722 1.00 43.82 ? 130 SER B OG  1 
ATOM   938  N  N   . SER B 1 42 ? 12.796  -3.301  -14.234 1.00 37.52 ? 131 SER B N   1 
ATOM   939  C  CA  . SER B 1 42 ? 11.421  -2.900  -13.996 1.00 36.03 ? 131 SER B CA  1 
ATOM   940  C  C   . SER B 1 42 ? 11.208  -1.448  -14.400 1.00 34.26 ? 131 SER B C   1 
ATOM   941  O  O   . SER B 1 42 ? 12.146  -0.759  -14.803 1.00 34.41 ? 131 SER B O   1 
ATOM   942  C  CB  . SER B 1 42 ? 11.091  -3.077  -12.516 1.00 35.76 ? 131 SER B CB  1 
ATOM   943  O  OG  . SER B 1 42 ? 11.508  -4.358  -12.079 1.00 38.81 ? 131 SER B OG  1 
ATOM   944  N  N   . THR B 1 43 ? 9.962   -0.997  -14.286 1.00 32.16 ? 132 THR B N   1 
ATOM   945  C  CA  . THR B 1 43 ? 9.584   0.375   -14.608 1.00 31.54 ? 132 THR B CA  1 
ATOM   946  C  C   . THR B 1 43 ? 8.690   0.889   -13.495 1.00 29.60 ? 132 THR B C   1 
ATOM   947  O  O   . THR B 1 43 ? 8.149   0.100   -12.707 1.00 29.75 ? 132 THR B O   1 
ATOM   948  C  CB  . THR B 1 43 ? 8.754   0.458   -15.895 1.00 32.95 ? 132 THR B CB  1 
ATOM   949  O  OG1 . THR B 1 43 ? 7.701   -0.513  -15.838 1.00 37.91 ? 132 THR B OG1 1 
ATOM   950  C  CG2 . THR B 1 43 ? 9.619   0.207   -17.114 1.00 38.10 ? 132 THR B CG2 1 
ATOM   951  N  N   . LEU B 1 44 ? 8.538   2.204   -13.421 1.00 25.11 ? 133 LEU B N   1 
ATOM   952  C  CA  . LEU B 1 44 ? 7.656   2.786   -12.424 1.00 25.02 ? 133 LEU B CA  1 
ATOM   953  C  C   . LEU B 1 44 ? 6.284   2.644   -13.063 1.00 24.04 ? 133 LEU B C   1 
ATOM   954  O  O   . LEU B 1 44 ? 6.185   2.467   -14.272 1.00 24.16 ? 133 LEU B O   1 
ATOM   955  C  CB  . LEU B 1 44 ? 7.993   4.263   -12.191 1.00 20.72 ? 133 LEU B CB  1 
ATOM   956  C  CG  . LEU B 1 44 ? 9.301   4.545   -11.436 1.00 22.84 ? 133 LEU B CG  1 
ATOM   957  C  CD1 . LEU B 1 44 ? 9.674   6.028   -11.571 1.00 20.60 ? 133 LEU B CD1 1 
ATOM   958  C  CD2 . LEU B 1 44 ? 9.128   4.169   -9.963  1.00 18.31 ? 133 LEU B CD2 1 
ATOM   959  N  N   . PRO B 1 45 ? 5.208   2.718   -12.267 1.00 25.89 ? 134 PRO B N   1 
ATOM   960  C  CA  . PRO B 1 45 ? 3.865   2.587   -12.829 1.00 27.30 ? 134 PRO B CA  1 
ATOM   961  C  C   . PRO B 1 45 ? 3.509   3.798   -13.684 1.00 28.97 ? 134 PRO B C   1 
ATOM   962  O  O   . PRO B 1 45 ? 4.092   4.868   -13.526 1.00 31.01 ? 134 PRO B O   1 
ATOM   963  C  CB  . PRO B 1 45 ? 2.972   2.523   -11.588 1.00 27.07 ? 134 PRO B CB  1 
ATOM   964  C  CG  . PRO B 1 45 ? 3.910   2.173   -10.465 1.00 25.86 ? 134 PRO B CG  1 
ATOM   965  C  CD  . PRO B 1 45 ? 5.140   2.931   -10.815 1.00 24.24 ? 134 PRO B CD  1 
ATOM   966  N  N   . ASN B 1 46 ? 2.569   3.642   -14.605 1.00 31.75 ? 135 ASN B N   1 
ATOM   967  C  CA  . ASN B 1 46 ? 2.142   4.802   -15.373 1.00 36.01 ? 135 ASN B CA  1 
ATOM   968  C  C   . ASN B 1 46 ? 0.697   5.009   -14.928 1.00 36.54 ? 135 ASN B C   1 
ATOM   969  O  O   . ASN B 1 46 ? -0.107  4.068   -14.918 1.00 34.84 ? 135 ASN B O   1 
ATOM   970  C  CB  . ASN B 1 46 ? 2.236   4.556   -16.878 1.00 39.86 ? 135 ASN B CB  1 
ATOM   971  C  CG  . ASN B 1 46 ? 1.193   3.601   -17.370 1.00 44.91 ? 135 ASN B CG  1 
ATOM   972  O  OD1 . ASN B 1 46 ? 1.185   2.426   -16.998 1.00 50.30 ? 135 ASN B OD1 1 
ATOM   973  N  ND2 . ASN B 1 46 ? 0.290   4.098   -18.212 1.00 45.37 ? 135 ASN B ND2 1 
ATOM   974  N  N   . LYS B 1 47 ? 0.384   6.234   -14.525 1.00 38.37 ? 136 LYS B N   1 
ATOM   975  C  CA  . LYS B 1 47 ? -0.950  6.571   -14.038 1.00 41.27 ? 136 LYS B CA  1 
ATOM   976  C  C   . LYS B 1 47 ? -2.103  5.975   -14.842 1.00 41.59 ? 136 LYS B C   1 
ATOM   977  O  O   . LYS B 1 47 ? -2.929  5.243   -14.296 1.00 42.11 ? 136 LYS B O   1 
ATOM   978  C  CB  . LYS B 1 47 ? -1.130  8.091   -13.982 1.00 41.25 ? 136 LYS B CB  1 
ATOM   979  C  CG  . LYS B 1 47 ? -2.465  8.521   -13.368 1.00 43.08 ? 136 LYS B CG  1 
ATOM   980  C  CD  . LYS B 1 47 ? -3.068  9.712   -14.102 1.00 44.26 ? 136 LYS B CD  1 
ATOM   981  C  CE  . LYS B 1 47 ? -2.199  10.952  -13.986 1.00 43.47 ? 136 LYS B CE  1 
ATOM   982  N  NZ  . LYS B 1 47 ? -2.215  11.479  -12.598 1.00 46.91 ? 136 LYS B NZ  1 
ATOM   983  N  N   . SER B 1 48 ? -2.152  6.284   -16.135 1.00 42.17 ? 137 SER B N   1 
ATOM   984  C  CA  . SER B 1 48 ? -3.238  5.817   -16.993 1.00 43.64 ? 137 SER B CA  1 
ATOM   985  C  C   . SER B 1 48 ? -3.570  4.332   -16.876 1.00 43.46 ? 137 SER B C   1 
ATOM   986  O  O   . SER B 1 48 ? -4.735  3.956   -16.957 1.00 44.44 ? 137 SER B O   1 
ATOM   987  C  CB  . SER B 1 48 ? -2.956  6.171   -18.463 1.00 44.46 ? 137 SER B CB  1 
ATOM   988  O  OG  . SER B 1 48 ? -1.836  5.464   -18.978 1.00 48.03 ? 137 SER B OG  1 
ATOM   989  N  N   . ASP B 1 49 ? -2.567  3.486   -16.678 1.00 43.38 ? 138 ASP B N   1 
ATOM   990  C  CA  . ASP B 1 49 ? -2.830  2.056   -16.569 1.00 43.92 ? 138 ASP B CA  1 
ATOM   991  C  C   . ASP B 1 49 ? -3.365  1.620   -15.211 1.00 43.67 ? 138 ASP B C   1 
ATOM   992  O  O   . ASP B 1 49 ? -3.983  0.566   -15.104 1.00 45.22 ? 138 ASP B O   1 
ATOM   993  C  CB  . ASP B 1 49 ? -1.573  1.245   -16.884 1.00 47.02 ? 138 ASP B CB  1 
ATOM   994  C  CG  . ASP B 1 49 ? -1.192  1.296   -18.355 1.00 49.99 ? 138 ASP B CG  1 
ATOM   995  O  OD1 . ASP B 1 49 ? -0.229  0.597   -18.743 1.00 51.67 ? 138 ASP B OD1 1 
ATOM   996  O  OD2 . ASP B 1 49 ? -1.852  2.030   -19.123 1.00 51.13 ? 138 ASP B OD2 1 
ATOM   997  N  N   . VAL B 1 50 ? -3.136  2.423   -14.177 1.00 40.55 ? 139 VAL B N   1 
ATOM   998  C  CA  . VAL B 1 50 ? -3.586  2.057   -12.842 1.00 37.93 ? 139 VAL B CA  1 
ATOM   999  C  C   . VAL B 1 50 ? -4.749  2.883   -12.305 1.00 37.20 ? 139 VAL B C   1 
ATOM   1000 O  O   . VAL B 1 50 ? -5.436  2.460   -11.383 1.00 35.87 ? 139 VAL B O   1 
ATOM   1001 C  CB  . VAL B 1 50 ? -2.424  2.166   -11.816 1.00 38.04 ? 139 VAL B CB  1 
ATOM   1002 C  CG1 . VAL B 1 50 ? -1.264  1.286   -12.244 1.00 38.49 ? 139 VAL B CG1 1 
ATOM   1003 C  CG2 . VAL B 1 50 ? -1.967  3.613   -11.690 1.00 34.44 ? 139 VAL B CG2 1 
HETATM 1004 N  N   . MSE B 1 51 ? -4.973  4.054   -12.887 1.00 37.21 ? 140 MSE B N   1 
HETATM 1005 C  CA  . MSE B 1 51 ? -6.017  4.964   -12.422 1.00 39.23 ? 140 MSE B CA  1 
HETATM 1006 C  C   . MSE B 1 51 ? -7.435  4.398   -12.328 1.00 37.11 ? 140 MSE B C   1 
HETATM 1007 O  O   . MSE B 1 51 ? -8.213  4.811   -11.465 1.00 33.98 ? 140 MSE B O   1 
HETATM 1008 C  CB  . MSE B 1 51 ? -6.012  6.220   -13.296 1.00 45.86 ? 140 MSE B CB  1 
HETATM 1009 C  CG  . MSE B 1 51 ? -6.773  7.397   -12.713 1.00 53.48 ? 140 MSE B CG  1 
HETATM 1010 SE SE  . MSE B 1 51 ? -6.309  8.890   -13.607 0.80 67.63 ? 140 MSE B SE  1 
HETATM 1011 C  CE  . MSE B 1 51 ? -6.483  8.328   -15.316 0.80 60.49 ? 140 MSE B CE  1 
ATOM   1012 N  N   . ILE B 1 52 ? -7.774  3.460   -13.207 1.00 35.59 ? 141 ILE B N   1 
ATOM   1013 C  CA  . ILE B 1 52 ? -9.106  2.866   -13.186 1.00 36.59 ? 141 ILE B CA  1 
ATOM   1014 C  C   . ILE B 1 52 ? -9.102  1.463   -12.589 1.00 35.19 ? 141 ILE B C   1 
ATOM   1015 O  O   . ILE B 1 52 ? -9.909  0.621   -12.973 1.00 37.14 ? 141 ILE B O   1 
ATOM   1016 C  CB  . ILE B 1 52 ? -9.712  2.794   -14.607 1.00 37.18 ? 141 ILE B CB  1 
ATOM   1017 C  CG1 . ILE B 1 52 ? -8.746  2.078   -15.551 1.00 39.33 ? 141 ILE B CG1 1 
ATOM   1018 C  CG2 . ILE B 1 52 ? -10.022 4.195   -15.112 1.00 40.00 ? 141 ILE B CG2 1 
ATOM   1019 C  CD1 . ILE B 1 52 ? -9.312  1.842   -16.944 1.00 41.22 ? 141 ILE B CD1 1 
ATOM   1020 N  N   . THR B 1 53 ? -8.195  1.204   -11.656 1.00 32.05 ? 142 THR B N   1 
ATOM   1021 C  CA  . THR B 1 53 ? -8.133  -0.116  -11.035 1.00 30.04 ? 142 THR B CA  1 
ATOM   1022 C  C   . THR B 1 53 ? -8.031  0.040   -9.531  1.00 29.46 ? 142 THR B C   1 
ATOM   1023 O  O   . THR B 1 53 ? -7.761  1.129   -9.033  1.00 27.10 ? 142 THR B O   1 
ATOM   1024 C  CB  . THR B 1 53 ? -6.904  -0.923  -11.508 1.00 30.66 ? 142 THR B CB  1 
ATOM   1025 O  OG1 . THR B 1 53 ? -5.726  -0.440  -10.846 1.00 28.10 ? 142 THR B OG1 1 
ATOM   1026 C  CG2 . THR B 1 53 ? -6.730  -0.788  -13.020 1.00 30.60 ? 142 THR B CG2 1 
ATOM   1027 N  N   . TRP B 1 54 ? -8.230  -1.057  -8.812  1.00 29.05 ? 143 TRP B N   1 
ATOM   1028 C  CA  . TRP B 1 54 ? -8.151  -1.011  -7.362  1.00 29.77 ? 143 TRP B CA  1 
ATOM   1029 C  C   . TRP B 1 54 ? -6.748  -0.626  -6.926  1.00 27.94 ? 143 TRP B C   1 
ATOM   1030 O  O   . TRP B 1 54 ? -6.546  -0.165  -5.804  1.00 28.57 ? 143 TRP B O   1 
ATOM   1031 C  CB  . TRP B 1 54 ? -8.543  -2.361  -6.752  1.00 32.48 ? 143 TRP B CB  1 
ATOM   1032 C  CG  . TRP B 1 54 ? -7.735  -3.532  -7.237  1.00 34.19 ? 143 TRP B CG  1 
ATOM   1033 C  CD1 . TRP B 1 54 ? -7.981  -4.301  -8.339  1.00 35.09 ? 143 TRP B CD1 1 
ATOM   1034 C  CD2 . TRP B 1 54 ? -6.558  -4.070  -6.627  1.00 32.24 ? 143 TRP B CD2 1 
ATOM   1035 N  NE1 . TRP B 1 54 ? -7.033  -5.286  -8.449  1.00 35.15 ? 143 TRP B NE1 1 
ATOM   1036 C  CE2 . TRP B 1 54 ? -6.147  -5.168  -7.410  1.00 34.11 ? 143 TRP B CE2 1 
ATOM   1037 C  CE3 . TRP B 1 54 ? -5.810  -3.733  -5.493  1.00 32.41 ? 143 TRP B CE3 1 
ATOM   1038 C  CZ2 . TRP B 1 54 ? -5.018  -5.933  -7.096  1.00 35.32 ? 143 TRP B CZ2 1 
ATOM   1039 C  CZ3 . TRP B 1 54 ? -4.686  -4.495  -5.178  1.00 33.17 ? 143 TRP B CZ3 1 
ATOM   1040 C  CH2 . TRP B 1 54 ? -4.303  -5.581  -5.977  1.00 31.68 ? 143 TRP B CH2 1 
ATOM   1041 N  N   . LEU B 1 55 ? -5.786  -0.795  -7.829  1.00 26.67 ? 144 LEU B N   1 
ATOM   1042 C  CA  . LEU B 1 55 ? -4.393  -0.467  -7.550  1.00 26.07 ? 144 LEU B CA  1 
ATOM   1043 C  C   . LEU B 1 55 ? -4.153  1.016   -7.235  1.00 26.77 ? 144 LEU B C   1 
ATOM   1044 O  O   . LEU B 1 55 ? -3.206  1.345   -6.525  1.00 25.73 ? 144 LEU B O   1 
ATOM   1045 C  CB  . LEU B 1 55 ? -3.506  -0.845  -8.745  1.00 27.81 ? 144 LEU B CB  1 
ATOM   1046 C  CG  . LEU B 1 55 ? -3.341  -2.310  -9.162  1.00 30.43 ? 144 LEU B CG  1 
ATOM   1047 C  CD1 . LEU B 1 55 ? -2.537  -2.367  -10.451 1.00 32.73 ? 144 LEU B CD1 1 
ATOM   1048 C  CD2 . LEU B 1 55 ? -2.634  -3.087  -8.076  1.00 30.94 ? 144 LEU B CD2 1 
ATOM   1049 N  N   . ILE B 1 56 ? -5.002  1.901   -7.754  1.00 25.25 ? 145 ILE B N   1 
ATOM   1050 C  CA  . ILE B 1 56 ? -4.817  3.343   -7.558  1.00 28.16 ? 145 ILE B CA  1 
ATOM   1051 C  C   . ILE B 1 56 ? -4.754  3.789   -6.097  1.00 29.12 ? 145 ILE B C   1 
ATOM   1052 O  O   . ILE B 1 56 ? -4.055  4.748   -5.765  1.00 29.67 ? 145 ILE B O   1 
ATOM   1053 C  CB  . ILE B 1 56 ? -5.914  4.159   -8.308  1.00 25.65 ? 145 ILE B CB  1 
ATOM   1054 C  CG1 . ILE B 1 56 ? -5.520  5.638   -8.389  1.00 29.80 ? 145 ILE B CG1 1 
ATOM   1055 C  CG2 . ILE B 1 56 ? -7.255  4.020   -7.597  1.00 28.11 ? 145 ILE B CG2 1 
ATOM   1056 C  CD1 . ILE B 1 56 ? -4.369  5.947   -9.354  1.00 26.52 ? 145 ILE B CD1 1 
ATOM   1057 N  N   . ASP B 1 57 ? -5.469  3.094   -5.222  1.00 30.96 ? 146 ASP B N   1 
ATOM   1058 C  CA  . ASP B 1 57 ? -5.471  3.436   -3.805  1.00 32.26 ? 146 ASP B CA  1 
ATOM   1059 C  C   . ASP B 1 57 ? -4.073  3.255   -3.221  1.00 30.29 ? 146 ASP B C   1 
ATOM   1060 O  O   . ASP B 1 57 ? -3.669  3.971   -2.310  1.00 29.05 ? 146 ASP B O   1 
ATOM   1061 C  CB  . ASP B 1 57 ? -6.455  2.541   -3.057  1.00 38.43 ? 146 ASP B CB  1 
ATOM   1062 C  CG  . ASP B 1 57 ? -7.852  2.615   -3.636  1.00 45.04 ? 146 ASP B CG  1 
ATOM   1063 O  OD1 . ASP B 1 57 ? -8.484  3.691   -3.504  1.00 46.61 ? 146 ASP B OD1 1 
ATOM   1064 O  OD2 . ASP B 1 57 ? -8.310  1.607   -4.228  1.00 48.33 ? 146 ASP B OD2 1 
ATOM   1065 N  N   . TYR B 1 58 ? -3.333  2.300   -3.765  1.00 26.98 ? 147 TYR B N   1 
ATOM   1066 C  CA  . TYR B 1 58 ? -1.990  2.023   -3.278  1.00 27.61 ? 147 TYR B CA  1 
ATOM   1067 C  C   . TYR B 1 58 ? -0.896  2.874   -3.917  1.00 26.70 ? 147 TYR B C   1 
ATOM   1068 O  O   . TYR B 1 58 ? -0.023  3.385   -3.225  1.00 25.73 ? 147 TYR B O   1 
ATOM   1069 C  CB  . TYR B 1 58 ? -1.641  0.553   -3.503  1.00 25.26 ? 147 TYR B CB  1 
ATOM   1070 C  CG  . TYR B 1 58 ? -2.509  -0.428  -2.752  1.00 25.39 ? 147 TYR B CG  1 
ATOM   1071 C  CD1 . TYR B 1 58 ? -3.790  -0.743  -3.201  1.00 26.97 ? 147 TYR B CD1 1 
ATOM   1072 C  CD2 . TYR B 1 58 ? -2.049  -1.036  -1.582  1.00 26.21 ? 147 TYR B CD2 1 
ATOM   1073 C  CE1 . TYR B 1 58 ? -4.598  -1.645  -2.503  1.00 25.88 ? 147 TYR B CE1 1 
ATOM   1074 C  CE2 . TYR B 1 58 ? -2.841  -1.938  -0.879  1.00 27.89 ? 147 TYR B CE2 1 
ATOM   1075 C  CZ  . TYR B 1 58 ? -4.113  -2.235  -1.345  1.00 28.68 ? 147 TYR B CZ  1 
ATOM   1076 O  OH  . TYR B 1 58 ? -4.894  -3.121  -0.649  1.00 32.78 ? 147 TYR B OH  1 
ATOM   1077 N  N   . VAL B 1 59 ? -0.944  3.021   -5.235  1.00 24.60 ? 148 VAL B N   1 
ATOM   1078 C  CA  . VAL B 1 59 ? 0.087   3.768   -5.932  1.00 26.05 ? 148 VAL B CA  1 
ATOM   1079 C  C   . VAL B 1 59 ? -0.072  5.279   -5.880  1.00 26.52 ? 148 VAL B C   1 
ATOM   1080 O  O   . VAL B 1 59 ? 0.832   6.005   -6.292  1.00 23.27 ? 148 VAL B O   1 
ATOM   1081 C  CB  . VAL B 1 59 ? 0.192   3.332   -7.404  1.00 26.21 ? 148 VAL B CB  1 
ATOM   1082 C  CG1 . VAL B 1 59 ? 0.217   1.812   -7.493  1.00 26.29 ? 148 VAL B CG1 1 
ATOM   1083 C  CG2 . VAL B 1 59 ? -0.950  3.911   -8.200  1.00 29.27 ? 148 VAL B CG2 1 
ATOM   1084 N  N   . GLU B 1 60 ? -1.205  5.761   -5.378  1.00 27.50 ? 149 GLU B N   1 
ATOM   1085 C  CA  . GLU B 1 60 ? -1.397  7.203   -5.298  1.00 29.51 ? 149 GLU B CA  1 
ATOM   1086 C  C   . GLU B 1 60 ? -0.274  7.812   -4.463  1.00 28.58 ? 149 GLU B C   1 
ATOM   1087 O  O   . GLU B 1 60 ? 0.115   7.273   -3.425  1.00 24.41 ? 149 GLU B O   1 
ATOM   1088 C  CB  . GLU B 1 60 ? -2.747  7.564   -4.669  1.00 32.98 ? 149 GLU B CB  1 
ATOM   1089 C  CG  . GLU B 1 60 ? -2.915  9.072   -4.502  1.00 41.66 ? 149 GLU B CG  1 
ATOM   1090 C  CD  . GLU B 1 60 ? -4.249  9.469   -3.897  1.00 46.01 ? 149 GLU B CD  1 
ATOM   1091 O  OE1 . GLU B 1 60 ? -4.597  8.939   -2.818  1.00 49.35 ? 149 GLU B OE1 1 
ATOM   1092 O  OE2 . GLU B 1 60 ? -4.944  10.319  -4.497  1.00 48.77 ? 149 GLU B OE2 1 
ATOM   1093 N  N   . ASP B 1 61 ? 0.240   8.935   -4.945  1.00 27.61 ? 150 ASP B N   1 
ATOM   1094 C  CA  . ASP B 1 61 ? 1.324   9.674   -4.309  1.00 30.01 ? 150 ASP B CA  1 
ATOM   1095 C  C   . ASP B 1 61 ? 2.673   8.965   -4.261  1.00 28.59 ? 150 ASP B C   1 
ATOM   1096 O  O   . ASP B 1 61 ? 3.517   9.282   -3.421  1.00 32.15 ? 150 ASP B O   1 
ATOM   1097 C  CB  . ASP B 1 61 ? 0.942   10.136  -2.897  1.00 32.62 ? 150 ASP B CB  1 
ATOM   1098 C  CG  . ASP B 1 61 ? 1.756   11.360  -2.440  1.00 39.86 ? 150 ASP B CG  1 
ATOM   1099 O  OD1 . ASP B 1 61 ? 2.061   11.465  -1.227  1.00 43.44 ? 150 ASP B OD1 1 
ATOM   1100 O  OD2 . ASP B 1 61 ? 2.083   12.230  -3.291  1.00 39.60 ? 150 ASP B OD2 1 
ATOM   1101 N  N   . THR B 1 62 ? 2.873   7.993   -5.146  1.00 25.27 ? 151 THR B N   1 
ATOM   1102 C  CA  . THR B 1 62 ? 4.162   7.313   -5.252  1.00 23.95 ? 151 THR B CA  1 
ATOM   1103 C  C   . THR B 1 62 ? 4.600   7.721   -6.658  1.00 23.50 ? 151 THR B C   1 
ATOM   1104 O  O   . THR B 1 62 ? 3.759   8.143   -7.453  1.00 21.80 ? 151 THR B O   1 
ATOM   1105 C  CB  . THR B 1 62 ? 4.051   5.773   -5.155  1.00 23.79 ? 151 THR B CB  1 
ATOM   1106 O  OG1 . THR B 1 62 ? 3.241   5.278   -6.225  1.00 21.97 ? 151 THR B OG1 1 
ATOM   1107 C  CG2 . THR B 1 62 ? 3.450   5.372   -3.818  1.00 24.76 ? 151 THR B CG2 1 
ATOM   1108 N  N   . TRP B 1 63 ? 5.888   7.596   -6.975  1.00 22.02 ? 152 TRP B N   1 
ATOM   1109 C  CA  . TRP B 1 63 ? 6.396   8.020   -8.292  1.00 21.60 ? 152 TRP B CA  1 
ATOM   1110 C  C   . TRP B 1 63 ? 5.817   7.342   -9.519  1.00 21.85 ? 152 TRP B C   1 
ATOM   1111 O  O   . TRP B 1 63 ? 5.759   6.107   -9.599  1.00 20.92 ? 152 TRP B O   1 
ATOM   1112 C  CB  . TRP B 1 63 ? 7.926   7.874   -8.373  1.00 23.13 ? 152 TRP B CB  1 
ATOM   1113 C  CG  . TRP B 1 63 ? 8.690   8.829   -7.516  1.00 24.98 ? 152 TRP B CG  1 
ATOM   1114 C  CD1 . TRP B 1 63 ? 9.516   8.512   -6.479  1.00 24.76 ? 152 TRP B CD1 1 
ATOM   1115 C  CD2 . TRP B 1 63 ? 8.696   10.260  -7.611  1.00 25.53 ? 152 TRP B CD2 1 
ATOM   1116 N  NE1 . TRP B 1 63 ? 10.034  9.652   -5.920  1.00 23.35 ? 152 TRP B NE1 1 
ATOM   1117 C  CE2 . TRP B 1 63 ? 9.547   10.741  -6.595  1.00 26.40 ? 152 TRP B CE2 1 
ATOM   1118 C  CE3 . TRP B 1 63 ? 8.060   11.182  -8.457  1.00 27.94 ? 152 TRP B CE3 1 
ATOM   1119 C  CZ2 . TRP B 1 63 ? 9.783   12.105  -6.397  1.00 25.60 ? 152 TRP B CZ2 1 
ATOM   1120 C  CZ3 . TRP B 1 63 ? 8.294   12.536  -8.264  1.00 28.79 ? 152 TRP B CZ3 1 
ATOM   1121 C  CH2 . TRP B 1 63 ? 9.150   12.985  -7.238  1.00 29.72 ? 152 TRP B CH2 1 
ATOM   1122 N  N   . GLY B 1 64 ? 5.401   8.174   -10.476 1.00 20.66 ? 153 GLY B N   1 
ATOM   1123 C  CA  . GLY B 1 64 ? 4.879   7.692   -11.742 1.00 22.82 ? 153 GLY B CA  1 
ATOM   1124 C  C   . GLY B 1 64 ? 6.037   7.775   -12.732 1.00 23.84 ? 153 GLY B C   1 
ATOM   1125 O  O   . GLY B 1 64 ? 7.011   8.485   -12.488 1.00 24.44 ? 153 GLY B O   1 
ATOM   1126 N  N   . SER B 1 65 ? 5.946   7.070   -13.850 1.00 24.85 ? 154 SER B N   1 
ATOM   1127 C  CA  . SER B 1 65 ? 7.034   7.077   -14.817 1.00 27.27 ? 154 SER B CA  1 
ATOM   1128 C  C   . SER B 1 65 ? 7.264   8.416   -15.509 1.00 28.13 ? 154 SER B C   1 
ATOM   1129 O  O   . SER B 1 65 ? 8.254   8.577   -16.210 1.00 28.59 ? 154 SER B O   1 
ATOM   1130 C  CB  . SER B 1 65 ? 6.805   5.992   -15.865 1.00 26.76 ? 154 SER B CB  1 
ATOM   1131 O  OG  . SER B 1 65 ? 5.591   6.213   -16.557 1.00 29.84 ? 154 SER B OG  1 
ATOM   1132 N  N   . ASP B 1 66 ? 6.358   9.370   -15.312 1.00 30.27 ? 155 ASP B N   1 
ATOM   1133 C  CA  . ASP B 1 66 ? 6.478   10.687  -15.941 1.00 31.97 ? 155 ASP B CA  1 
ATOM   1134 C  C   . ASP B 1 66 ? 7.146   11.717  -15.032 1.00 31.57 ? 155 ASP B C   1 
ATOM   1135 O  O   . ASP B 1 66 ? 7.135   12.905  -15.334 1.00 33.57 ? 155 ASP B O   1 
ATOM   1136 C  CB  . ASP B 1 66 ? 5.098   11.211  -16.328 1.00 35.41 ? 155 ASP B CB  1 
ATOM   1137 C  CG  . ASP B 1 66 ? 4.295   11.664  -15.118 1.00 38.05 ? 155 ASP B CG  1 
ATOM   1138 O  OD1 . ASP B 1 66 ? 4.418   11.027  -14.046 1.00 38.21 ? 155 ASP B OD1 1 
ATOM   1139 O  OD2 . ASP B 1 66 ? 3.540   12.651  -15.237 1.00 38.93 ? 155 ASP B OD2 1 
ATOM   1140 N  N   . GLY B 1 67 ? 7.699   11.271  -13.910 1.00 29.92 ? 156 GLY B N   1 
ATOM   1141 C  CA  . GLY B 1 67 ? 8.368   12.190  -13.006 1.00 30.87 ? 156 GLY B CA  1 
ATOM   1142 C  C   . GLY B 1 67 ? 7.477   12.870  -11.981 1.00 29.61 ? 156 GLY B C   1 
ATOM   1143 O  O   . GLY B 1 67 ? 7.946   13.694  -11.194 1.00 29.93 ? 156 GLY B O   1 
ATOM   1144 N  N   . ASN B 1 68 ? 6.192   12.535  -11.983 1.00 28.96 ? 157 ASN B N   1 
ATOM   1145 C  CA  . ASN B 1 68 ? 5.254   13.126  -11.032 1.00 28.19 ? 157 ASN B CA  1 
ATOM   1146 C  C   . ASN B 1 68 ? 4.614   12.070  -10.149 1.00 27.84 ? 157 ASN B C   1 
ATOM   1147 O  O   . ASN B 1 68 ? 4.479   10.913  -10.540 1.00 27.13 ? 157 ASN B O   1 
ATOM   1148 C  CB  . ASN B 1 68 ? 4.126   13.862  -11.763 1.00 30.60 ? 157 ASN B CB  1 
ATOM   1149 C  CG  . ASN B 1 68 ? 4.594   15.122  -12.449 1.00 32.33 ? 157 ASN B CG  1 
ATOM   1150 O  OD1 . ASN B 1 68 ? 5.108   16.040  -11.804 1.00 36.71 ? 157 ASN B OD1 1 
ATOM   1151 N  ND2 . ASN B 1 68 ? 4.412   15.180  -13.758 1.00 29.97 ? 157 ASN B ND2 1 
ATOM   1152 N  N   . PRO B 1 69 ? 4.229   12.450  -8.927  1.00 28.95 ? 158 PRO B N   1 
ATOM   1153 C  CA  . PRO B 1 69 ? 3.590   11.474  -8.051  1.00 28.55 ? 158 PRO B CA  1 
ATOM   1154 C  C   . PRO B 1 69 ? 2.258   11.155  -8.718  1.00 29.13 ? 158 PRO B C   1 
ATOM   1155 O  O   . PRO B 1 69 ? 1.615   12.040  -9.295  1.00 27.21 ? 158 PRO B O   1 
ATOM   1156 C  CB  . PRO B 1 69 ? 3.405   12.249  -6.753  1.00 28.65 ? 158 PRO B CB  1 
ATOM   1157 C  CG  . PRO B 1 69 ? 4.566   13.173  -6.758  1.00 32.22 ? 158 PRO B CG  1 
ATOM   1158 C  CD  . PRO B 1 69 ? 4.580   13.669  -8.182  1.00 29.42 ? 158 PRO B CD  1 
ATOM   1159 N  N   . ILE B 1 70 ? 1.850   9.895   -8.671  1.00 27.47 ? 159 ILE B N   1 
ATOM   1160 C  CA  . ILE B 1 70 ? 0.588   9.506   -9.275  1.00 28.09 ? 159 ILE B CA  1 
ATOM   1161 C  C   . ILE B 1 70 ? -0.585  10.080  -8.476  1.00 30.48 ? 159 ILE B C   1 
ATOM   1162 O  O   . ILE B 1 70 ? -0.619  9.994   -7.245  1.00 28.28 ? 159 ILE B O   1 
ATOM   1163 C  CB  . ILE B 1 70 ? 0.474   7.970   -9.347  1.00 28.33 ? 159 ILE B CB  1 
ATOM   1164 C  CG1 . ILE B 1 70 ? 1.572   7.430   -10.265 1.00 28.23 ? 159 ILE B CG1 1 
ATOM   1165 C  CG2 . ILE B 1 70 ? -0.902  7.557   -9.871  1.00 27.34 ? 159 ILE B CG2 1 
ATOM   1166 C  CD1 . ILE B 1 70 ? 1.769   5.935   -10.153 1.00 32.03 ? 159 ILE B CD1 1 
ATOM   1167 N  N   . THR B 1 71 ? -1.528  10.692  -9.185  1.00 33.52 ? 160 THR B N   1 
ATOM   1168 C  CA  . THR B 1 71 ? -2.715  11.265  -8.561  1.00 39.62 ? 160 THR B CA  1 
ATOM   1169 C  C   . THR B 1 71 ? -3.932  10.463  -9.009  1.00 43.89 ? 160 THR B C   1 
ATOM   1170 O  O   . THR B 1 71 ? -3.845  9.644   -9.928  1.00 43.86 ? 160 THR B O   1 
ATOM   1171 C  CB  . THR B 1 71 ? -2.932  12.730  -8.979  1.00 40.36 ? 160 THR B CB  1 
ATOM   1172 O  OG1 . THR B 1 71 ? -3.069  12.805  -10.405 1.00 41.12 ? 160 THR B OG1 1 
ATOM   1173 C  CG2 . THR B 1 71 ? -1.764  13.591  -8.534  1.00 39.36 ? 160 THR B CG2 1 
ATOM   1174 N  N   . LYS B 1 72 ? -5.064  10.690  -8.354  1.00 48.48 ? 161 LYS B N   1 
ATOM   1175 C  CA  . LYS B 1 72 ? -6.282  9.987   -8.713  1.00 54.64 ? 161 LYS B CA  1 
ATOM   1176 C  C   . LYS B 1 72 ? -6.936  10.710  -9.881  1.00 57.55 ? 161 LYS B C   1 
ATOM   1177 O  O   . LYS B 1 72 ? -7.742  10.133  -10.609 1.00 59.04 ? 161 LYS B O   1 
ATOM   1178 C  CB  . LYS B 1 72 ? -7.232  9.929   -7.518  1.00 56.18 ? 161 LYS B CB  1 
ATOM   1179 C  CG  . LYS B 1 72 ? -6.731  9.039   -6.385  1.00 59.97 ? 161 LYS B CG  1 
ATOM   1180 C  CD  . LYS B 1 72 ? -7.706  9.030   -5.214  1.00 63.34 ? 161 LYS B CD  1 
ATOM   1181 C  CE  . LYS B 1 72 ? -7.301  8.028   -4.136  1.00 65.77 ? 161 LYS B CE  1 
ATOM   1182 N  NZ  . LYS B 1 72 ? -7.370  6.613   -4.605  1.00 67.53 ? 161 LYS B NZ  1 
ATOM   1183 N  N   . THR B 1 73 ? -6.564  11.975  -10.057 1.00 60.99 ? 162 THR B N   1 
ATOM   1184 C  CA  . THR B 1 73 ? -7.086  12.809  -11.136 1.00 64.86 ? 162 THR B CA  1 
ATOM   1185 C  C   . THR B 1 73 ? -6.378  12.525  -12.468 1.00 67.85 ? 162 THR B C   1 
ATOM   1186 O  O   . THR B 1 73 ? -5.290  11.947  -12.491 1.00 68.00 ? 162 THR B O   1 
ATOM   1187 C  CB  . THR B 1 73 ? -6.946  14.311  -10.774 1.00 65.18 ? 162 THR B CB  1 
ATOM   1188 O  OG1 . THR B 1 73 ? -6.832  15.090  -11.972 1.00 65.32 ? 162 THR B OG1 1 
ATOM   1189 C  CG2 . THR B 1 73 ? -5.728  14.543  -9.887  1.00 65.16 ? 162 THR B CG2 1 
ATOM   1190 N  N   . THR B 1 74 ? -6.997  12.933  -13.576 1.00 71.12 ? 163 THR B N   1 
ATOM   1191 C  CA  . THR B 1 74 ? -6.432  12.696  -14.908 1.00 74.96 ? 163 THR B CA  1 
ATOM   1192 C  C   . THR B 1 74 ? -5.373  13.707  -15.354 1.00 76.81 ? 163 THR B C   1 
ATOM   1193 O  O   . THR B 1 74 ? -4.361  13.327  -15.946 1.00 77.85 ? 163 THR B O   1 
ATOM   1194 C  CB  . THR B 1 74 ? -7.537  12.660  -15.994 1.00 75.06 ? 163 THR B CB  1 
ATOM   1195 O  OG1 . THR B 1 74 ? -8.493  11.640  -15.679 1.00 76.62 ? 163 THR B OG1 1 
ATOM   1196 C  CG2 . THR B 1 74 ? -6.934  12.350  -17.354 1.00 75.30 ? 163 THR B CG2 1 
ATOM   1197 N  N   . SER B 1 75 ? -5.603  14.987  -15.079 1.00 78.59 ? 164 SER B N   1 
ATOM   1198 C  CA  . SER B 1 75 ? -4.657  16.024  -15.479 1.00 80.52 ? 164 SER B CA  1 
ATOM   1199 C  C   . SER B 1 75 ? -3.744  16.463  -14.337 1.00 81.38 ? 164 SER B C   1 
ATOM   1200 O  O   . SER B 1 75 ? -3.773  15.888  -13.249 1.00 81.46 ? 164 SER B O   1 
ATOM   1201 C  CB  . SER B 1 75 ? -5.415  17.236  -16.024 1.00 81.24 ? 164 SER B CB  1 
ATOM   1202 O  OG  . SER B 1 75 ? -6.238  16.867  -17.118 1.00 82.34 ? 164 SER B OG  1 
ATOM   1203 N  N   . ASP B 1 76 ? -2.928  17.482  -14.596 1.00 82.50 ? 165 ASP B N   1 
ATOM   1204 C  CA  . ASP B 1 76 ? -2.006  18.001  -13.590 1.00 83.46 ? 165 ASP B CA  1 
ATOM   1205 C  C   . ASP B 1 76 ? -2.606  19.214  -12.885 1.00 83.87 ? 165 ASP B C   1 
ATOM   1206 O  O   . ASP B 1 76 ? -2.484  20.345  -13.358 1.00 84.37 ? 165 ASP B O   1 
ATOM   1207 C  CB  . ASP B 1 76 ? -0.670  18.386  -14.242 1.00 83.85 ? 165 ASP B CB  1 
ATOM   1208 C  CG  . ASP B 1 76 ? 0.353   18.895  -13.234 1.00 84.28 ? 165 ASP B CG  1 
ATOM   1209 O  OD1 . ASP B 1 76 ? 0.122   19.962  -12.626 1.00 84.14 ? 165 ASP B OD1 1 
ATOM   1210 O  OD2 . ASP B 1 76 ? 1.390   18.223  -13.048 1.00 84.66 ? 165 ASP B OD2 1 
ATOM   1211 N  N   . SER B 1 80 ? 3.846   21.340  -7.400  1.00 77.04 ? 169 SER B N   1 
ATOM   1212 C  CA  . SER B 1 80 ? 4.885   21.862  -6.516  1.00 76.85 ? 169 SER B CA  1 
ATOM   1213 C  C   . SER B 1 80 ? 6.278   21.634  -7.090  1.00 75.88 ? 169 SER B C   1 
ATOM   1214 O  O   . SER B 1 80 ? 6.432   21.185  -8.228  1.00 76.01 ? 169 SER B O   1 
ATOM   1215 C  CB  . SER B 1 80 ? 4.795   21.204  -5.134  1.00 77.72 ? 169 SER B CB  1 
ATOM   1216 O  OG  . SER B 1 80 ? 3.597   21.566  -4.469  1.00 78.86 ? 169 SER B OG  1 
ATOM   1217 N  N   . ASP B 1 81 ? 7.291   21.948  -6.289  1.00 74.06 ? 170 ASP B N   1 
ATOM   1218 C  CA  . ASP B 1 81 ? 8.676   21.773  -6.698  1.00 72.22 ? 170 ASP B CA  1 
ATOM   1219 C  C   . ASP B 1 81 ? 9.012   20.284  -6.679  1.00 69.86 ? 170 ASP B C   1 
ATOM   1220 O  O   . ASP B 1 81 ? 9.612   19.781  -5.727  1.00 68.87 ? 170 ASP B O   1 
ATOM   1221 C  CB  . ASP B 1 81 ? 9.595   22.539  -5.748  1.00 74.16 ? 170 ASP B CB  1 
ATOM   1222 C  CG  . ASP B 1 81 ? 11.055  22.378  -6.100  1.00 76.32 ? 170 ASP B CG  1 
ATOM   1223 O  OD1 . ASP B 1 81 ? 11.420  22.619  -7.273  1.00 76.89 ? 170 ASP B OD1 1 
ATOM   1224 O  OD2 . ASP B 1 81 ? 11.839  22.016  -5.198  1.00 77.91 ? 170 ASP B OD2 1 
ATOM   1225 N  N   . VAL B 1 82 ? 8.617   19.592  -7.746  1.00 66.96 ? 171 VAL B N   1 
ATOM   1226 C  CA  . VAL B 1 82 ? 8.826   18.152  -7.879  1.00 63.51 ? 171 VAL B CA  1 
ATOM   1227 C  C   . VAL B 1 82 ? 10.287  17.698  -7.849  1.00 60.51 ? 171 VAL B C   1 
ATOM   1228 O  O   . VAL B 1 82 ? 10.605  16.658  -7.270  1.00 60.30 ? 171 VAL B O   1 
ATOM   1229 C  CB  . VAL B 1 82 ? 8.170   17.621  -9.181  1.00 64.04 ? 171 VAL B CB  1 
ATOM   1230 C  CG1 . VAL B 1 82 ? 8.372   16.121  -9.299  1.00 63.71 ? 171 VAL B CG1 1 
ATOM   1231 C  CG2 . VAL B 1 82 ? 6.683   17.952  -9.184  1.00 64.35 ? 171 VAL B CG2 1 
ATOM   1232 N  N   . SER B 1 83 ? 11.170  18.473  -8.466  1.00 56.84 ? 172 SER B N   1 
ATOM   1233 C  CA  . SER B 1 83 ? 12.588  18.128  -8.512  1.00 54.28 ? 172 SER B CA  1 
ATOM   1234 C  C   . SER B 1 83 ? 13.258  18.011  -7.136  1.00 51.79 ? 172 SER B C   1 
ATOM   1235 O  O   . SER B 1 83 ? 14.342  17.433  -7.016  1.00 51.44 ? 172 SER B O   1 
ATOM   1236 C  CB  . SER B 1 83 ? 13.335  19.150  -9.372  1.00 54.00 ? 172 SER B CB  1 
ATOM   1237 O  OG  . SER B 1 83 ? 13.049  20.474  -8.953  1.00 56.83 ? 172 SER B OG  1 
ATOM   1238 N  N   . GLN B 1 84 ? 12.620  18.558  -6.103  1.00 48.92 ? 173 GLN B N   1 
ATOM   1239 C  CA  . GLN B 1 84 ? 13.164  18.499  -4.747  1.00 45.95 ? 173 GLN B CA  1 
ATOM   1240 C  C   . GLN B 1 84 ? 12.214  17.789  -3.801  1.00 44.59 ? 173 GLN B C   1 
ATOM   1241 O  O   . GLN B 1 84 ? 12.132  18.117  -2.615  1.00 44.13 ? 173 GLN B O   1 
ATOM   1242 C  CB  . GLN B 1 84 ? 13.459  19.900  -4.217  1.00 46.57 ? 173 GLN B CB  1 
ATOM   1243 C  CG  . GLN B 1 84 ? 14.538  20.630  -4.995  1.00 48.10 ? 173 GLN B CG  1 
ATOM   1244 C  CD  . GLN B 1 84 ? 14.924  21.953  -4.359  1.00 49.96 ? 173 GLN B CD  1 
ATOM   1245 O  OE1 . GLN B 1 84 ? 14.069  22.804  -4.096  1.00 49.47 ? 173 GLN B OE1 1 
ATOM   1246 N  NE2 . GLN B 1 84 ? 16.219  22.137  -4.112  1.00 49.27 ? 173 GLN B NE2 1 
ATOM   1247 N  N   . GLU B 1 85 ? 11.485  16.820  -4.334  1.00 41.17 ? 174 GLU B N   1 
ATOM   1248 C  CA  . GLU B 1 85 ? 10.563  16.052  -3.520  1.00 40.87 ? 174 GLU B CA  1 
ATOM   1249 C  C   . GLU B 1 85 ? 10.948  14.579  -3.519  1.00 37.82 ? 174 GLU B C   1 
ATOM   1250 O  O   . GLU B 1 85 ? 11.666  14.104  -4.403  1.00 35.78 ? 174 GLU B O   1 
ATOM   1251 C  CB  . GLU B 1 85 ? 9.125   16.219  -4.024  1.00 44.07 ? 174 GLU B CB  1 
ATOM   1252 C  CG  . GLU B 1 85 ? 8.530   17.593  -3.729  1.00 49.32 ? 174 GLU B CG  1 
ATOM   1253 C  CD  . GLU B 1 85 ? 7.026   17.650  -3.950  1.00 52.85 ? 174 GLU B CD  1 
ATOM   1254 O  OE1 . GLU B 1 85 ? 6.398   18.658  -3.543  1.00 54.55 ? 174 GLU B OE1 1 
ATOM   1255 O  OE2 . GLU B 1 85 ? 6.476   16.689  -4.533  1.00 54.66 ? 174 GLU B OE2 1 
ATOM   1256 N  N   . VAL B 1 86 ? 10.491  13.869  -2.495  1.00 35.60 ? 175 VAL B N   1 
ATOM   1257 C  CA  . VAL B 1 86 ? 10.756  12.449  -2.383  1.00 33.81 ? 175 VAL B CA  1 
ATOM   1258 C  C   . VAL B 1 86 ? 9.455   11.720  -2.105  1.00 32.62 ? 175 VAL B C   1 
ATOM   1259 O  O   . VAL B 1 86 ? 8.520   12.273  -1.518  1.00 32.39 ? 175 VAL B O   1 
ATOM   1260 C  CB  . VAL B 1 86 ? 11.760  12.126  -1.257  1.00 32.69 ? 175 VAL B CB  1 
ATOM   1261 C  CG1 . VAL B 1 86 ? 13.118  12.708  -1.596  1.00 36.31 ? 175 VAL B CG1 1 
ATOM   1262 C  CG2 . VAL B 1 86 ? 11.257  12.674  0.074   1.00 35.24 ? 175 VAL B CG2 1 
ATOM   1263 N  N   . ARG B 1 87 ? 9.403   10.478  -2.554  1.00 29.64 ? 176 ARG B N   1 
ATOM   1264 C  CA  . ARG B 1 87 ? 8.241   9.641   -2.354  1.00 29.81 ? 176 ARG B CA  1 
ATOM   1265 C  C   . ARG B 1 87 ? 8.646   8.201   -2.477  1.00 27.84 ? 176 ARG B C   1 
ATOM   1266 O  O   . ARG B 1 87 ? 9.765   7.894   -2.895  1.00 25.47 ? 176 ARG B O   1 
ATOM   1267 C  CB  . ARG B 1 87 ? 7.155   9.979   -3.371  1.00 30.80 ? 176 ARG B CB  1 
ATOM   1268 C  CG  . ARG B 1 87 ? 6.320   11.169  -2.925  1.00 34.07 ? 176 ARG B CG  1 
ATOM   1269 C  CD  . ARG B 1 87 ? 5.513   11.716  -4.050  1.00 38.22 ? 176 ARG B CD  1 
ATOM   1270 N  NE  . ARG B 1 87 ? 4.699   12.861  -3.654  1.00 38.47 ? 176 ARG B NE  1 
ATOM   1271 C  CZ  . ARG B 1 87 ? 5.162   13.939  -3.028  1.00 41.92 ? 176 ARG B CZ  1 
ATOM   1272 N  NH1 . ARG B 1 87 ? 6.446   14.036  -2.700  1.00 40.10 ? 176 ARG B NH1 1 
ATOM   1273 N  NH2 . ARG B 1 87 ? 4.340   14.947  -2.768  1.00 42.61 ? 176 ARG B NH2 1 
ATOM   1274 N  N   . LYS B 1 88 ? 7.747   7.317   -2.073  1.00 25.61 ? 177 LYS B N   1 
ATOM   1275 C  CA  . LYS B 1 88 ? 8.016   5.903   -2.167  1.00 24.35 ? 177 LYS B CA  1 
ATOM   1276 C  C   . LYS B 1 88 ? 7.672   5.564   -3.603  1.00 24.46 ? 177 LYS B C   1 
ATOM   1277 O  O   . LYS B 1 88 ? 7.215   6.434   -4.354  1.00 21.61 ? 177 LYS B O   1 
ATOM   1278 C  CB  . LYS B 1 88 ? 7.153   5.145   -1.148  1.00 26.22 ? 177 LYS B CB  1 
ATOM   1279 C  CG  . LYS B 1 88 ? 7.469   5.598   0.274   1.00 29.82 ? 177 LYS B CG  1 
ATOM   1280 C  CD  . LYS B 1 88 ? 6.789   4.779   1.359   1.00 36.07 ? 177 LYS B CD  1 
ATOM   1281 C  CE  . LYS B 1 88 ? 5.500   5.434   1.827   1.00 37.41 ? 177 LYS B CE  1 
ATOM   1282 N  NZ  . LYS B 1 88 ? 5.028   4.858   3.122   1.00 36.20 ? 177 LYS B NZ  1 
ATOM   1283 N  N   . TYR B 1 89 ? 7.896   4.323   -4.007  1.00 20.97 ? 178 TYR B N   1 
ATOM   1284 C  CA  . TYR B 1 89 ? 7.617   3.969   -5.379  1.00 22.86 ? 178 TYR B CA  1 
ATOM   1285 C  C   . TYR B 1 89 ? 7.441   2.481   -5.534  1.00 22.94 ? 178 TYR B C   1 
ATOM   1286 O  O   . TYR B 1 89 ? 7.897   1.703   -4.692  1.00 23.44 ? 178 TYR B O   1 
ATOM   1287 C  CB  . TYR B 1 89 ? 8.763   4.463   -6.280  1.00 18.71 ? 178 TYR B CB  1 
ATOM   1288 C  CG  . TYR B 1 89 ? 10.137  3.996   -5.837  1.00 21.46 ? 178 TYR B CG  1 
ATOM   1289 C  CD1 . TYR B 1 89 ? 10.811  2.990   -6.529  1.00 20.94 ? 178 TYR B CD1 1 
ATOM   1290 C  CD2 . TYR B 1 89 ? 10.749  4.540   -4.714  1.00 21.01 ? 178 TYR B CD2 1 
ATOM   1291 C  CE1 . TYR B 1 89 ? 12.053  2.534   -6.112  1.00 21.65 ? 178 TYR B CE1 1 
ATOM   1292 C  CE2 . TYR B 1 89 ? 12.002  4.092   -4.284  1.00 23.07 ? 178 TYR B CE2 1 
ATOM   1293 C  CZ  . TYR B 1 89 ? 12.642  3.088   -4.989  1.00 26.15 ? 178 TYR B CZ  1 
ATOM   1294 O  OH  . TYR B 1 89 ? 13.859  2.611   -4.558  1.00 29.50 ? 178 TYR B OH  1 
ATOM   1295 N  N   . PHE B 1 90 ? 6.757   2.099   -6.607  1.00 21.99 ? 179 PHE B N   1 
ATOM   1296 C  CA  . PHE B 1 90 ? 6.526   0.698   -6.937  1.00 21.68 ? 179 PHE B CA  1 
ATOM   1297 C  C   . PHE B 1 90 ? 7.333   0.394   -8.185  1.00 23.71 ? 179 PHE B C   1 
ATOM   1298 O  O   . PHE B 1 90 ? 7.411   1.221   -9.090  1.00 24.38 ? 179 PHE B O   1 
ATOM   1299 C  CB  . PHE B 1 90 ? 5.051   0.446   -7.283  1.00 19.90 ? 179 PHE B CB  1 
ATOM   1300 C  CG  . PHE B 1 90 ? 4.145   0.366   -6.093  1.00 19.13 ? 179 PHE B CG  1 
ATOM   1301 C  CD1 . PHE B 1 90 ? 3.900   -0.850  -5.475  1.00 20.93 ? 179 PHE B CD1 1 
ATOM   1302 C  CD2 . PHE B 1 90 ? 3.536   1.514   -5.591  1.00 20.81 ? 179 PHE B CD2 1 
ATOM   1303 C  CE1 . PHE B 1 90 ? 3.056   -0.940  -4.367  1.00 22.46 ? 179 PHE B CE1 1 
ATOM   1304 C  CE2 . PHE B 1 90 ? 2.686   1.445   -4.476  1.00 22.40 ? 179 PHE B CE2 1 
ATOM   1305 C  CZ  . PHE B 1 90 ? 2.445   0.214   -3.862  1.00 23.14 ? 179 PHE B CZ  1 
ATOM   1306 N  N   . CYS B 1 91 ? 7.939   -0.783  -8.242  1.00 26.77 ? 180 CYS B N   1 
ATOM   1307 C  CA  . CYS B 1 91 ? 8.651   -1.169  -9.450  1.00 29.99 ? 180 CYS B CA  1 
ATOM   1308 C  C   . CYS B 1 91 ? 7.786   -2.267  -10.063 1.00 30.99 ? 180 CYS B C   1 
ATOM   1309 O  O   . CYS B 1 91 ? 7.433   -3.248  -9.396  1.00 31.42 ? 180 CYS B O   1 
ATOM   1310 C  CB  . CYS B 1 91 ? 10.056  -1.673  -9.140  1.00 32.84 ? 180 CYS B CB  1 
ATOM   1311 S  SG  . CYS B 1 91 ? 11.226  -0.360  -8.640  1.00 39.88 ? 180 CYS B SG  1 
ATOM   1312 N  N   . VAL B 1 92 ? 7.423   -2.084  -11.327 1.00 30.22 ? 181 VAL B N   1 
ATOM   1313 C  CA  . VAL B 1 92 ? 6.555   -3.024  -12.011 1.00 32.55 ? 181 VAL B CA  1 
ATOM   1314 C  C   . VAL B 1 92 ? 7.318   -3.994  -12.898 1.00 35.00 ? 181 VAL B C   1 
ATOM   1315 O  O   . VAL B 1 92 ? 8.116   -3.593  -13.741 1.00 36.46 ? 181 VAL B O   1 
ATOM   1316 C  CB  . VAL B 1 92 ? 5.504   -2.273  -12.848 1.00 30.52 ? 181 VAL B CB  1 
ATOM   1317 C  CG1 . VAL B 1 92 ? 4.450   -3.238  -13.354 1.00 32.33 ? 181 VAL B CG1 1 
ATOM   1318 C  CG2 . VAL B 1 92 ? 4.871   -1.179  -12.004 1.00 28.99 ? 181 VAL B CG2 1 
ATOM   1319 N  N   . LYS B 1 93 ? 7.066   -5.276  -12.673 1.00 39.12 ? 182 LYS B N   1 
ATOM   1320 C  CA  . LYS B 1 93 ? 7.699   -6.359  -13.413 1.00 45.15 ? 182 LYS B CA  1 
ATOM   1321 C  C   . LYS B 1 93 ? 6.583   -7.291  -13.897 1.00 47.64 ? 182 LYS B C   1 
ATOM   1322 O  O   . LYS B 1 93 ? 5.638   -7.558  -13.154 1.00 46.90 ? 182 LYS B O   1 
ATOM   1323 C  CB  . LYS B 1 93 ? 8.649   -7.115  -12.477 1.00 46.30 ? 182 LYS B CB  1 
ATOM   1324 C  CG  . LYS B 1 93 ? 9.421   -8.270  -13.105 1.00 50.80 ? 182 LYS B CG  1 
ATOM   1325 C  CD  . LYS B 1 93 ? 10.450  -7.789  -14.117 1.00 52.95 ? 182 LYS B CD  1 
ATOM   1326 C  CE  . LYS B 1 93 ? 11.433  -8.899  -14.463 1.00 54.41 ? 182 LYS B CE  1 
ATOM   1327 N  NZ  . LYS B 1 93 ? 12.185  -9.340  -13.251 1.00 55.85 ? 182 LYS B NZ  1 
ATOM   1328 N  N   . THR B 1 94 ? 6.684   -7.780  -15.132 1.00 51.19 ? 183 THR B N   1 
ATOM   1329 C  CA  . THR B 1 94 ? 5.664   -8.679  -15.676 1.00 56.03 ? 183 THR B CA  1 
ATOM   1330 C  C   . THR B 1 94 ? 5.569   -10.004 -14.916 1.00 58.51 ? 183 THR B C   1 
ATOM   1331 O  O   . THR B 1 94 ? 4.491   -10.585 -14.815 1.00 59.66 ? 183 THR B O   1 
ATOM   1332 C  CB  . THR B 1 94 ? 5.919   -9.002  -17.155 1.00 56.06 ? 183 THR B CB  1 
ATOM   1333 O  OG1 . THR B 1 94 ? 7.187   -9.654  -17.286 1.00 57.83 ? 183 THR B OG1 1 
ATOM   1334 C  CG2 . THR B 1 94 ? 5.906   -7.730  -17.985 1.00 56.06 ? 183 THR B CG2 1 
HETATM 1335 N  N   . MSE B 1 95 ? 6.691   -10.490 -14.391 1.00 61.19 ? 184 MSE B N   1 
HETATM 1336 C  CA  . MSE B 1 95 ? 6.680   -11.741 -13.633 1.00 64.36 ? 184 MSE B CA  1 
HETATM 1337 C  C   . MSE B 1 95 ? 6.153   -12.943 -14.423 1.00 64.81 ? 184 MSE B C   1 
HETATM 1338 O  O   . MSE B 1 95 ? 6.948   -13.874 -14.682 1.00 64.99 ? 184 MSE B O   1 
HETATM 1339 C  CB  . MSE B 1 95 ? 5.833   -11.572 -12.369 1.00 66.67 ? 184 MSE B CB  1 
HETATM 1340 C  CG  . MSE B 1 95 ? 5.413   -12.884 -11.743 1.00 69.66 ? 184 MSE B CG  1 
HETATM 1341 SE SE  . MSE B 1 95 ? 4.407   -12.667 -10.285 0.80 75.50 ? 184 MSE B SE  1 
HETATM 1342 C  CE  . MSE B 1 95 ? 5.636   -12.886 -9.016  0.80 73.04 ? 184 MSE B CE  1 
HETATM 1343 O  O   . HOH C 2 .  ? -0.996  -1.872  16.333  1.00 29.59 ? 2   HOH A O   1 
HETATM 1344 O  O   . HOH C 2 .  ? -4.873  -1.196  9.055   1.00 20.20 ? 3   HOH A O   1 
HETATM 1345 O  O   . HOH C 2 .  ? 5.416   -5.071  -2.217  1.00 26.87 ? 4   HOH A O   1 
HETATM 1346 O  O   . HOH C 2 .  ? -10.330 -5.351  14.532  1.00 28.05 ? 6   HOH A O   1 
HETATM 1347 O  O   . HOH C 2 .  ? -3.617  -9.531  10.493  1.00 38.26 ? 7   HOH A O   1 
HETATM 1348 O  O   . HOH C 2 .  ? -2.614  -8.768  -5.010  1.00 32.76 ? 9   HOH A O   1 
HETATM 1349 O  O   . HOH C 2 .  ? -12.374 -4.656  13.432  1.00 37.41 ? 17  HOH A O   1 
HETATM 1350 O  O   . HOH C 2 .  ? -0.770  -8.505  17.220  1.00 35.02 ? 18  HOH A O   1 
HETATM 1351 O  O   . HOH C 2 .  ? 0.817   -1.399  19.505  1.00 39.65 ? 22  HOH A O   1 
HETATM 1352 O  O   . HOH C 2 .  ? -14.065 -6.552  14.092  1.00 45.60 ? 23  HOH A O   1 
HETATM 1353 O  O   . HOH C 2 .  ? 6.063   -14.185 8.650   1.00 55.54 ? 26  HOH A O   1 
HETATM 1354 O  O   . HOH C 2 .  ? -11.318 -8.296  -3.569  1.00 42.86 ? 27  HOH A O   1 
HETATM 1355 O  O   . HOH C 2 .  ? -10.397 -3.912  -3.591  1.00 50.14 ? 28  HOH A O   1 
HETATM 1356 O  O   . HOH C 2 .  ? -13.064 -4.436  3.051   1.00 56.03 ? 29  HOH A O   1 
HETATM 1357 O  O   . HOH C 2 .  ? 1.452   13.333  27.231  1.00 39.92 ? 30  HOH A O   1 
HETATM 1358 O  O   . HOH C 2 .  ? 7.282   -13.528 6.521   1.00 43.93 ? 34  HOH A O   1 
HETATM 1359 O  O   . HOH C 2 .  ? 9.661   -6.108  4.578   1.00 40.33 ? 38  HOH A O   1 
HETATM 1360 O  O   . HOH D 2 .  ? 5.302   4.095   -7.912  1.00 22.34 ? 1   HOH B O   1 
HETATM 1361 O  O   . HOH D 2 .  ? -7.288  -3.165  -1.488  1.00 24.43 ? 5   HOH B O   1 
HETATM 1362 O  O   . HOH D 2 .  ? 15.645  5.007   -15.266 1.00 32.96 ? 8   HOH B O   1 
HETATM 1363 O  O   . HOH D 2 .  ? 12.654  14.087  -6.967  1.00 34.28 ? 10  HOH B O   1 
HETATM 1364 O  O   . HOH D 2 .  ? 0.254   11.985  -11.833 1.00 33.10 ? 11  HOH B O   1 
HETATM 1365 O  O   . HOH D 2 .  ? 1.909   0.934   -14.776 1.00 29.14 ? 12  HOH B O   1 
HETATM 1366 O  O   . HOH D 2 .  ? 10.039  4.095   -15.357 1.00 27.45 ? 13  HOH B O   1 
HETATM 1367 O  O   . HOH D 2 .  ? 14.722  13.891  -9.226  1.00 44.57 ? 14  HOH B O   1 
HETATM 1368 O  O   . HOH D 2 .  ? 15.973  -9.184  -16.581 1.00 53.18 ? 15  HOH B O   1 
HETATM 1369 O  O   . HOH D 2 .  ? 5.206   8.322   -1.385  1.00 32.39 ? 16  HOH B O   1 
HETATM 1370 O  O   . HOH D 2 .  ? 7.495   -10.856 -5.118  1.00 43.79 ? 19  HOH B O   1 
HETATM 1371 O  O   . HOH D 2 .  ? 16.928  9.778   -3.671  1.00 32.40 ? 20  HOH B O   1 
HETATM 1372 O  O   . HOH D 2 .  ? 10.552  6.972   -16.705 1.00 33.88 ? 21  HOH B O   1 
HETATM 1373 O  O   . HOH D 2 .  ? 0.594   1.660   -0.530  1.00 37.94 ? 24  HOH B O   1 
HETATM 1374 O  O   . HOH D 2 .  ? 13.322  6.230   3.405   1.00 40.87 ? 25  HOH B O   1 
HETATM 1375 O  O   . HOH D 2 .  ? -10.072 -2.609  -10.429 1.00 41.00 ? 31  HOH B O   1 
HETATM 1376 O  O   . HOH D 2 .  ? 12.217  3.326   -14.196 1.00 42.52 ? 32  HOH B O   1 
HETATM 1377 O  O   . HOH D 2 .  ? 5.237   18.751  -12.804 1.00 56.14 ? 33  HOH B O   1 
HETATM 1378 O  O   . HOH D 2 .  ? 2.379   10.274  -12.627 1.00 31.81 ? 35  HOH B O   1 
HETATM 1379 O  O   . HOH D 2 .  ? 4.958   3.585   -16.970 1.00 40.58 ? 36  HOH B O   1 
HETATM 1380 O  O   . HOH D 2 .  ? 12.992  1.700   -16.387 1.00 42.39 ? 37  HOH B O   1 
HETATM 1381 O  O   . HOH D 2 .  ? 8.015   -13.667 1.502   1.00 40.54 ? 39  HOH B O   1 
HETATM 1382 O  O   . HOH D 2 .  ? 7.201   -12.285 -18.987 1.00 52.46 ? 40  HOH B O   1 
HETATM 1383 O  O   . HOH D 2 .  ? 11.161  -1.736  0.550   1.00 39.72 ? 41  HOH B O   1 
HETATM 1384 O  O   . HOH D 2 .  ? -8.282  16.046  -18.511 1.00 52.17 ? 42  HOH B O   1 
# 
